data_8PXT
#
_entry.id   8PXT
#
_cell.length_a   92.230
_cell.length_b   169.060
_cell.length_c   171.970
_cell.angle_alpha   90.000
_cell.angle_beta   90.000
_cell.angle_gamma   90.000
#
_symmetry.space_group_name_H-M   'P 21 21 21'
#
loop_
_entity.id
_entity.type
_entity.pdbx_description
1 polymer Beta-N-acetylhexosaminidase
2 non-polymer 2-acetamido-2-deoxy-beta-D-galactopyranose
3 non-polymer 'SODIUM ION'
4 non-polymer 'CHLORIDE ION'
5 water water
#
_entity_poly.entity_id   1
_entity_poly.type   'polypeptide(L)'
_entity_poly.pdbx_seq_one_letter_code
;MQEQIIPKPAEITLFTGSPARLTPDSLIITETQDKAFLDQAGQLQQMLSAGTGLPLPLKPAGQASKKAACIVIKKDPALA
ARGEEAYSIQSSPSGIILSAADARGIFYAGQSLVQMMPSVFHDRTGDKSAVRWNISETPFRITDYPRFSWRALMIDEARH
FFGEKTIKQIIDQMALLKMNILHWHLTDDTGWRIEIKKYPRLTSIGSKRRESEIGTWNSGKSDGTPHEGFYTQEQIRDIV
QYAARRNITIVPEIEMPGHASAAAVAYPFLSLKTPGEVPTTFIVNTAFDPTSEKTYAFLSDVLDEVTAIFPGRIIHIGGD
AVRYDKQWKGVPEIEEFMKKNGMKSYADVQMHFTNRMSGIIAQKGRRMMGWNEIYGHDVNGDGGGKAGAKLDTNAVIQFW
KGNTSLAKNAIRDGHDVINSLHTSTYLDYSYGSIPLQKAYGFEPVFPGLEKQYHSRVKGLGAQVWTEWISTPERLHYQAF
PRACAFAEVGWTPAGKKDFPDFKKRLKAYSERMDLMGIKFARNVISQIDKSDFFNTPRIGTWTPATLTREEHSFDVTKLV
KASGKHTVTLLYDKGAHAIEIESVALYENSREVSRDAHAGRSGAHKENIQYILNAPAPRQGATYTVKANFKGAGGRDSHG
TVYFETPLEHHHHHH
;
_entity_poly.pdbx_strand_id   A,B,C
#
# COMPACT_ATOMS: atom_id res chain seq x y z
N GLN A 2 -5.98 -16.78 -3.57
CA GLN A 2 -6.43 -18.16 -3.56
C GLN A 2 -6.81 -18.62 -4.97
N GLU A 3 -8.10 -18.86 -5.22
CA GLU A 3 -8.57 -19.30 -6.53
C GLU A 3 -9.11 -18.09 -7.27
N GLN A 4 -8.52 -17.79 -8.43
CA GLN A 4 -8.80 -16.54 -9.14
C GLN A 4 -9.18 -16.71 -10.60
N ILE A 5 -9.29 -17.94 -11.11
CA ILE A 5 -9.58 -18.13 -12.52
C ILE A 5 -10.99 -17.67 -12.83
N ILE A 6 -11.14 -16.94 -13.93
CA ILE A 6 -12.44 -16.68 -14.55
C ILE A 6 -12.39 -17.32 -15.93
N PRO A 7 -13.32 -18.23 -16.28
CA PRO A 7 -14.43 -18.82 -15.51
C PRO A 7 -13.98 -19.72 -14.37
N LYS A 8 -14.76 -19.78 -13.30
CA LYS A 8 -14.47 -20.74 -12.24
C LYS A 8 -14.57 -22.16 -12.80
N PRO A 9 -13.55 -23.00 -12.61
CA PRO A 9 -13.59 -24.33 -13.22
C PRO A 9 -14.54 -25.27 -12.50
N ALA A 10 -14.82 -26.40 -13.17
CA ALA A 10 -15.88 -27.29 -12.74
C ALA A 10 -15.52 -28.00 -11.43
N GLU A 11 -14.32 -28.56 -11.35
CA GLU A 11 -13.92 -29.41 -10.23
C GLU A 11 -12.53 -29.00 -9.77
N ILE A 12 -12.40 -28.65 -8.49
CA ILE A 12 -11.13 -28.21 -7.92
C ILE A 12 -10.91 -28.97 -6.63
N THR A 13 -9.71 -29.55 -6.48
CA THR A 13 -9.29 -30.21 -5.25
C THR A 13 -7.99 -29.58 -4.79
N LEU A 14 -8.01 -28.98 -3.61
CA LEU A 14 -6.84 -28.33 -3.06
C LEU A 14 -6.14 -29.25 -2.08
N PHE A 15 -4.81 -29.23 -2.11
CA PHE A 15 -3.97 -29.99 -1.19
C PHE A 15 -3.10 -29.02 -0.41
N THR A 16 -2.56 -29.52 0.70
CA THR A 16 -1.72 -28.71 1.56
C THR A 16 -0.26 -28.87 1.18
N GLY A 17 0.49 -27.78 1.32
CA GLY A 17 1.90 -27.74 0.97
C GLY A 17 2.21 -26.51 0.15
N SER A 18 3.43 -26.49 -0.41
CA SER A 18 3.86 -25.37 -1.22
C SER A 18 3.51 -25.59 -2.69
N PRO A 19 3.31 -24.53 -3.47
CA PRO A 19 2.87 -24.68 -4.85
C PRO A 19 4.04 -24.89 -5.80
N ALA A 20 3.70 -25.31 -7.02
CA ALA A 20 4.68 -25.41 -8.09
C ALA A 20 5.17 -24.02 -8.48
N ARG A 21 6.42 -23.94 -8.93
CA ARG A 21 6.99 -22.68 -9.40
C ARG A 21 7.84 -22.94 -10.63
N LEU A 22 7.54 -22.23 -11.72
CA LEU A 22 8.39 -22.26 -12.91
C LEU A 22 9.66 -21.47 -12.64
N THR A 23 10.78 -22.00 -13.10
CA THR A 23 12.10 -21.39 -12.93
C THR A 23 12.82 -21.34 -14.27
N PRO A 24 13.98 -20.68 -14.32
CA PRO A 24 14.79 -20.71 -15.55
C PRO A 24 15.21 -22.12 -15.96
N ASP A 25 15.13 -23.10 -15.06
CA ASP A 25 15.46 -24.47 -15.38
C ASP A 25 14.26 -25.30 -15.80
N SER A 26 13.05 -24.74 -15.74
CA SER A 26 11.86 -25.52 -16.06
C SER A 26 11.78 -25.80 -17.56
N LEU A 27 11.30 -27.00 -17.90
CA LEU A 27 11.10 -27.41 -19.28
C LEU A 27 9.63 -27.70 -19.52
N ILE A 28 9.24 -27.69 -20.79
CA ILE A 28 7.91 -28.13 -21.21
C ILE A 28 8.11 -29.47 -21.91
N ILE A 29 7.63 -30.54 -21.28
CA ILE A 29 7.78 -31.90 -21.79
C ILE A 29 6.47 -32.32 -22.44
N THR A 30 6.56 -32.88 -23.65
CA THR A 30 5.41 -33.42 -24.37
C THR A 30 5.52 -34.93 -24.33
N GLU A 31 4.60 -35.57 -23.60
CA GLU A 31 4.54 -37.02 -23.49
C GLU A 31 3.50 -37.61 -24.44
N THR A 32 3.45 -37.11 -25.67
CA THR A 32 2.55 -37.63 -26.69
C THR A 32 3.11 -37.30 -28.06
N GLN A 33 2.69 -38.07 -29.06
CA GLN A 33 3.16 -37.88 -30.42
C GLN A 33 2.13 -37.20 -31.32
N ASP A 34 0.85 -37.21 -30.94
CA ASP A 34 -0.17 -36.47 -31.67
C ASP A 34 0.33 -35.05 -31.94
N LYS A 35 0.43 -34.70 -33.23
CA LYS A 35 1.05 -33.42 -33.57
C LYS A 35 0.15 -32.24 -33.24
N ALA A 36 -1.17 -32.44 -33.25
CA ALA A 36 -2.07 -31.40 -32.76
C ALA A 36 -1.68 -31.00 -31.34
N PHE A 37 -1.28 -31.97 -30.52
CA PHE A 37 -0.80 -31.65 -29.18
C PHE A 37 0.58 -31.00 -29.23
N LEU A 38 1.39 -31.33 -30.22
CA LEU A 38 2.70 -30.71 -30.35
C LEU A 38 2.58 -29.26 -30.80
N ASP A 39 1.68 -28.97 -31.74
CA ASP A 39 1.44 -27.60 -32.15
C ASP A 39 0.97 -26.75 -30.97
N GLN A 40 0.01 -27.28 -30.20
CA GLN A 40 -0.43 -26.57 -29.00
C GLN A 40 0.73 -26.37 -28.03
N ALA A 41 1.58 -27.40 -27.85
CA ALA A 41 2.72 -27.26 -26.95
C ALA A 41 3.64 -26.14 -27.39
N GLY A 42 3.91 -26.04 -28.69
CA GLY A 42 4.77 -24.98 -29.18
C GLY A 42 4.16 -23.60 -28.97
N GLN A 43 2.87 -23.46 -29.32
CA GLN A 43 2.17 -22.22 -29.05
C GLN A 43 2.14 -21.91 -27.55
N LEU A 44 2.04 -22.94 -26.72
CA LEU A 44 2.07 -22.73 -25.27
C LEU A 44 3.44 -22.26 -24.81
N GLN A 45 4.50 -22.79 -25.44
CA GLN A 45 5.85 -22.38 -25.07
C GLN A 45 6.09 -20.92 -25.41
N GLN A 46 5.74 -20.52 -26.63
CA GLN A 46 5.91 -19.12 -27.03
C GLN A 46 5.18 -18.18 -26.07
N MET A 47 3.91 -18.46 -25.78
CA MET A 47 3.15 -17.58 -24.89
C MET A 47 3.81 -17.48 -23.52
N LEU A 48 4.02 -18.63 -22.87
CA LEU A 48 4.52 -18.61 -21.49
C LEU A 48 5.91 -17.98 -21.41
N SER A 49 6.75 -18.20 -22.42
CA SER A 49 8.09 -17.62 -22.40
C SER A 49 8.03 -16.10 -22.56
N ALA A 50 7.16 -15.61 -23.45
CA ALA A 50 7.05 -14.18 -23.66
C ALA A 50 6.59 -13.47 -22.39
N GLY A 51 5.61 -14.04 -21.68
CA GLY A 51 5.05 -13.38 -20.53
C GLY A 51 5.90 -13.47 -19.28
N THR A 52 6.61 -14.59 -19.10
CA THR A 52 7.42 -14.78 -17.90
C THR A 52 8.87 -14.35 -18.10
N GLY A 53 9.39 -14.43 -19.32
CA GLY A 53 10.80 -14.26 -19.56
C GLY A 53 11.60 -15.53 -19.41
N LEU A 54 11.03 -16.57 -18.82
CA LEU A 54 11.72 -17.84 -18.67
C LEU A 54 11.91 -18.50 -20.04
N PRO A 55 13.01 -19.22 -20.24
CA PRO A 55 13.22 -19.86 -21.55
C PRO A 55 12.22 -20.96 -21.84
N LEU A 56 11.95 -21.85 -20.88
CA LEU A 56 10.96 -22.92 -20.99
C LEU A 56 11.06 -23.61 -22.37
N PRO A 57 12.22 -24.21 -22.68
CA PRO A 57 12.36 -24.86 -23.99
C PRO A 57 11.61 -26.18 -24.05
N LEU A 58 11.22 -26.55 -25.27
CA LEU A 58 10.47 -27.76 -25.53
C LEU A 58 11.41 -28.95 -25.70
N LYS A 59 11.15 -30.02 -24.94
CA LYS A 59 11.94 -31.24 -25.01
C LYS A 59 11.06 -32.41 -24.61
N PRO A 60 11.12 -33.55 -25.31
CA PRO A 60 10.57 -34.79 -24.74
C PRO A 60 11.55 -35.52 -23.83
N ALA A 61 12.78 -35.02 -23.71
CA ALA A 61 13.80 -35.65 -22.88
C ALA A 61 14.09 -34.80 -21.65
N GLY A 62 15.36 -34.67 -21.28
CA GLY A 62 15.73 -33.98 -20.06
C GLY A 62 15.12 -34.63 -18.83
N GLN A 63 14.55 -35.82 -19.00
CA GLN A 63 13.76 -36.46 -17.95
C GLN A 63 12.71 -35.46 -17.49
N ALA A 64 12.38 -35.43 -16.21
CA ALA A 64 11.52 -34.39 -15.64
C ALA A 64 12.34 -33.50 -14.71
N SER A 65 13.58 -33.24 -15.10
CA SER A 65 14.60 -32.71 -14.19
C SER A 65 14.48 -33.43 -12.85
N LYS A 66 14.59 -32.69 -11.75
CA LYS A 66 14.29 -33.25 -10.43
C LYS A 66 13.51 -32.22 -9.63
N LYS A 67 14.20 -31.31 -8.97
CA LYS A 67 13.56 -30.22 -8.23
C LYS A 67 13.42 -28.98 -9.09
N ALA A 68 12.97 -29.17 -10.34
CA ALA A 68 12.71 -28.09 -11.28
C ALA A 68 11.36 -28.42 -11.94
N ALA A 69 10.28 -28.01 -11.29
CA ALA A 69 8.94 -28.33 -11.79
C ALA A 69 8.81 -28.00 -13.27
N CYS A 70 8.52 -29.03 -14.06
CA CYS A 70 8.33 -28.89 -15.50
C CYS A 70 6.85 -28.92 -15.85
N ILE A 71 6.57 -28.62 -17.11
CA ILE A 71 5.22 -28.66 -17.66
C ILE A 71 5.13 -29.89 -18.56
N VAL A 72 4.28 -30.84 -18.17
CA VAL A 72 4.08 -32.08 -18.93
C VAL A 72 2.72 -32.00 -19.63
N ILE A 73 2.74 -32.22 -20.94
CA ILE A 73 1.52 -32.22 -21.75
C ILE A 73 1.20 -33.66 -22.10
N LYS A 74 -0.01 -34.10 -21.74
CA LYS A 74 -0.43 -35.48 -21.91
C LYS A 74 -1.74 -35.57 -22.67
N LYS A 75 -1.96 -36.72 -23.27
CA LYS A 75 -3.20 -37.04 -23.98
C LYS A 75 -3.93 -38.10 -23.16
N ASP A 76 -4.97 -37.68 -22.44
CA ASP A 76 -5.72 -38.55 -21.55
C ASP A 76 -7.08 -38.85 -22.17
N PRO A 77 -7.31 -40.06 -22.69
CA PRO A 77 -8.62 -40.37 -23.30
C PRO A 77 -9.79 -40.30 -22.32
N ALA A 78 -9.55 -40.47 -21.02
CA ALA A 78 -10.66 -40.55 -20.07
C ALA A 78 -11.45 -39.25 -19.99
N LEU A 79 -10.90 -38.13 -20.47
CA LEU A 79 -11.59 -36.86 -20.43
C LEU A 79 -12.53 -36.66 -21.61
N ALA A 80 -12.56 -37.58 -22.57
CA ALA A 80 -13.31 -37.36 -23.80
C ALA A 80 -14.81 -37.31 -23.54
N ALA A 81 -15.30 -38.02 -22.53
CA ALA A 81 -16.71 -37.91 -22.17
C ALA A 81 -17.11 -36.48 -21.86
N ARG A 82 -16.15 -35.64 -21.48
CA ARG A 82 -16.41 -34.25 -21.11
C ARG A 82 -16.26 -33.28 -22.27
N GLY A 83 -16.01 -33.77 -23.48
CA GLY A 83 -15.96 -32.93 -24.66
C GLY A 83 -14.53 -32.54 -25.04
N GLU A 84 -14.43 -31.95 -26.23
CA GLU A 84 -13.13 -31.61 -26.79
C GLU A 84 -12.48 -30.41 -26.12
N GLU A 85 -13.20 -29.68 -25.27
CA GLU A 85 -12.64 -28.52 -24.58
C GLU A 85 -12.21 -28.85 -23.16
N ALA A 86 -12.40 -30.08 -22.71
CA ALA A 86 -12.07 -30.46 -21.34
C ALA A 86 -10.57 -30.68 -21.17
N TYR A 87 -10.11 -30.49 -19.95
CA TYR A 87 -8.70 -30.64 -19.62
C TYR A 87 -8.59 -30.88 -18.13
N SER A 88 -7.42 -31.37 -17.71
CA SER A 88 -7.10 -31.47 -16.29
C SER A 88 -5.74 -30.86 -16.04
N ILE A 89 -5.54 -30.37 -14.82
CA ILE A 89 -4.27 -29.83 -14.37
C ILE A 89 -3.92 -30.44 -13.02
N GLN A 90 -2.74 -31.03 -12.93
CA GLN A 90 -2.18 -31.52 -11.68
C GLN A 90 -0.90 -30.73 -11.41
N SER A 91 -0.92 -29.92 -10.36
CA SER A 91 0.16 -28.98 -10.06
C SER A 91 0.73 -29.29 -8.69
N SER A 92 2.02 -29.57 -8.65
CA SER A 92 2.75 -29.72 -7.39
C SER A 92 4.21 -29.40 -7.68
N PRO A 93 5.02 -29.19 -6.64
CA PRO A 93 6.44 -28.93 -6.88
C PRO A 93 7.10 -29.96 -7.79
N SER A 94 6.62 -31.19 -7.80
CA SER A 94 7.22 -32.21 -8.65
C SER A 94 6.93 -31.95 -10.13
N GLY A 95 5.72 -31.50 -10.45
CA GLY A 95 5.40 -31.27 -11.84
C GLY A 95 4.10 -30.52 -12.01
N ILE A 96 3.85 -30.12 -13.26
CA ILE A 96 2.62 -29.45 -13.67
C ILE A 96 2.14 -30.21 -14.91
N ILE A 97 1.13 -31.06 -14.74
CA ILE A 97 0.68 -31.96 -15.79
C ILE A 97 -0.59 -31.39 -16.41
N LEU A 98 -0.54 -31.16 -17.72
CA LEU A 98 -1.68 -30.68 -18.49
C LEU A 98 -2.15 -31.80 -19.40
N SER A 99 -3.41 -32.20 -19.26
CA SER A 99 -3.96 -33.32 -20.00
C SER A 99 -5.26 -32.92 -20.67
N ALA A 100 -5.53 -33.56 -21.81
CA ALA A 100 -6.76 -33.33 -22.54
C ALA A 100 -6.97 -34.47 -23.52
N ALA A 101 -8.24 -34.75 -23.82
CA ALA A 101 -8.55 -35.73 -24.86
C ALA A 101 -8.35 -35.14 -26.25
N ASP A 102 -8.59 -33.85 -26.42
CA ASP A 102 -8.40 -33.14 -27.68
C ASP A 102 -7.42 -32.00 -27.47
N ALA A 103 -6.70 -31.65 -28.54
CA ALA A 103 -5.66 -30.62 -28.41
C ALA A 103 -6.22 -29.30 -27.91
N ARG A 104 -7.50 -29.02 -28.17
CA ARG A 104 -8.07 -27.75 -27.74
C ARG A 104 -8.09 -27.65 -26.22
N GLY A 105 -8.22 -28.78 -25.51
CA GLY A 105 -8.16 -28.74 -24.07
C GLY A 105 -6.86 -28.18 -23.55
N ILE A 106 -5.76 -28.46 -24.25
CA ILE A 106 -4.45 -27.99 -23.79
C ILE A 106 -4.39 -26.46 -23.83
N PHE A 107 -4.96 -25.85 -24.86
CA PHE A 107 -4.95 -24.40 -24.93
C PHE A 107 -5.67 -23.80 -23.73
N TYR A 108 -6.84 -24.35 -23.39
CA TYR A 108 -7.58 -23.82 -22.24
C TYR A 108 -6.86 -24.10 -20.94
N ALA A 109 -6.13 -25.22 -20.85
CA ALA A 109 -5.28 -25.46 -19.70
C ALA A 109 -4.23 -24.36 -19.57
N GLY A 110 -3.63 -23.97 -20.69
CA GLY A 110 -2.66 -22.88 -20.65
C GLY A 110 -3.26 -21.58 -20.14
N GLN A 111 -4.48 -21.26 -20.58
CA GLN A 111 -5.11 -20.03 -20.13
C GLN A 111 -5.39 -20.07 -18.63
N SER A 112 -5.81 -21.23 -18.12
CA SER A 112 -5.96 -21.39 -16.67
C SER A 112 -4.62 -21.23 -15.97
N LEU A 113 -3.55 -21.76 -16.56
CA LEU A 113 -2.21 -21.61 -15.99
C LEU A 113 -1.84 -20.14 -15.86
N VAL A 114 -2.03 -19.37 -16.92
CA VAL A 114 -1.71 -17.94 -16.87
C VAL A 114 -2.49 -17.26 -15.75
N GLN A 115 -3.78 -17.59 -15.61
CA GLN A 115 -4.61 -16.89 -14.63
C GLN A 115 -4.29 -17.29 -13.20
N MET A 116 -3.54 -18.37 -12.99
CA MET A 116 -3.07 -18.71 -11.65
C MET A 116 -1.68 -18.16 -11.35
N MET A 117 -1.02 -17.55 -12.33
CA MET A 117 0.27 -16.93 -12.15
C MET A 117 0.12 -15.44 -11.85
N PRO A 118 1.18 -14.77 -11.42
CA PRO A 118 1.07 -13.34 -11.10
C PRO A 118 0.64 -12.52 -12.31
N SER A 119 -0.24 -11.54 -12.05
CA SER A 119 -0.78 -10.73 -13.13
C SER A 119 0.31 -10.01 -13.92
N VAL A 120 1.47 -9.77 -13.32
CA VAL A 120 2.54 -9.08 -14.04
C VAL A 120 2.95 -9.81 -15.31
N PHE A 121 2.54 -11.08 -15.45
CA PHE A 121 2.73 -11.84 -16.68
C PHE A 121 2.39 -11.01 -17.92
N HIS A 122 1.35 -10.16 -17.82
CA HIS A 122 0.88 -9.39 -18.95
C HIS A 122 1.61 -8.08 -19.15
N ASP A 123 2.52 -7.70 -18.25
CA ASP A 123 3.19 -6.42 -18.35
C ASP A 123 4.15 -6.42 -19.53
N ARG A 124 4.03 -5.41 -20.39
CA ARG A 124 4.94 -5.24 -21.50
C ARG A 124 6.27 -4.61 -21.08
N THR A 125 6.42 -4.24 -19.82
CA THR A 125 7.63 -3.59 -19.33
C THR A 125 8.06 -4.20 -18.01
N GLY A 126 9.29 -3.92 -17.62
CA GLY A 126 9.74 -4.14 -16.26
C GLY A 126 10.59 -5.38 -16.09
N ASP A 127 11.32 -5.41 -14.97
CA ASP A 127 12.16 -6.54 -14.60
C ASP A 127 11.29 -7.69 -14.11
N LYS A 128 11.14 -8.73 -14.93
CA LYS A 128 10.41 -9.93 -14.53
C LYS A 128 11.33 -11.03 -14.05
N SER A 129 12.65 -10.83 -14.11
CA SER A 129 13.59 -11.83 -13.63
C SER A 129 13.51 -12.05 -12.12
N ALA A 130 12.76 -11.22 -11.41
CA ALA A 130 12.61 -11.35 -9.96
C ALA A 130 11.28 -11.95 -9.54
N VAL A 131 10.34 -12.14 -10.47
CA VAL A 131 9.02 -12.64 -10.11
C VAL A 131 9.10 -14.09 -9.67
N ARG A 132 8.33 -14.43 -8.64
CA ARG A 132 8.10 -15.81 -8.25
C ARG A 132 6.92 -16.34 -9.07
N TRP A 133 7.20 -17.20 -10.04
CA TRP A 133 6.16 -17.69 -10.96
C TRP A 133 5.44 -18.89 -10.36
N ASN A 134 4.83 -18.66 -9.21
CA ASN A 134 4.08 -19.68 -8.50
C ASN A 134 2.73 -19.92 -9.17
N ILE A 135 2.33 -21.19 -9.26
CA ILE A 135 1.03 -21.57 -9.79
C ILE A 135 0.09 -21.69 -8.60
N SER A 136 -0.73 -20.66 -8.38
CA SER A 136 -1.59 -20.60 -7.21
C SER A 136 -0.75 -20.69 -5.94
N GLU A 137 -1.39 -20.97 -4.80
CA GLU A 137 -0.71 -20.94 -3.51
C GLU A 137 -0.44 -22.31 -2.92
N THR A 138 -0.95 -23.40 -3.54
CA THR A 138 -0.72 -24.74 -3.03
C THR A 138 -0.66 -25.73 -4.21
N PRO A 139 -0.46 -27.02 -3.95
CA PRO A 139 -0.73 -28.02 -4.99
C PRO A 139 -2.22 -28.24 -5.16
N PHE A 140 -2.60 -28.73 -6.34
CA PHE A 140 -4.02 -28.84 -6.66
C PHE A 140 -4.24 -29.78 -7.83
N ARG A 141 -5.51 -30.17 -7.99
CA ARG A 141 -5.99 -30.95 -9.12
C ARG A 141 -7.22 -30.24 -9.68
N ILE A 142 -7.18 -29.91 -10.97
CA ILE A 142 -8.31 -29.31 -11.66
C ILE A 142 -8.76 -30.26 -12.77
N THR A 143 -10.05 -30.58 -12.77
CA THR A 143 -10.72 -31.19 -13.91
C THR A 143 -11.78 -30.21 -14.38
N ASP A 144 -11.75 -29.84 -15.65
CA ASP A 144 -12.52 -28.70 -16.10
C ASP A 144 -13.09 -28.95 -17.49
N TYR A 145 -14.22 -28.30 -17.77
CA TYR A 145 -15.01 -28.52 -18.97
C TYR A 145 -16.16 -27.52 -18.97
N PRO A 146 -16.65 -27.12 -20.13
CA PRO A 146 -17.69 -26.09 -20.18
C PRO A 146 -19.09 -26.64 -19.95
N ARG A 147 -19.90 -25.87 -19.23
CA ARG A 147 -21.32 -26.19 -19.12
C ARG A 147 -21.99 -26.12 -20.49
N PHE A 148 -21.74 -25.05 -21.22
CA PHE A 148 -22.33 -24.81 -22.53
C PHE A 148 -21.26 -24.85 -23.61
N SER A 149 -21.60 -25.44 -24.75
CA SER A 149 -20.66 -25.53 -25.86
C SER A 149 -20.64 -24.28 -26.72
N TRP A 150 -21.61 -23.39 -26.58
CA TRP A 150 -21.71 -22.16 -27.38
C TRP A 150 -21.59 -20.97 -26.43
N ARG A 151 -20.42 -20.35 -26.40
CA ARG A 151 -20.11 -19.22 -25.53
C ARG A 151 -19.63 -18.08 -26.42
N ALA A 152 -20.57 -17.23 -26.85
CA ALA A 152 -20.37 -16.34 -27.97
C ALA A 152 -20.32 -14.87 -27.55
N LEU A 153 -19.45 -14.11 -28.23
CA LEU A 153 -19.46 -12.66 -28.18
C LEU A 153 -19.62 -12.14 -29.60
N MET A 154 -20.58 -11.25 -29.80
CA MET A 154 -20.83 -10.67 -31.12
C MET A 154 -20.26 -9.26 -31.17
N ILE A 155 -19.52 -8.96 -32.24
CA ILE A 155 -19.02 -7.62 -32.49
C ILE A 155 -19.69 -7.09 -33.75
N ASP A 156 -20.38 -5.96 -33.62
CA ASP A 156 -20.99 -5.27 -34.74
C ASP A 156 -19.95 -4.31 -35.33
N GLU A 157 -19.41 -4.66 -36.49
CA GLU A 157 -18.54 -3.77 -37.24
C GLU A 157 -19.25 -3.11 -38.42
N ALA A 158 -20.55 -3.35 -38.58
CA ALA A 158 -21.31 -2.71 -39.64
C ALA A 158 -21.69 -1.27 -39.26
N ARG A 159 -22.16 -1.07 -38.04
CA ARG A 159 -22.56 0.26 -37.60
C ARG A 159 -21.34 1.18 -37.48
N HIS A 160 -20.26 0.68 -36.87
CA HIS A 160 -18.95 1.32 -36.92
C HIS A 160 -17.91 0.24 -37.14
N PHE A 161 -16.97 0.52 -38.04
CA PHE A 161 -15.89 -0.41 -38.36
C PHE A 161 -14.71 -0.16 -37.43
N PHE A 162 -14.06 -1.24 -37.01
CA PHE A 162 -12.95 -1.16 -36.06
C PHE A 162 -11.64 -1.71 -36.61
N GLY A 163 -11.68 -2.83 -37.32
CA GLY A 163 -10.51 -3.31 -38.04
C GLY A 163 -9.78 -4.43 -37.32
N GLU A 164 -8.71 -4.88 -37.98
CA GLU A 164 -8.03 -6.12 -37.60
C GLU A 164 -7.37 -6.00 -36.24
N LYS A 165 -6.67 -4.90 -35.99
CA LYS A 165 -5.98 -4.76 -34.71
C LYS A 165 -6.96 -4.84 -33.54
N THR A 166 -8.11 -4.19 -33.67
CA THR A 166 -9.07 -4.14 -32.57
C THR A 166 -9.72 -5.50 -32.35
N ILE A 167 -10.06 -6.22 -33.43
CA ILE A 167 -10.77 -7.48 -33.26
C ILE A 167 -9.81 -8.58 -32.78
N LYS A 168 -8.53 -8.51 -33.15
CA LYS A 168 -7.57 -9.44 -32.59
C LYS A 168 -7.41 -9.22 -31.09
N GLN A 169 -7.45 -7.96 -30.65
CA GLN A 169 -7.40 -7.66 -29.23
C GLN A 169 -8.64 -8.16 -28.51
N ILE A 170 -9.80 -8.10 -29.16
CA ILE A 170 -11.01 -8.67 -28.57
C ILE A 170 -10.91 -10.19 -28.51
N ILE A 171 -10.39 -10.81 -29.58
CA ILE A 171 -10.21 -12.25 -29.60
C ILE A 171 -9.31 -12.67 -28.44
N ASP A 172 -8.31 -11.86 -28.11
CA ASP A 172 -7.42 -12.20 -27.00
C ASP A 172 -8.18 -12.25 -25.69
N GLN A 173 -9.04 -11.27 -25.44
CA GLN A 173 -9.85 -11.29 -24.23
C GLN A 173 -10.76 -12.52 -24.22
N MET A 174 -11.41 -12.82 -25.35
CA MET A 174 -12.29 -13.97 -25.43
C MET A 174 -11.55 -15.25 -25.03
N ALA A 175 -10.39 -15.49 -25.65
CA ALA A 175 -9.66 -16.72 -25.38
C ALA A 175 -9.23 -16.80 -23.92
N LEU A 176 -8.77 -15.69 -23.35
CA LEU A 176 -8.37 -15.71 -21.95
C LEU A 176 -9.56 -16.01 -21.03
N LEU A 177 -10.78 -15.76 -21.49
CA LEU A 177 -11.99 -16.11 -20.75
C LEU A 177 -12.68 -17.37 -21.30
N LYS A 178 -12.05 -18.04 -22.26
CA LYS A 178 -12.54 -19.31 -22.79
C LYS A 178 -13.88 -19.17 -23.52
N MET A 179 -14.16 -17.98 -24.06
CA MET A 179 -15.27 -17.83 -24.99
C MET A 179 -14.82 -18.34 -26.36
N ASN A 180 -15.67 -19.14 -27.01
CA ASN A 180 -15.23 -19.92 -28.17
C ASN A 180 -15.93 -19.58 -29.47
N ILE A 181 -16.82 -18.59 -29.49
CA ILE A 181 -17.52 -18.18 -30.72
C ILE A 181 -17.39 -16.67 -30.86
N LEU A 182 -16.86 -16.23 -32.00
CA LEU A 182 -16.94 -14.83 -32.39
C LEU A 182 -18.05 -14.73 -33.45
N HIS A 183 -19.15 -14.10 -33.07
CA HIS A 183 -20.26 -13.83 -33.98
C HIS A 183 -19.99 -12.49 -34.63
N TRP A 184 -19.68 -12.50 -35.92
CA TRP A 184 -19.15 -11.32 -36.62
C TRP A 184 -20.27 -10.68 -37.42
N HIS A 185 -20.84 -9.61 -36.88
CA HIS A 185 -21.93 -8.89 -37.55
C HIS A 185 -21.29 -7.91 -38.53
N LEU A 186 -21.17 -8.32 -39.79
CA LEU A 186 -20.36 -7.62 -40.77
C LEU A 186 -21.15 -6.84 -41.81
N THR A 187 -22.48 -6.98 -41.84
CA THR A 187 -23.30 -6.26 -42.81
C THR A 187 -24.54 -5.70 -42.14
N ASP A 188 -24.95 -4.51 -42.54
CA ASP A 188 -26.16 -3.86 -42.03
C ASP A 188 -26.49 -2.68 -42.93
N ASP A 189 -27.47 -1.88 -42.52
CA ASP A 189 -27.89 -0.75 -43.33
C ASP A 189 -26.78 0.27 -43.51
N THR A 190 -26.00 0.51 -42.46
CA THR A 190 -25.02 1.60 -42.44
C THR A 190 -23.61 1.15 -42.81
N GLY A 191 -23.42 -0.12 -43.17
CA GLY A 191 -22.10 -0.58 -43.58
C GLY A 191 -22.06 -2.00 -44.11
N TRP A 192 -21.19 -2.24 -45.09
CA TRP A 192 -20.88 -3.58 -45.58
C TRP A 192 -19.37 -3.75 -45.50
N ARG A 193 -18.91 -4.78 -44.78
CA ARG A 193 -17.52 -4.86 -44.37
C ARG A 193 -16.77 -6.07 -44.92
N ILE A 194 -17.34 -6.80 -45.88
CA ILE A 194 -16.69 -7.98 -46.46
C ILE A 194 -16.49 -7.73 -47.96
N GLU A 195 -15.23 -7.80 -48.40
CA GLU A 195 -14.94 -7.81 -49.83
C GLU A 195 -15.56 -9.04 -50.48
N ILE A 196 -16.41 -8.81 -51.48
CA ILE A 196 -16.96 -9.88 -52.31
C ILE A 196 -16.43 -9.65 -53.72
N LYS A 197 -15.62 -10.59 -54.20
CA LYS A 197 -14.87 -10.34 -55.44
C LYS A 197 -15.79 -10.28 -56.65
N LYS A 198 -16.91 -11.01 -56.66
CA LYS A 198 -17.81 -10.94 -57.80
C LYS A 198 -18.56 -9.62 -57.83
N TYR A 199 -18.75 -8.97 -56.69
CA TYR A 199 -19.54 -7.74 -56.58
C TYR A 199 -18.70 -6.68 -55.88
N PRO A 200 -17.83 -5.97 -56.63
CA PRO A 200 -16.91 -5.02 -55.97
C PRO A 200 -17.61 -3.84 -55.30
N ARG A 201 -18.80 -3.46 -55.77
CA ARG A 201 -19.45 -2.27 -55.21
C ARG A 201 -19.95 -2.48 -53.79
N LEU A 202 -19.99 -3.72 -53.30
CA LEU A 202 -20.46 -3.94 -51.94
C LEU A 202 -19.55 -3.25 -50.93
N THR A 203 -18.24 -3.23 -51.20
CA THR A 203 -17.29 -2.50 -50.36
C THR A 203 -16.92 -1.14 -50.93
N SER A 204 -16.84 -1.01 -52.27
CA SER A 204 -16.42 0.27 -52.84
C SER A 204 -17.50 1.33 -52.68
N ILE A 205 -18.76 0.94 -52.60
CA ILE A 205 -19.86 1.84 -52.25
C ILE A 205 -20.33 1.59 -50.81
N GLY A 206 -20.61 0.33 -50.48
CA GLY A 206 -21.30 0.00 -49.25
C GLY A 206 -20.48 0.13 -47.99
N SER A 207 -19.16 0.25 -48.10
CA SER A 207 -18.30 0.35 -46.94
C SER A 207 -17.99 1.79 -46.56
N LYS A 208 -18.66 2.77 -47.19
CA LYS A 208 -18.38 4.18 -46.95
C LYS A 208 -19.69 4.94 -46.78
N ARG A 209 -19.72 5.86 -45.83
CA ARG A 209 -20.87 6.74 -45.65
C ARG A 209 -20.39 8.15 -45.34
N ARG A 210 -21.30 9.11 -45.50
CA ARG A 210 -20.93 10.52 -45.45
C ARG A 210 -20.80 11.06 -44.02
N GLU A 211 -21.59 10.54 -43.09
CA GLU A 211 -21.56 11.00 -41.70
C GLU A 211 -22.32 9.97 -40.86
N SER A 212 -22.38 10.23 -39.55
CA SER A 212 -23.05 9.32 -38.62
C SER A 212 -23.85 10.11 -37.59
N GLU A 213 -25.11 9.70 -37.40
CA GLU A 213 -25.89 10.11 -36.26
C GLU A 213 -25.15 9.73 -34.97
N ILE A 214 -25.23 10.60 -33.96
CA ILE A 214 -24.56 10.36 -32.69
C ILE A 214 -25.51 10.64 -31.54
N GLY A 215 -25.08 10.27 -30.34
CA GLY A 215 -25.87 10.46 -29.14
C GLY A 215 -26.86 9.34 -28.92
N THR A 216 -27.90 9.30 -29.76
CA THR A 216 -28.93 8.27 -29.66
C THR A 216 -29.83 8.39 -30.88
N TRP A 217 -30.74 7.43 -31.00
CA TRP A 217 -31.70 7.42 -32.10
C TRP A 217 -32.53 8.69 -32.07
N ASN A 218 -32.69 9.32 -33.24
CA ASN A 218 -33.46 10.55 -33.39
C ASN A 218 -32.88 11.71 -32.59
N SER A 219 -31.58 11.66 -32.29
CA SER A 219 -30.95 12.75 -31.57
C SER A 219 -31.00 14.05 -32.37
N GLY A 220 -31.09 13.95 -33.69
CA GLY A 220 -30.88 15.12 -34.52
C GLY A 220 -29.45 15.61 -34.55
N LYS A 221 -28.52 14.84 -33.99
CA LYS A 221 -27.11 15.20 -33.93
C LYS A 221 -26.32 14.34 -34.89
N SER A 222 -25.26 14.92 -35.44
CA SER A 222 -24.41 14.27 -36.43
C SER A 222 -22.96 14.68 -36.17
N ASP A 223 -22.04 13.79 -36.53
CA ASP A 223 -20.62 14.10 -36.43
C ASP A 223 -20.05 14.71 -37.70
N GLY A 224 -20.82 14.75 -38.78
CA GLY A 224 -20.38 15.36 -40.02
C GLY A 224 -19.03 14.84 -40.49
N THR A 225 -18.76 13.56 -40.23
CA THR A 225 -17.46 12.97 -40.44
C THR A 225 -17.60 11.71 -41.27
N PRO A 226 -17.01 11.63 -42.46
CA PRO A 226 -17.09 10.39 -43.24
C PRO A 226 -16.54 9.22 -42.44
N HIS A 227 -17.10 8.03 -42.70
CA HIS A 227 -16.70 6.82 -42.01
C HIS A 227 -16.65 5.68 -43.03
N GLU A 228 -15.52 4.98 -43.10
CA GLU A 228 -15.37 3.89 -44.05
C GLU A 228 -14.46 2.83 -43.47
N GLY A 229 -14.46 1.68 -44.11
CA GLY A 229 -13.64 0.54 -43.72
C GLY A 229 -14.27 -0.76 -44.16
N PHE A 230 -13.42 -1.74 -44.48
CA PHE A 230 -13.87 -3.09 -44.78
C PHE A 230 -12.69 -4.04 -44.69
N TYR A 231 -13.00 -5.33 -44.58
CA TYR A 231 -11.99 -6.38 -44.54
C TYR A 231 -11.82 -6.98 -45.93
N THR A 232 -10.58 -7.10 -46.38
CA THR A 232 -10.30 -7.90 -47.56
C THR A 232 -10.38 -9.38 -47.20
N GLN A 233 -10.50 -10.21 -48.23
CA GLN A 233 -10.62 -11.64 -47.99
C GLN A 233 -9.33 -12.23 -47.43
N GLU A 234 -8.18 -11.62 -47.74
CA GLU A 234 -6.94 -12.06 -47.12
C GLU A 234 -6.92 -11.75 -45.62
N GLN A 235 -7.41 -10.57 -45.24
CA GLN A 235 -7.51 -10.24 -43.82
C GLN A 235 -8.42 -11.21 -43.08
N ILE A 236 -9.56 -11.56 -43.70
CA ILE A 236 -10.51 -12.46 -43.05
C ILE A 236 -9.88 -13.82 -42.83
N ARG A 237 -9.13 -14.31 -43.82
CA ARG A 237 -8.43 -15.59 -43.63
C ARG A 237 -7.46 -15.52 -42.47
N ASP A 238 -6.70 -14.41 -42.36
CA ASP A 238 -5.74 -14.28 -41.27
C ASP A 238 -6.46 -14.24 -39.92
N ILE A 239 -7.58 -13.52 -39.84
CA ILE A 239 -8.29 -13.41 -38.56
C ILE A 239 -8.96 -14.73 -38.20
N VAL A 240 -9.45 -15.46 -39.20
CA VAL A 240 -9.98 -16.79 -38.96
C VAL A 240 -8.91 -17.69 -38.35
N GLN A 241 -7.70 -17.62 -38.90
CA GLN A 241 -6.60 -18.43 -38.39
C GLN A 241 -6.19 -17.98 -37.00
N TYR A 242 -6.05 -16.67 -36.80
CA TYR A 242 -5.71 -16.13 -35.47
C TYR A 242 -6.73 -16.57 -34.43
N ALA A 243 -8.01 -16.61 -34.79
CA ALA A 243 -9.04 -17.00 -33.84
C ALA A 243 -9.01 -18.51 -33.58
N ALA A 244 -8.88 -19.30 -34.64
CA ALA A 244 -8.90 -20.75 -34.47
C ALA A 244 -7.76 -21.23 -33.59
N ARG A 245 -6.58 -20.61 -33.73
CA ARG A 245 -5.46 -20.98 -32.87
C ARG A 245 -5.75 -20.70 -31.40
N ARG A 246 -6.71 -19.82 -31.11
CA ARG A 246 -7.12 -19.50 -29.75
C ARG A 246 -8.48 -20.09 -29.41
N ASN A 247 -8.83 -21.20 -30.07
CA ASN A 247 -9.99 -22.03 -29.72
C ASN A 247 -11.31 -21.35 -30.06
N ILE A 248 -11.32 -20.46 -31.04
CA ILE A 248 -12.49 -19.64 -31.36
C ILE A 248 -12.91 -19.92 -32.80
N THR A 249 -14.18 -20.28 -32.97
CA THR A 249 -14.81 -20.41 -34.27
C THR A 249 -15.56 -19.12 -34.59
N ILE A 250 -15.39 -18.62 -35.81
CA ILE A 250 -16.07 -17.39 -36.23
C ILE A 250 -17.36 -17.78 -36.94
N VAL A 251 -18.46 -17.16 -36.52
CA VAL A 251 -19.75 -17.28 -37.17
C VAL A 251 -20.02 -15.95 -37.90
N PRO A 252 -19.92 -15.90 -39.23
CA PRO A 252 -20.22 -14.66 -39.93
C PRO A 252 -21.71 -14.44 -40.04
N GLU A 253 -22.14 -13.19 -39.92
CA GLU A 253 -23.53 -12.81 -40.13
C GLU A 253 -23.62 -11.91 -41.36
N ILE A 254 -24.42 -12.34 -42.34
CA ILE A 254 -24.82 -11.52 -43.47
C ILE A 254 -26.30 -11.22 -43.29
N GLU A 255 -26.64 -9.98 -42.92
CA GLU A 255 -28.02 -9.65 -42.59
C GLU A 255 -28.93 -9.79 -43.81
N MET A 256 -30.13 -10.30 -43.58
CA MET A 256 -31.15 -10.48 -44.59
C MET A 256 -32.40 -11.04 -43.92
N PRO A 257 -33.60 -10.80 -44.46
CA PRO A 257 -33.91 -9.95 -45.63
C PRO A 257 -33.87 -8.46 -45.30
N GLY A 258 -33.78 -8.12 -44.02
CA GLY A 258 -33.69 -6.74 -43.59
C GLY A 258 -32.24 -6.28 -43.43
N HIS A 259 -32.09 -5.07 -42.90
CA HIS A 259 -30.77 -4.48 -42.63
C HIS A 259 -29.89 -4.54 -43.88
N ALA A 260 -30.45 -4.07 -45.00
CA ALA A 260 -29.85 -4.28 -46.31
C ALA A 260 -29.57 -2.98 -47.06
N SER A 261 -29.56 -1.83 -46.39
CA SER A 261 -29.44 -0.56 -47.12
C SER A 261 -28.11 -0.47 -47.86
N ALA A 262 -27.00 -0.83 -47.20
CA ALA A 262 -25.70 -0.67 -47.84
C ALA A 262 -25.58 -1.55 -49.08
N ALA A 263 -26.12 -2.76 -49.03
CA ALA A 263 -26.09 -3.63 -50.20
C ALA A 263 -26.97 -3.07 -51.31
N ALA A 264 -28.15 -2.55 -50.97
CA ALA A 264 -29.04 -2.01 -51.98
C ALA A 264 -28.43 -0.81 -52.69
N VAL A 265 -27.79 0.09 -51.95
CA VAL A 265 -27.18 1.26 -52.57
C VAL A 265 -26.14 0.83 -53.59
N ALA A 266 -25.37 -0.22 -53.28
CA ALA A 266 -24.38 -0.72 -54.23
C ALA A 266 -25.05 -1.30 -55.47
N TYR A 267 -26.15 -2.04 -55.28
CA TYR A 267 -26.84 -2.70 -56.39
C TYR A 267 -28.34 -2.48 -56.20
N PRO A 268 -28.88 -1.38 -56.75
CA PRO A 268 -30.24 -0.96 -56.39
C PRO A 268 -31.34 -1.95 -56.74
N PHE A 269 -31.10 -2.93 -57.63
CA PHE A 269 -32.15 -3.88 -57.92
C PHE A 269 -32.45 -4.81 -56.75
N LEU A 270 -31.60 -4.81 -55.72
CA LEU A 270 -31.78 -5.72 -54.60
C LEU A 270 -32.93 -5.32 -53.67
N SER A 271 -33.44 -4.10 -53.78
CA SER A 271 -34.49 -3.63 -52.89
C SER A 271 -35.55 -2.88 -53.68
N LEU A 272 -36.80 -2.98 -53.20
CA LEU A 272 -37.89 -2.22 -53.78
C LEU A 272 -37.88 -0.76 -53.36
N LYS A 273 -37.14 -0.41 -52.31
CA LYS A 273 -37.05 0.96 -51.82
C LYS A 273 -35.60 1.28 -51.48
N THR A 274 -34.74 1.18 -52.49
CA THR A 274 -33.33 1.45 -52.31
C THR A 274 -33.12 2.92 -51.94
N PRO A 275 -32.41 3.23 -50.86
CA PRO A 275 -32.13 4.63 -50.53
C PRO A 275 -31.19 5.27 -51.55
N GLY A 276 -31.14 6.60 -51.51
CA GLY A 276 -30.31 7.33 -52.45
C GLY A 276 -28.83 7.25 -52.16
N GLU A 277 -28.47 7.03 -50.89
CA GLU A 277 -27.09 6.82 -50.50
C GLU A 277 -27.09 5.98 -49.23
N VAL A 278 -25.89 5.54 -48.83
CA VAL A 278 -25.80 4.75 -47.60
C VAL A 278 -26.36 5.57 -46.45
N PRO A 279 -27.31 5.06 -45.67
CA PRO A 279 -27.92 5.88 -44.62
C PRO A 279 -26.89 6.46 -43.66
N THR A 280 -27.12 7.71 -43.26
CA THR A 280 -26.30 8.38 -42.27
C THR A 280 -26.90 8.32 -40.87
N THR A 281 -28.14 7.87 -40.76
CA THR A 281 -28.81 7.66 -39.48
C THR A 281 -28.99 6.17 -39.25
N PHE A 282 -29.18 5.80 -37.98
CA PHE A 282 -29.33 4.40 -37.59
C PHE A 282 -30.79 4.00 -37.46
N ILE A 283 -31.70 4.75 -38.08
CA ILE A 283 -33.13 4.52 -38.00
C ILE A 283 -33.70 4.06 -39.33
N VAL A 284 -32.84 3.72 -40.29
CA VAL A 284 -33.24 3.30 -41.62
C VAL A 284 -32.97 1.80 -41.76
N ASN A 285 -34.00 1.04 -42.14
CA ASN A 285 -33.89 -0.41 -42.30
C ASN A 285 -34.49 -0.79 -43.65
N THR A 286 -33.63 -0.94 -44.65
CA THR A 286 -34.04 -1.33 -46.00
C THR A 286 -34.09 -2.84 -46.11
N ALA A 287 -35.06 -3.35 -46.86
CA ALA A 287 -35.28 -4.78 -47.00
C ALA A 287 -35.03 -5.23 -48.42
N PHE A 288 -34.31 -6.34 -48.57
CA PHE A 288 -34.18 -6.99 -49.87
C PHE A 288 -35.56 -7.27 -50.47
N ASP A 289 -35.61 -7.37 -51.79
CA ASP A 289 -36.84 -7.69 -52.50
C ASP A 289 -37.05 -9.20 -52.50
N PRO A 290 -38.10 -9.70 -51.84
CA PRO A 290 -38.33 -11.15 -51.81
C PRO A 290 -38.95 -11.72 -53.08
N THR A 291 -39.25 -10.89 -54.08
CA THR A 291 -40.05 -11.31 -55.22
C THR A 291 -39.26 -11.47 -56.50
N SER A 292 -37.94 -11.31 -56.47
CA SER A 292 -37.10 -11.40 -57.66
C SER A 292 -36.02 -12.44 -57.45
N GLU A 293 -35.93 -13.39 -58.37
CA GLU A 293 -34.90 -14.43 -58.28
C GLU A 293 -33.50 -13.83 -58.23
N LYS A 294 -33.31 -12.63 -58.79
CA LYS A 294 -31.98 -12.03 -58.77
C LYS A 294 -31.50 -11.80 -57.35
N THR A 295 -32.41 -11.41 -56.45
CA THR A 295 -32.06 -11.31 -55.04
C THR A 295 -31.42 -12.61 -54.55
N TYR A 296 -32.15 -13.72 -54.69
CA TYR A 296 -31.64 -15.00 -54.22
C TYR A 296 -30.37 -15.40 -54.94
N ALA A 297 -30.29 -15.11 -56.25
CA ALA A 297 -29.07 -15.39 -57.00
C ALA A 297 -27.91 -14.58 -56.45
N PHE A 298 -28.13 -13.30 -56.18
CA PHE A 298 -27.07 -12.45 -55.64
C PHE A 298 -26.62 -12.96 -54.28
N LEU A 299 -27.58 -13.21 -53.38
CA LEU A 299 -27.22 -13.66 -52.04
C LEU A 299 -26.49 -15.00 -52.06
N SER A 300 -26.85 -15.87 -53.01
CA SER A 300 -26.17 -17.17 -53.09
C SER A 300 -24.74 -17.00 -53.56
N ASP A 301 -24.49 -16.07 -54.49
CA ASP A 301 -23.12 -15.79 -54.92
C ASP A 301 -22.28 -15.23 -53.76
N VAL A 302 -22.84 -14.29 -53.00
CA VAL A 302 -22.15 -13.78 -51.83
C VAL A 302 -21.84 -14.91 -50.86
N LEU A 303 -22.86 -15.70 -50.52
CA LEU A 303 -22.66 -16.81 -49.61
C LEU A 303 -21.63 -17.81 -50.14
N ASP A 304 -21.48 -17.91 -51.46
CA ASP A 304 -20.45 -18.77 -52.02
C ASP A 304 -19.06 -18.31 -51.60
N GLU A 305 -18.82 -16.99 -51.62
CA GLU A 305 -17.52 -16.48 -51.21
C GLU A 305 -17.36 -16.52 -49.69
N VAL A 306 -18.44 -16.33 -48.94
CA VAL A 306 -18.38 -16.45 -47.49
C VAL A 306 -17.89 -17.84 -47.09
N THR A 307 -18.46 -18.88 -47.70
CA THR A 307 -18.07 -20.25 -47.34
C THR A 307 -16.63 -20.57 -47.72
N ALA A 308 -16.07 -19.87 -48.71
CA ALA A 308 -14.71 -20.13 -49.13
C ALA A 308 -13.68 -19.59 -48.14
N ILE A 309 -14.03 -18.59 -47.36
CA ILE A 309 -13.08 -17.96 -46.44
C ILE A 309 -13.48 -18.09 -44.97
N PHE A 310 -14.67 -18.59 -44.68
CA PHE A 310 -15.10 -18.90 -43.31
C PHE A 310 -15.33 -20.40 -43.21
N PRO A 311 -14.42 -21.17 -42.59
CA PRO A 311 -14.60 -22.63 -42.56
C PRO A 311 -15.65 -23.11 -41.58
N GLY A 312 -16.08 -22.26 -40.64
CA GLY A 312 -17.06 -22.70 -39.67
C GLY A 312 -18.33 -23.21 -40.33
N ARG A 313 -19.00 -24.14 -39.65
CA ARG A 313 -20.14 -24.81 -40.26
C ARG A 313 -21.38 -23.93 -40.33
N ILE A 314 -21.52 -22.96 -39.42
CA ILE A 314 -22.75 -22.21 -39.27
C ILE A 314 -22.60 -20.83 -39.88
N ILE A 315 -23.59 -20.43 -40.68
CA ILE A 315 -23.69 -19.09 -41.23
C ILE A 315 -24.94 -18.43 -40.68
N HIS A 316 -24.77 -17.23 -40.14
CA HIS A 316 -25.84 -16.46 -39.54
C HIS A 316 -26.41 -15.51 -40.60
N ILE A 317 -27.73 -15.52 -40.78
CA ILE A 317 -28.36 -14.67 -41.79
C ILE A 317 -29.08 -13.47 -41.19
N GLY A 318 -28.97 -13.27 -39.88
CA GLY A 318 -29.81 -12.30 -39.20
C GLY A 318 -31.25 -12.77 -39.19
N GLY A 319 -32.03 -12.33 -40.16
CA GLY A 319 -33.39 -12.79 -40.30
C GLY A 319 -34.38 -12.19 -39.34
N ASP A 320 -34.00 -11.16 -38.58
CA ASP A 320 -34.96 -10.48 -37.74
C ASP A 320 -35.99 -9.77 -38.63
N ALA A 321 -37.12 -9.38 -38.03
CA ALA A 321 -38.28 -8.97 -38.82
C ALA A 321 -38.01 -7.69 -39.59
N VAL A 322 -38.38 -7.69 -40.87
CA VAL A 322 -38.42 -6.48 -41.66
C VAL A 322 -39.46 -5.53 -41.11
N ARG A 323 -39.24 -4.22 -41.33
CA ARG A 323 -40.27 -3.21 -41.04
C ARG A 323 -41.28 -3.26 -42.18
N TYR A 324 -42.29 -4.12 -42.04
CA TYR A 324 -43.17 -4.42 -43.16
C TYR A 324 -43.91 -3.16 -43.63
N ASP A 325 -44.45 -2.38 -42.69
CA ASP A 325 -45.25 -1.23 -43.08
C ASP A 325 -44.44 -0.24 -43.91
N LYS A 326 -43.20 0.01 -43.52
CA LYS A 326 -42.36 1.00 -44.20
C LYS A 326 -41.77 0.48 -45.52
N GLN A 327 -41.67 -0.84 -45.70
CA GLN A 327 -40.82 -1.40 -46.75
C GLN A 327 -41.56 -2.19 -47.81
N TRP A 328 -42.61 -2.94 -47.44
CA TRP A 328 -43.28 -3.83 -48.38
C TRP A 328 -44.77 -3.53 -48.55
N LYS A 329 -45.44 -3.10 -47.49
CA LYS A 329 -46.87 -2.81 -47.56
C LYS A 329 -47.19 -1.81 -48.67
N GLY A 330 -48.07 -2.21 -49.58
CA GLY A 330 -48.50 -1.36 -50.66
C GLY A 330 -47.61 -1.35 -51.89
N VAL A 331 -46.45 -2.00 -51.83
CA VAL A 331 -45.59 -2.10 -53.01
C VAL A 331 -46.22 -3.09 -53.97
N PRO A 332 -46.54 -2.70 -55.20
CA PRO A 332 -47.24 -3.64 -56.10
C PRO A 332 -46.53 -4.97 -56.27
N GLU A 333 -45.20 -4.98 -56.39
CA GLU A 333 -44.49 -6.24 -56.55
C GLU A 333 -44.69 -7.16 -55.35
N ILE A 334 -44.93 -6.59 -54.18
CA ILE A 334 -45.20 -7.42 -52.99
C ILE A 334 -46.63 -7.95 -53.02
N GLU A 335 -47.59 -7.06 -53.26
CA GLU A 335 -49.00 -7.45 -53.18
C GLU A 335 -49.35 -8.50 -54.22
N GLU A 336 -48.84 -8.35 -55.45
CA GLU A 336 -49.09 -9.37 -56.46
C GLU A 336 -48.38 -10.67 -56.11
N PHE A 337 -47.13 -10.58 -55.66
CA PHE A 337 -46.42 -11.78 -55.20
C PHE A 337 -47.24 -12.51 -54.15
N MET A 338 -47.87 -11.77 -53.24
CA MET A 338 -48.66 -12.41 -52.19
C MET A 338 -49.91 -13.04 -52.76
N LYS A 339 -50.65 -12.31 -53.61
CA LYS A 339 -51.87 -12.85 -54.20
C LYS A 339 -51.59 -14.11 -54.99
N LYS A 340 -50.49 -14.12 -55.77
CA LYS A 340 -50.13 -15.30 -56.54
C LYS A 340 -49.91 -16.51 -55.63
N ASN A 341 -49.03 -16.37 -54.65
CA ASN A 341 -48.62 -17.48 -53.80
C ASN A 341 -49.55 -17.71 -52.61
N GLY A 342 -50.69 -17.03 -52.57
CA GLY A 342 -51.67 -17.26 -51.52
C GLY A 342 -51.15 -17.00 -50.13
N MET A 343 -50.53 -15.84 -49.93
CA MET A 343 -49.98 -15.44 -48.65
C MET A 343 -50.83 -14.33 -48.06
N LYS A 344 -51.24 -14.48 -46.80
CA LYS A 344 -52.11 -13.51 -46.17
C LYS A 344 -51.36 -12.36 -45.49
N SER A 345 -50.12 -12.59 -45.05
CA SER A 345 -49.41 -11.61 -44.23
C SER A 345 -48.05 -11.32 -44.82
N TYR A 346 -47.50 -10.17 -44.44
CA TYR A 346 -46.13 -9.84 -44.82
C TYR A 346 -45.13 -10.74 -44.12
N ALA A 347 -45.47 -11.22 -42.91
CA ALA A 347 -44.62 -12.18 -42.23
C ALA A 347 -44.50 -13.48 -43.03
N ASP A 348 -45.57 -13.87 -43.72
CA ASP A 348 -45.49 -15.03 -44.60
C ASP A 348 -44.46 -14.82 -45.70
N VAL A 349 -44.35 -13.59 -46.21
CA VAL A 349 -43.37 -13.33 -47.26
C VAL A 349 -41.96 -13.48 -46.70
N GLN A 350 -41.73 -13.04 -45.45
CA GLN A 350 -40.41 -13.18 -44.88
C GLN A 350 -40.09 -14.65 -44.60
N MET A 351 -41.05 -15.42 -44.08
CA MET A 351 -40.82 -16.84 -43.87
C MET A 351 -40.40 -17.53 -45.17
N HIS A 352 -41.09 -17.22 -46.27
CA HIS A 352 -40.72 -17.79 -47.56
C HIS A 352 -39.26 -17.49 -47.87
N PHE A 353 -38.86 -16.23 -47.75
CA PHE A 353 -37.47 -15.85 -48.02
C PHE A 353 -36.51 -16.62 -47.14
N THR A 354 -36.74 -16.62 -45.82
CA THR A 354 -35.80 -17.25 -44.91
C THR A 354 -35.77 -18.77 -45.07
N ASN A 355 -36.88 -19.38 -45.45
CA ASN A 355 -36.86 -20.83 -45.70
C ASN A 355 -36.08 -21.14 -46.96
N ARG A 356 -36.24 -20.34 -48.00
CA ARG A 356 -35.46 -20.53 -49.22
C ARG A 356 -33.97 -20.38 -48.95
N MET A 357 -33.61 -19.45 -48.06
CA MET A 357 -32.20 -19.25 -47.76
C MET A 357 -31.62 -20.43 -46.97
N SER A 358 -32.43 -21.12 -46.18
CA SER A 358 -31.92 -22.28 -45.46
C SER A 358 -31.59 -23.41 -46.43
N GLY A 359 -32.33 -23.53 -47.53
CA GLY A 359 -31.98 -24.52 -48.54
C GLY A 359 -30.76 -24.10 -49.34
N ILE A 360 -30.64 -22.81 -49.64
CA ILE A 360 -29.44 -22.30 -50.32
C ILE A 360 -28.22 -22.52 -49.44
N ILE A 361 -28.34 -22.25 -48.14
CA ILE A 361 -27.21 -22.44 -47.23
C ILE A 361 -26.86 -23.92 -47.12
N ALA A 362 -27.87 -24.78 -47.05
CA ALA A 362 -27.61 -26.21 -46.88
C ALA A 362 -26.90 -26.79 -48.10
N GLN A 363 -27.26 -26.33 -49.29
CA GLN A 363 -26.61 -26.82 -50.51
C GLN A 363 -25.14 -26.41 -50.59
N LYS A 364 -24.68 -25.53 -49.72
CA LYS A 364 -23.28 -25.17 -49.62
C LYS A 364 -22.57 -25.92 -48.50
N GLY A 365 -23.19 -26.97 -47.97
CA GLY A 365 -22.58 -27.72 -46.88
C GLY A 365 -22.53 -26.94 -45.58
N ARG A 366 -23.47 -26.04 -45.36
CA ARG A 366 -23.49 -25.19 -44.17
C ARG A 366 -24.84 -25.32 -43.48
N ARG A 367 -24.91 -24.71 -42.30
CA ARG A 367 -26.08 -24.78 -41.43
C ARG A 367 -26.52 -23.37 -41.09
N MET A 368 -27.79 -23.07 -41.30
CA MET A 368 -28.27 -21.70 -41.13
C MET A 368 -28.59 -21.40 -39.67
N MET A 369 -28.28 -20.16 -39.28
CA MET A 369 -28.60 -19.61 -37.97
C MET A 369 -29.25 -18.24 -38.15
N GLY A 370 -30.15 -17.90 -37.24
CA GLY A 370 -30.83 -16.62 -37.34
C GLY A 370 -31.57 -16.26 -36.07
N TRP A 371 -31.93 -14.97 -35.98
CA TRP A 371 -32.74 -14.48 -34.88
C TRP A 371 -34.11 -15.15 -34.91
N ASN A 372 -34.77 -15.18 -33.75
CA ASN A 372 -35.89 -16.12 -33.58
C ASN A 372 -37.05 -15.87 -34.54
N GLU A 373 -37.07 -14.75 -35.26
CA GLU A 373 -38.15 -14.55 -36.23
C GLU A 373 -38.09 -15.54 -37.38
N ILE A 374 -36.93 -16.15 -37.66
CA ILE A 374 -36.88 -17.18 -38.70
C ILE A 374 -37.77 -18.36 -38.35
N TYR A 375 -38.13 -18.52 -37.07
CA TYR A 375 -38.95 -19.64 -36.64
C TYR A 375 -40.44 -19.37 -36.75
N GLY A 376 -40.87 -18.13 -36.59
CA GLY A 376 -42.27 -17.80 -36.82
C GLY A 376 -42.71 -16.58 -36.04
N HIS A 377 -44.02 -16.41 -35.95
CA HIS A 377 -44.64 -15.27 -35.27
C HIS A 377 -43.95 -13.96 -35.63
N GLY A 388 -48.35 -20.19 -44.68
CA GLY A 388 -47.10 -20.12 -43.91
C GLY A 388 -46.60 -21.48 -43.48
N ALA A 389 -45.47 -21.90 -44.04
CA ALA A 389 -44.87 -23.20 -43.73
C ALA A 389 -43.86 -23.05 -42.61
N LYS A 390 -43.17 -24.15 -42.28
CA LYS A 390 -42.31 -24.21 -41.12
C LYS A 390 -40.84 -24.34 -41.53
N LEU A 391 -39.96 -23.99 -40.59
CA LEU A 391 -38.53 -23.85 -40.84
C LEU A 391 -37.80 -25.18 -40.77
N ASP A 392 -36.72 -25.28 -41.55
CA ASP A 392 -35.83 -26.44 -41.51
C ASP A 392 -35.42 -26.76 -40.08
N THR A 393 -35.59 -28.04 -39.69
CA THR A 393 -35.31 -28.44 -38.32
C THR A 393 -33.85 -28.21 -37.94
N ASN A 394 -32.94 -28.26 -38.91
CA ASN A 394 -31.52 -28.13 -38.63
C ASN A 394 -31.12 -26.68 -38.31
N ALA A 395 -31.98 -25.71 -38.60
CA ALA A 395 -31.63 -24.31 -38.40
C ALA A 395 -31.46 -24.01 -36.92
N VAL A 396 -30.45 -23.21 -36.60
CA VAL A 396 -30.21 -22.79 -35.24
C VAL A 396 -30.91 -21.47 -35.00
N ILE A 397 -31.56 -21.34 -33.85
CA ILE A 397 -32.33 -20.15 -33.50
C ILE A 397 -31.62 -19.43 -32.37
N GLN A 398 -31.32 -18.15 -32.58
CA GLN A 398 -30.78 -17.28 -31.54
C GLN A 398 -31.92 -16.44 -30.98
N PHE A 399 -32.32 -16.74 -29.76
CA PHE A 399 -33.45 -16.06 -29.13
C PHE A 399 -32.99 -14.73 -28.55
N TRP A 400 -33.64 -13.63 -28.94
CA TRP A 400 -33.27 -12.31 -28.42
C TRP A 400 -34.44 -11.51 -27.86
N LYS A 401 -35.69 -11.88 -28.15
CA LYS A 401 -36.78 -11.10 -27.58
C LYS A 401 -38.09 -11.86 -27.70
N GLY A 402 -39.07 -11.39 -26.96
CA GLY A 402 -40.42 -11.94 -26.99
C GLY A 402 -40.67 -12.87 -25.81
N ASN A 403 -41.87 -13.44 -25.82
CA ASN A 403 -42.20 -14.48 -24.86
C ASN A 403 -41.24 -15.66 -25.04
N THR A 404 -40.69 -16.16 -23.94
CA THR A 404 -39.78 -17.30 -24.04
C THR A 404 -40.47 -18.54 -24.59
N SER A 405 -41.81 -18.56 -24.63
CA SER A 405 -42.52 -19.68 -25.22
C SER A 405 -42.13 -19.90 -26.68
N LEU A 406 -41.68 -18.85 -27.36
CA LEU A 406 -41.20 -19.01 -28.73
C LEU A 406 -39.93 -19.84 -28.78
N ALA A 407 -38.97 -19.53 -27.90
CA ALA A 407 -37.74 -20.32 -27.84
C ALA A 407 -38.04 -21.74 -27.40
N LYS A 408 -38.92 -21.89 -26.41
CA LYS A 408 -39.23 -23.23 -25.89
C LYS A 408 -40.01 -24.04 -26.92
N ASN A 409 -40.91 -23.40 -27.65
CA ASN A 409 -41.59 -24.10 -28.74
C ASN A 409 -40.61 -24.57 -29.80
N ALA A 410 -39.64 -23.73 -30.16
CA ALA A 410 -38.64 -24.13 -31.14
C ALA A 410 -37.80 -25.28 -30.63
N ILE A 411 -37.47 -25.26 -29.34
CA ILE A 411 -36.70 -26.34 -28.72
C ILE A 411 -37.50 -27.64 -28.78
N ARG A 412 -38.77 -27.58 -28.41
CA ARG A 412 -39.60 -28.77 -28.43
C ARG A 412 -39.86 -29.27 -29.84
N ASP A 413 -39.71 -28.42 -30.86
CA ASP A 413 -39.81 -28.84 -32.24
C ASP A 413 -38.49 -29.36 -32.79
N GLY A 414 -37.43 -29.38 -31.99
CA GLY A 414 -36.18 -30.00 -32.39
C GLY A 414 -35.07 -29.06 -32.80
N HIS A 415 -35.22 -27.76 -32.58
CA HIS A 415 -34.15 -26.81 -32.90
C HIS A 415 -33.22 -26.62 -31.72
N ASP A 416 -31.93 -26.52 -32.02
CA ASP A 416 -30.97 -26.00 -31.04
C ASP A 416 -31.17 -24.50 -30.91
N VAL A 417 -31.04 -23.99 -29.69
CA VAL A 417 -31.33 -22.58 -29.41
C VAL A 417 -30.18 -21.96 -28.63
N ILE A 418 -29.82 -20.74 -29.01
CA ILE A 418 -28.88 -19.90 -28.29
C ILE A 418 -29.69 -18.79 -27.62
N ASN A 419 -29.51 -18.64 -26.31
CA ASN A 419 -30.28 -17.67 -25.55
C ASN A 419 -29.51 -16.35 -25.52
N SER A 420 -30.04 -15.34 -26.21
CA SER A 420 -29.47 -14.00 -26.25
C SER A 420 -30.52 -12.97 -25.87
N LEU A 421 -31.39 -13.32 -24.93
CA LEU A 421 -32.43 -12.42 -24.45
C LEU A 421 -31.86 -11.02 -24.29
N HIS A 422 -32.44 -10.06 -25.01
CA HIS A 422 -31.78 -8.76 -25.15
C HIS A 422 -31.76 -8.01 -23.83
N THR A 423 -32.71 -8.27 -22.93
CA THR A 423 -32.72 -7.58 -21.64
C THR A 423 -31.63 -8.07 -20.70
N SER A 424 -30.94 -9.17 -21.04
CA SER A 424 -29.81 -9.64 -20.25
C SER A 424 -28.47 -9.51 -20.96
N THR A 425 -28.44 -9.52 -22.30
CA THR A 425 -27.20 -9.76 -23.03
C THR A 425 -26.79 -8.66 -24.00
N TYR A 426 -27.53 -7.57 -24.10
CA TYR A 426 -27.23 -6.53 -25.10
C TYR A 426 -26.26 -5.52 -24.49
N LEU A 427 -24.97 -5.70 -24.78
CA LEU A 427 -23.91 -4.93 -24.15
C LEU A 427 -23.82 -3.50 -24.65
N ASP A 428 -24.55 -3.13 -25.69
CA ASP A 428 -24.66 -1.72 -26.03
C ASP A 428 -25.51 -0.96 -25.02
N TYR A 429 -26.32 -1.66 -24.22
CA TYR A 429 -27.10 -1.00 -23.20
C TYR A 429 -26.18 -0.49 -22.08
N SER A 430 -26.69 0.46 -21.31
CA SER A 430 -25.94 1.06 -20.22
C SER A 430 -25.89 0.12 -19.02
N TYR A 431 -25.10 0.52 -18.02
CA TYR A 431 -25.01 -0.25 -16.79
C TYR A 431 -26.22 -0.05 -15.88
N GLY A 432 -27.08 0.93 -16.18
CA GLY A 432 -28.36 1.02 -15.51
C GLY A 432 -29.33 0.00 -16.06
N SER A 433 -29.30 -0.21 -17.38
CA SER A 433 -30.23 -1.13 -18.02
C SER A 433 -29.83 -2.59 -17.81
N ILE A 434 -28.53 -2.89 -17.87
CA ILE A 434 -28.03 -4.23 -17.58
C ILE A 434 -26.84 -4.07 -16.64
N PRO A 435 -27.06 -4.04 -15.34
CA PRO A 435 -25.93 -3.97 -14.41
C PRO A 435 -25.15 -5.29 -14.42
N LEU A 436 -23.97 -5.25 -13.80
CA LEU A 436 -23.11 -6.42 -13.81
C LEU A 436 -23.82 -7.65 -13.22
N GLN A 437 -24.62 -7.43 -12.18
CA GLN A 437 -25.28 -8.56 -11.53
C GLN A 437 -26.36 -9.17 -12.42
N LYS A 438 -26.96 -8.38 -13.30
CA LYS A 438 -27.93 -8.92 -14.24
C LYS A 438 -27.24 -9.80 -15.29
N ALA A 439 -26.06 -9.39 -15.74
CA ALA A 439 -25.30 -10.22 -16.67
C ALA A 439 -24.89 -11.54 -16.03
N TYR A 440 -24.43 -11.50 -14.78
CA TYR A 440 -23.93 -12.71 -14.15
C TYR A 440 -25.06 -13.66 -13.78
N GLY A 441 -26.19 -13.13 -13.35
CA GLY A 441 -27.33 -13.95 -12.99
C GLY A 441 -28.10 -14.53 -14.14
N PHE A 442 -27.72 -14.19 -15.37
CA PHE A 442 -28.39 -14.72 -16.55
C PHE A 442 -28.34 -16.25 -16.55
N GLU A 443 -29.49 -16.87 -16.75
CA GLU A 443 -29.59 -18.33 -16.85
C GLU A 443 -30.05 -18.69 -18.25
N PRO A 444 -29.17 -19.23 -19.11
CA PRO A 444 -29.59 -19.47 -20.50
C PRO A 444 -30.73 -20.46 -20.64
N VAL A 445 -30.86 -21.44 -19.75
CA VAL A 445 -31.89 -22.46 -19.89
C VAL A 445 -33.22 -21.88 -19.39
N PHE A 446 -34.15 -21.69 -20.31
CA PHE A 446 -35.45 -21.09 -19.99
C PHE A 446 -36.12 -21.85 -18.85
N PRO A 447 -36.52 -21.18 -17.77
CA PRO A 447 -36.97 -21.91 -16.56
C PRO A 447 -38.22 -22.75 -16.76
N GLY A 448 -39.12 -22.39 -17.67
CA GLY A 448 -40.30 -23.22 -17.87
C GLY A 448 -40.07 -24.47 -18.68
N LEU A 449 -38.85 -24.72 -19.12
CA LEU A 449 -38.53 -25.80 -20.04
C LEU A 449 -38.27 -27.09 -19.28
N GLU A 450 -38.93 -28.17 -19.70
CA GLU A 450 -38.77 -29.45 -19.01
C GLU A 450 -37.33 -29.94 -19.12
N LYS A 451 -36.91 -30.71 -18.10
CA LYS A 451 -35.51 -31.09 -17.97
C LYS A 451 -35.00 -31.82 -19.21
N GLN A 452 -35.84 -32.70 -19.79
CA GLN A 452 -35.41 -33.50 -20.94
C GLN A 452 -34.97 -32.64 -22.11
N TYR A 453 -35.42 -31.38 -22.17
CA TYR A 453 -35.13 -30.49 -23.28
C TYR A 453 -33.91 -29.60 -23.05
N HIS A 454 -33.35 -29.59 -21.84
CA HIS A 454 -32.32 -28.60 -21.51
C HIS A 454 -31.12 -28.69 -22.45
N SER A 455 -30.76 -29.90 -22.90
CA SER A 455 -29.59 -30.04 -23.75
C SER A 455 -29.75 -29.35 -25.10
N ARG A 456 -30.95 -28.89 -25.45
CA ARG A 456 -31.15 -28.13 -26.68
C ARG A 456 -30.70 -26.69 -26.56
N VAL A 457 -30.54 -26.18 -25.34
CA VAL A 457 -29.99 -24.84 -25.12
C VAL A 457 -28.48 -24.98 -25.17
N LYS A 458 -27.88 -24.68 -26.32
CA LYS A 458 -26.46 -24.90 -26.52
C LYS A 458 -25.60 -23.85 -25.83
N GLY A 459 -26.18 -22.72 -25.45
CA GLY A 459 -25.42 -21.69 -24.77
C GLY A 459 -26.00 -20.30 -24.90
N LEU A 460 -25.13 -19.31 -25.01
CA LEU A 460 -25.55 -17.92 -24.95
C LEU A 460 -24.67 -17.09 -25.87
N GLY A 461 -25.16 -15.90 -26.19
CA GLY A 461 -24.37 -14.93 -26.92
C GLY A 461 -24.59 -13.54 -26.38
N ALA A 462 -23.51 -12.80 -26.14
CA ALA A 462 -23.58 -11.40 -25.72
C ALA A 462 -23.25 -10.51 -26.91
N GLN A 463 -24.02 -9.43 -27.06
CA GLN A 463 -24.04 -8.63 -28.29
C GLN A 463 -23.51 -7.24 -28.01
N VAL A 464 -22.48 -6.84 -28.75
CA VAL A 464 -21.97 -5.48 -28.68
C VAL A 464 -22.37 -4.76 -29.96
N TRP A 465 -23.56 -4.17 -29.96
CA TRP A 465 -24.00 -3.33 -31.08
C TRP A 465 -23.30 -1.98 -31.00
N THR A 466 -22.98 -1.41 -32.15
CA THR A 466 -22.04 -0.29 -32.19
C THR A 466 -22.61 0.97 -32.85
N GLU A 467 -23.92 1.18 -32.79
CA GLU A 467 -24.45 2.47 -33.21
C GLU A 467 -23.73 3.61 -32.51
N TRP A 468 -23.53 3.48 -31.19
CA TRP A 468 -23.02 4.55 -30.35
C TRP A 468 -21.62 4.27 -29.85
N ILE A 469 -20.85 3.49 -30.62
CA ILE A 469 -19.49 3.09 -30.26
C ILE A 469 -18.62 3.29 -31.51
N SER A 470 -17.68 4.24 -31.45
CA SER A 470 -16.85 4.56 -32.60
C SER A 470 -15.36 4.42 -32.35
N THR A 471 -14.94 4.14 -31.12
CA THR A 471 -13.54 3.95 -30.78
C THR A 471 -13.36 2.62 -30.08
N PRO A 472 -12.16 2.05 -30.12
CA PRO A 472 -11.95 0.79 -29.37
C PRO A 472 -12.13 0.98 -27.88
N GLU A 473 -11.76 2.14 -27.35
CA GLU A 473 -11.88 2.37 -25.91
C GLU A 473 -13.33 2.42 -25.47
N ARG A 474 -14.24 2.94 -26.31
CA ARG A 474 -15.65 2.89 -25.97
C ARG A 474 -16.21 1.47 -26.13
N LEU A 475 -15.70 0.72 -27.11
CA LEU A 475 -16.07 -0.69 -27.22
C LEU A 475 -15.70 -1.44 -25.95
N HIS A 476 -14.50 -1.21 -25.42
CA HIS A 476 -14.12 -1.83 -24.16
C HIS A 476 -15.05 -1.41 -23.03
N TYR A 477 -15.39 -0.12 -22.96
CA TYR A 477 -16.24 0.37 -21.88
C TYR A 477 -17.58 -0.36 -21.85
N GLN A 478 -18.15 -0.62 -23.03
CA GLN A 478 -19.45 -1.27 -23.12
C GLN A 478 -19.34 -2.78 -22.90
N ALA A 479 -18.33 -3.41 -23.49
CA ALA A 479 -18.25 -4.87 -23.49
C ALA A 479 -17.69 -5.42 -22.19
N PHE A 480 -16.87 -4.65 -21.48
CA PHE A 480 -16.19 -5.14 -20.29
C PHE A 480 -16.50 -4.23 -19.12
N PRO A 481 -16.74 -4.79 -17.92
CA PRO A 481 -16.53 -6.19 -17.50
C PRO A 481 -17.67 -7.19 -17.68
N ARG A 482 -18.79 -6.82 -18.32
CA ARG A 482 -19.94 -7.73 -18.33
C ARG A 482 -19.64 -8.97 -19.16
N ALA A 483 -18.83 -8.86 -20.21
CA ALA A 483 -18.45 -10.05 -20.97
C ALA A 483 -17.76 -11.09 -20.09
N CYS A 484 -17.07 -10.64 -19.04
CA CYS A 484 -16.45 -11.58 -18.10
C CYS A 484 -17.52 -12.40 -17.38
N ALA A 485 -18.65 -11.77 -17.04
CA ALA A 485 -19.75 -12.51 -16.42
C ALA A 485 -20.33 -13.52 -17.37
N PHE A 486 -20.52 -13.15 -18.64
CA PHE A 486 -21.11 -14.09 -19.59
C PHE A 486 -20.17 -15.25 -19.88
N ALA A 487 -18.86 -15.01 -19.84
CA ALA A 487 -17.92 -16.12 -19.96
C ALA A 487 -18.12 -17.12 -18.83
N GLU A 488 -18.39 -16.63 -17.62
CA GLU A 488 -18.59 -17.53 -16.50
C GLU A 488 -19.93 -18.25 -16.59
N VAL A 489 -20.98 -17.53 -17.00
CA VAL A 489 -22.28 -18.15 -17.21
C VAL A 489 -22.17 -19.27 -18.24
N GLY A 490 -21.34 -19.07 -19.26
CA GLY A 490 -21.21 -20.06 -20.31
C GLY A 490 -20.43 -21.29 -19.89
N TRP A 491 -19.48 -21.14 -18.97
CA TRP A 491 -18.55 -22.21 -18.63
C TRP A 491 -18.86 -22.87 -17.29
N THR A 492 -19.02 -22.09 -16.24
CA THR A 492 -19.07 -22.65 -14.88
C THR A 492 -20.37 -23.40 -14.66
N PRO A 493 -20.33 -24.54 -13.96
CA PRO A 493 -21.57 -25.22 -13.58
C PRO A 493 -22.51 -24.28 -12.83
N ALA A 494 -23.81 -24.46 -13.05
CA ALA A 494 -24.79 -23.58 -12.42
C ALA A 494 -24.68 -23.63 -10.90
N GLY A 495 -24.42 -24.82 -10.34
CA GLY A 495 -24.33 -24.97 -8.90
C GLY A 495 -23.12 -24.31 -8.27
N LYS A 496 -22.13 -23.92 -9.06
CA LYS A 496 -20.92 -23.29 -8.54
C LYS A 496 -20.88 -21.79 -8.77
N LYS A 497 -21.88 -21.23 -9.43
CA LYS A 497 -21.92 -19.78 -9.60
C LYS A 497 -22.03 -19.10 -8.24
N ASP A 498 -21.40 -17.93 -8.14
CA ASP A 498 -21.25 -17.26 -6.84
C ASP A 498 -20.84 -15.80 -7.10
N PHE A 499 -21.83 -14.92 -7.12
CA PHE A 499 -21.57 -13.55 -7.61
C PHE A 499 -20.57 -12.80 -6.75
N PRO A 500 -20.66 -12.79 -5.42
CA PRO A 500 -19.64 -12.09 -4.63
C PRO A 500 -18.25 -12.60 -4.90
N ASP A 501 -18.08 -13.93 -5.01
CA ASP A 501 -16.77 -14.50 -5.30
C ASP A 501 -16.30 -14.08 -6.69
N PHE A 502 -17.21 -14.08 -7.68
CA PHE A 502 -16.85 -13.65 -9.02
C PHE A 502 -16.34 -12.21 -9.01
N LYS A 503 -16.93 -11.34 -8.19
CA LYS A 503 -16.51 -9.94 -8.19
C LYS A 503 -15.12 -9.78 -7.58
N LYS A 504 -14.80 -10.57 -6.56
CA LYS A 504 -13.43 -10.55 -6.05
C LYS A 504 -12.45 -10.98 -7.12
N ARG A 505 -12.72 -12.12 -7.78
CA ARG A 505 -11.86 -12.56 -8.86
C ARG A 505 -11.81 -11.52 -9.98
N LEU A 506 -12.89 -10.76 -10.16
CA LEU A 506 -12.91 -9.74 -11.21
C LEU A 506 -11.94 -8.61 -10.91
N LYS A 507 -11.77 -8.25 -9.64
CA LYS A 507 -10.76 -7.25 -9.28
C LYS A 507 -9.38 -7.69 -9.74
N ALA A 508 -8.98 -8.91 -9.38
CA ALA A 508 -7.70 -9.44 -9.82
C ALA A 508 -7.63 -9.47 -11.34
N TYR A 509 -8.69 -9.95 -11.99
CA TYR A 509 -8.70 -10.02 -13.45
C TYR A 509 -8.62 -8.63 -14.08
N SER A 510 -9.09 -7.60 -13.38
CA SER A 510 -9.03 -6.25 -13.95
C SER A 510 -7.61 -5.72 -14.01
N GLU A 511 -6.68 -6.26 -13.20
CA GLU A 511 -5.27 -5.93 -13.39
C GLU A 511 -4.79 -6.40 -14.76
N ARG A 512 -5.18 -7.61 -15.16
CA ARG A 512 -4.78 -8.13 -16.46
C ARG A 512 -5.34 -7.28 -17.58
N MET A 513 -6.60 -6.83 -17.44
CA MET A 513 -7.21 -6.02 -18.49
C MET A 513 -6.48 -4.69 -18.64
N ASP A 514 -6.11 -4.06 -17.53
CA ASP A 514 -5.29 -2.85 -17.61
C ASP A 514 -4.02 -3.10 -18.41
N LEU A 515 -3.22 -4.08 -17.97
CA LEU A 515 -1.96 -4.37 -18.62
C LEU A 515 -2.13 -4.77 -20.09
N MET A 516 -3.33 -5.23 -20.47
CA MET A 516 -3.60 -5.59 -21.86
C MET A 516 -4.26 -4.46 -22.64
N GLY A 517 -4.49 -3.30 -22.01
CA GLY A 517 -5.00 -2.15 -22.73
C GLY A 517 -6.51 -2.09 -22.88
N ILE A 518 -7.25 -2.80 -22.04
CA ILE A 518 -8.70 -2.87 -22.16
C ILE A 518 -9.31 -1.80 -21.25
N LYS A 519 -9.97 -0.81 -21.86
CA LYS A 519 -10.57 0.30 -21.12
C LYS A 519 -11.98 -0.09 -20.67
N PHE A 520 -12.00 -1.03 -19.72
CA PHE A 520 -13.26 -1.49 -19.16
C PHE A 520 -13.88 -0.42 -18.26
N ALA A 521 -15.19 -0.56 -18.02
CA ALA A 521 -15.89 0.41 -17.19
C ALA A 521 -15.40 0.33 -15.75
N ARG A 522 -15.12 1.49 -15.16
CA ARG A 522 -14.39 1.60 -13.91
C ARG A 522 -15.28 1.48 -12.67
N ASN A 523 -16.42 2.16 -12.65
CA ASN A 523 -17.21 2.33 -11.44
C ASN A 523 -18.14 1.14 -11.17
N VAL A 524 -17.74 -0.07 -11.57
CA VAL A 524 -18.65 -1.21 -11.70
C VAL A 524 -18.21 -2.38 -10.83
N ILE A 525 -16.95 -2.76 -10.90
CA ILE A 525 -16.51 -4.03 -10.33
C ILE A 525 -16.76 -4.06 -8.83
N SER A 526 -16.60 -2.92 -8.15
CA SER A 526 -16.58 -2.89 -6.70
C SER A 526 -17.89 -2.45 -6.07
N GLN A 527 -18.95 -2.33 -6.85
CA GLN A 527 -20.26 -1.98 -6.30
C GLN A 527 -20.75 -3.11 -5.39
N ILE A 528 -21.61 -2.75 -4.45
CA ILE A 528 -22.33 -3.70 -3.61
C ILE A 528 -23.80 -3.69 -4.03
N ASP A 529 -24.34 -4.87 -4.30
CA ASP A 529 -25.74 -5.03 -4.65
C ASP A 529 -26.37 -6.10 -3.76
N LYS A 530 -27.70 -6.03 -3.64
CA LYS A 530 -28.42 -6.99 -2.81
C LYS A 530 -28.15 -8.43 -3.24
N SER A 531 -27.83 -8.65 -4.51
CA SER A 531 -27.58 -9.99 -5.00
C SER A 531 -26.31 -10.61 -4.43
N ASP A 532 -25.44 -9.81 -3.79
CA ASP A 532 -24.28 -10.35 -3.10
C ASP A 532 -24.66 -11.21 -1.90
N PHE A 533 -25.94 -11.23 -1.49
CA PHE A 533 -26.31 -11.73 -0.18
C PHE A 533 -27.43 -12.78 -0.21
N PHE A 534 -27.73 -13.37 -1.37
CA PHE A 534 -28.70 -14.46 -1.36
C PHE A 534 -28.14 -15.68 -0.62
N ASN A 535 -26.83 -15.87 -0.65
CA ASN A 535 -26.17 -16.97 0.04
C ASN A 535 -25.61 -16.54 1.39
N THR A 536 -26.17 -15.48 1.99
CA THR A 536 -25.63 -14.88 3.21
C THR A 536 -26.73 -14.71 4.25
N PRO A 537 -26.49 -15.07 5.51
CA PRO A 537 -27.56 -14.95 6.52
C PRO A 537 -27.97 -13.51 6.78
N ARG A 538 -29.27 -13.34 7.01
CA ARG A 538 -29.87 -12.06 7.36
C ARG A 538 -30.20 -12.05 8.85
N ILE A 539 -29.70 -11.06 9.57
CA ILE A 539 -29.81 -11.02 11.03
C ILE A 539 -30.73 -9.91 11.52
N GLY A 540 -31.25 -9.07 10.63
CA GLY A 540 -32.16 -8.03 11.06
C GLY A 540 -32.49 -7.09 9.92
N THR A 541 -33.27 -6.07 10.28
CA THR A 541 -33.65 -5.02 9.36
C THR A 541 -33.75 -3.72 10.14
N TRP A 542 -33.92 -2.62 9.42
CA TRP A 542 -34.32 -1.37 10.03
C TRP A 542 -35.52 -0.81 9.28
N THR A 543 -36.35 -0.09 10.03
CA THR A 543 -37.59 0.50 9.54
C THR A 543 -37.69 1.89 10.16
N PRO A 544 -38.60 2.74 9.70
CA PRO A 544 -38.80 4.02 10.39
C PRO A 544 -39.06 3.82 11.87
N ALA A 545 -39.64 2.68 12.24
CA ALA A 545 -39.96 2.44 13.65
C ALA A 545 -38.74 2.09 14.48
N THR A 546 -37.79 1.34 13.91
CA THR A 546 -36.56 1.04 14.65
C THR A 546 -35.60 2.22 14.67
N LEU A 547 -35.83 3.23 13.84
CA LEU A 547 -35.01 4.44 13.86
C LEU A 547 -35.48 5.45 14.90
N THR A 548 -36.48 5.11 15.71
CA THR A 548 -36.80 5.91 16.89
C THR A 548 -35.82 5.67 18.03
N ARG A 549 -34.86 4.76 17.84
CA ARG A 549 -33.70 4.61 18.71
C ARG A 549 -32.46 4.50 17.84
N GLU A 550 -31.31 4.75 18.45
CA GLU A 550 -30.05 4.66 17.71
C GLU A 550 -29.26 3.40 18.01
N GLU A 551 -29.50 2.76 19.16
CA GLU A 551 -28.86 1.49 19.47
C GLU A 551 -29.74 0.34 19.00
N HIS A 552 -29.15 -0.54 18.20
CA HIS A 552 -29.88 -1.67 17.60
C HIS A 552 -29.10 -2.95 17.86
N SER A 553 -29.79 -3.98 18.34
CA SER A 553 -29.19 -5.26 18.66
C SER A 553 -29.77 -6.34 17.75
N PHE A 554 -28.90 -7.21 17.26
CA PHE A 554 -29.28 -8.32 16.39
C PHE A 554 -28.59 -9.57 16.89
N ASP A 555 -29.37 -10.63 17.10
CA ASP A 555 -28.80 -11.86 17.64
C ASP A 555 -28.05 -12.62 16.57
N VAL A 556 -26.87 -13.14 16.93
CA VAL A 556 -26.06 -13.94 16.02
C VAL A 556 -25.50 -15.15 16.76
N THR A 557 -26.13 -15.54 17.86
CA THR A 557 -25.62 -16.65 18.67
C THR A 557 -25.41 -17.89 17.82
N LYS A 558 -26.40 -18.24 17.00
CA LYS A 558 -26.32 -19.46 16.20
C LYS A 558 -25.29 -19.36 15.08
N LEU A 559 -24.82 -18.15 14.75
CA LEU A 559 -23.89 -17.97 13.65
C LEU A 559 -22.44 -17.90 14.10
N VAL A 560 -22.17 -17.71 15.39
CA VAL A 560 -20.80 -17.62 15.88
C VAL A 560 -20.40 -19.03 16.31
N LYS A 561 -19.78 -19.76 15.38
CA LYS A 561 -19.38 -21.14 15.61
C LYS A 561 -17.87 -21.30 15.74
N ALA A 562 -17.07 -20.33 15.31
CA ALA A 562 -15.63 -20.45 15.39
C ALA A 562 -15.01 -19.06 15.44
N SER A 563 -13.76 -19.02 15.87
CA SER A 563 -12.97 -17.81 15.81
C SER A 563 -12.88 -17.32 14.37
N GLY A 564 -12.78 -16.00 14.20
CA GLY A 564 -12.51 -15.45 12.89
C GLY A 564 -13.29 -14.20 12.52
N LYS A 565 -13.05 -13.74 11.30
CA LYS A 565 -13.60 -12.48 10.82
C LYS A 565 -15.03 -12.66 10.34
N HIS A 566 -15.91 -11.77 10.76
CA HIS A 566 -17.28 -11.72 10.28
C HIS A 566 -17.56 -10.32 9.74
N THR A 567 -18.19 -10.27 8.57
CA THR A 567 -18.51 -9.01 7.90
C THR A 567 -19.99 -8.72 8.06
N VAL A 568 -20.30 -7.57 8.64
CA VAL A 568 -21.67 -7.08 8.78
C VAL A 568 -21.89 -6.03 7.72
N THR A 569 -22.97 -6.18 6.94
CA THR A 569 -23.32 -5.23 5.90
C THR A 569 -24.70 -4.65 6.20
N LEU A 570 -24.78 -3.33 6.27
CA LEU A 570 -26.05 -2.62 6.44
C LEU A 570 -26.44 -2.09 5.06
N LEU A 571 -27.41 -2.74 4.43
CA LEU A 571 -27.75 -2.51 3.04
C LEU A 571 -29.13 -1.86 2.96
N TYR A 572 -29.16 -0.58 2.60
CA TYR A 572 -30.40 0.13 2.36
C TYR A 572 -31.21 -0.54 1.26
N ASP A 573 -32.51 -0.67 1.48
CA ASP A 573 -33.43 -1.25 0.50
C ASP A 573 -34.30 -0.21 -0.19
N LYS A 574 -34.94 0.66 0.57
CA LYS A 574 -35.83 1.66 -0.01
C LYS A 574 -36.07 2.77 1.01
N GLY A 575 -36.75 3.82 0.56
CA GLY A 575 -37.12 4.91 1.43
C GLY A 575 -36.48 6.22 1.02
N ALA A 576 -37.04 7.33 1.49
CA ALA A 576 -36.52 8.65 1.13
C ALA A 576 -35.18 8.95 1.80
N HIS A 577 -34.86 8.28 2.89
CA HIS A 577 -33.71 8.64 3.71
C HIS A 577 -32.73 7.47 3.82
N ALA A 578 -31.44 7.81 3.85
CA ALA A 578 -30.40 6.85 4.15
C ALA A 578 -30.24 6.74 5.66
N ILE A 579 -29.30 5.91 6.09
CA ILE A 579 -28.88 5.86 7.49
C ILE A 579 -27.41 6.26 7.56
N GLU A 580 -27.06 6.96 8.63
CA GLU A 580 -25.67 7.25 8.97
C GLU A 580 -25.24 6.27 10.06
N ILE A 581 -24.11 5.61 9.85
CA ILE A 581 -23.65 4.52 10.72
C ILE A 581 -22.40 4.99 11.47
N GLU A 582 -22.44 4.90 12.79
CA GLU A 582 -21.29 5.29 13.60
C GLU A 582 -20.37 4.11 13.90
N SER A 583 -20.92 2.94 14.23
CA SER A 583 -20.07 1.77 14.45
C SER A 583 -20.95 0.53 14.53
N VAL A 584 -20.30 -0.63 14.43
CA VAL A 584 -20.90 -1.94 14.62
C VAL A 584 -19.98 -2.73 15.54
N ALA A 585 -20.56 -3.42 16.51
CA ALA A 585 -19.77 -4.16 17.48
C ALA A 585 -20.36 -5.54 17.69
N LEU A 586 -19.52 -6.46 18.16
CA LEU A 586 -19.92 -7.79 18.57
C LEU A 586 -19.84 -7.87 20.10
N TYR A 587 -20.89 -8.39 20.71
CA TYR A 587 -20.95 -8.56 22.15
C TYR A 587 -21.01 -10.03 22.49
N GLU A 588 -20.19 -10.44 23.45
CA GLU A 588 -20.25 -11.77 24.05
C GLU A 588 -21.00 -11.61 25.37
N ASN A 589 -22.18 -12.23 25.45
CA ASN A 589 -23.11 -11.90 26.52
C ASN A 589 -23.30 -10.39 26.53
N SER A 590 -22.96 -9.71 27.63
CA SER A 590 -23.17 -8.28 27.74
C SER A 590 -21.88 -7.47 27.57
N ARG A 591 -20.79 -8.09 27.15
CA ARG A 591 -19.51 -7.41 27.03
C ARG A 591 -19.10 -7.31 25.57
N GLU A 592 -18.47 -6.19 25.22
CA GLU A 592 -17.93 -6.00 23.88
C GLU A 592 -16.64 -6.80 23.73
N VAL A 593 -16.51 -7.49 22.59
CA VAL A 593 -15.29 -8.20 22.24
C VAL A 593 -14.78 -7.84 20.86
N SER A 594 -15.41 -6.89 20.16
CA SER A 594 -14.93 -6.42 18.87
C SER A 594 -15.77 -5.23 18.45
N ARG A 595 -15.12 -4.19 17.94
CA ARG A 595 -15.82 -3.01 17.44
C ARG A 595 -15.10 -2.47 16.22
N ASP A 596 -15.86 -2.15 15.18
CA ASP A 596 -15.38 -1.45 13.99
C ASP A 596 -16.11 -0.11 13.96
N ALA A 597 -15.42 0.95 14.36
CA ALA A 597 -15.97 2.30 14.37
C ALA A 597 -15.44 3.05 13.15
N HIS A 598 -16.34 3.35 12.22
CA HIS A 598 -16.01 4.20 11.09
C HIS A 598 -17.31 4.71 10.50
N ALA A 599 -17.25 5.91 9.92
CA ALA A 599 -18.46 6.53 9.39
C ALA A 599 -18.91 5.81 8.12
N GLY A 600 -20.18 5.43 8.09
CA GLY A 600 -20.77 4.84 6.91
C GLY A 600 -22.11 5.48 6.59
N ARG A 601 -22.52 5.32 5.34
CA ARG A 601 -23.80 5.86 4.88
C ARG A 601 -24.39 4.86 3.89
N SER A 602 -25.57 4.32 4.22
CA SER A 602 -26.23 3.33 3.39
C SER A 602 -27.56 3.91 2.91
N GLY A 603 -27.59 4.31 1.65
CA GLY A 603 -28.80 4.87 1.04
C GLY A 603 -28.78 4.66 -0.45
N ALA A 604 -29.20 5.68 -1.20
CA ALA A 604 -29.04 5.62 -2.66
C ALA A 604 -27.58 5.40 -3.04
N HIS A 605 -26.67 6.07 -2.35
CA HIS A 605 -25.25 5.80 -2.44
C HIS A 605 -24.83 5.01 -1.20
N LYS A 606 -23.91 4.06 -1.40
CA LYS A 606 -23.43 3.18 -0.35
C LYS A 606 -21.96 3.51 -0.09
N GLU A 607 -21.68 4.03 1.10
CA GLU A 607 -20.35 4.50 1.50
C GLU A 607 -19.93 3.74 2.76
N ASN A 608 -18.98 2.82 2.62
CA ASN A 608 -18.36 2.13 3.75
C ASN A 608 -19.42 1.42 4.61
N ILE A 609 -20.25 0.60 3.97
CA ILE A 609 -21.39 0.00 4.65
C ILE A 609 -21.05 -1.39 5.18
N GLN A 610 -19.79 -1.78 5.09
CA GLN A 610 -19.34 -3.09 5.55
C GLN A 610 -18.45 -2.92 6.77
N TYR A 611 -18.76 -3.67 7.83
CA TYR A 611 -18.07 -3.57 9.10
C TYR A 611 -17.48 -4.93 9.45
N ILE A 612 -16.21 -4.93 9.85
CA ILE A 612 -15.45 -6.15 10.08
C ILE A 612 -15.44 -6.41 11.58
N LEU A 613 -15.89 -7.60 11.97
CA LEU A 613 -15.93 -8.01 13.36
C LEU A 613 -15.06 -9.25 13.56
N ASN A 614 -14.34 -9.27 14.66
CA ASN A 614 -13.46 -10.38 15.01
C ASN A 614 -14.14 -11.22 16.09
N ALA A 615 -14.59 -12.41 15.70
CA ALA A 615 -15.25 -13.24 16.71
C ALA A 615 -14.21 -14.05 17.49
N PRO A 616 -14.34 -14.13 18.80
CA PRO A 616 -13.50 -15.06 19.55
C PRO A 616 -13.99 -16.48 19.34
N ALA A 617 -13.13 -17.44 19.65
CA ALA A 617 -13.61 -18.80 19.80
C ALA A 617 -14.80 -18.77 20.75
N PRO A 618 -15.93 -19.38 20.37
CA PRO A 618 -17.16 -19.14 21.13
C PRO A 618 -17.05 -19.63 22.57
N ARG A 619 -17.70 -18.92 23.47
CA ARG A 619 -17.88 -19.36 24.84
C ARG A 619 -19.16 -20.18 24.90
N GLN A 620 -19.03 -21.46 25.25
CA GLN A 620 -20.20 -22.31 25.36
C GLN A 620 -21.24 -21.66 26.27
N GLY A 621 -22.48 -21.60 25.78
CA GLY A 621 -23.58 -21.07 26.56
C GLY A 621 -23.74 -19.56 26.49
N ALA A 622 -22.79 -18.86 25.89
CA ALA A 622 -22.90 -17.41 25.80
C ALA A 622 -23.80 -17.01 24.63
N THR A 623 -24.38 -15.83 24.75
CA THR A 623 -25.07 -15.22 23.62
C THR A 623 -24.10 -14.32 22.88
N TYR A 624 -24.34 -14.15 21.58
CA TYR A 624 -23.59 -13.20 20.78
C TYR A 624 -24.56 -12.25 20.10
N THR A 625 -24.26 -10.96 20.19
CA THR A 625 -25.14 -9.91 19.72
C THR A 625 -24.32 -8.94 18.88
N VAL A 626 -24.79 -8.67 17.67
CA VAL A 626 -24.28 -7.56 16.88
C VAL A 626 -25.04 -6.30 17.28
N LYS A 627 -24.32 -5.29 17.74
CA LYS A 627 -24.90 -4.00 18.07
C LYS A 627 -24.39 -2.96 17.08
N ALA A 628 -25.32 -2.27 16.44
CA ALA A 628 -25.00 -1.28 15.41
C ALA A 628 -25.63 0.05 15.80
N ASN A 629 -24.80 1.09 15.85
CA ASN A 629 -25.26 2.43 16.20
C ASN A 629 -25.45 3.20 14.90
N PHE A 630 -26.71 3.55 14.60
CA PHE A 630 -27.00 4.29 13.38
C PHE A 630 -28.34 5.00 13.53
N LYS A 631 -28.55 5.99 12.65
CA LYS A 631 -29.74 6.82 12.70
C LYS A 631 -30.08 7.27 11.28
N GLY A 632 -31.33 7.69 11.10
CA GLY A 632 -31.75 8.21 9.81
C GLY A 632 -31.06 9.53 9.51
N ALA A 633 -30.70 9.72 8.24
CA ALA A 633 -30.00 10.91 7.77
C ALA A 633 -31.02 11.87 7.16
N GLY A 634 -31.41 12.88 7.94
CA GLY A 634 -32.41 13.83 7.49
C GLY A 634 -33.84 13.34 7.60
N GLY A 635 -34.06 12.19 8.23
CA GLY A 635 -35.39 11.64 8.34
C GLY A 635 -35.31 10.16 8.64
N ARG A 636 -36.48 9.56 8.85
CA ARG A 636 -36.59 8.18 9.28
C ARG A 636 -37.28 7.28 8.28
N ASP A 637 -37.60 7.77 7.08
CA ASP A 637 -38.21 6.91 6.07
C ASP A 637 -37.08 6.13 5.38
N SER A 638 -36.64 5.08 6.06
CA SER A 638 -35.53 4.26 5.58
C SER A 638 -35.79 2.80 5.94
N HIS A 639 -35.63 1.92 4.97
CA HIS A 639 -35.69 0.48 5.18
C HIS A 639 -34.38 -0.14 4.69
N GLY A 640 -33.88 -1.12 5.42
CA GLY A 640 -32.70 -1.84 4.99
C GLY A 640 -32.60 -3.18 5.68
N THR A 641 -31.59 -3.93 5.27
CA THR A 641 -31.34 -5.28 5.76
C THR A 641 -29.91 -5.36 6.29
N VAL A 642 -29.75 -6.13 7.37
CA VAL A 642 -28.45 -6.32 8.01
C VAL A 642 -28.03 -7.76 7.77
N TYR A 643 -26.88 -7.93 7.11
CA TYR A 643 -26.37 -9.23 6.71
C TYR A 643 -25.14 -9.57 7.55
N PHE A 644 -24.91 -10.87 7.74
CA PHE A 644 -23.85 -11.37 8.61
C PHE A 644 -23.11 -12.49 7.88
N GLU A 645 -21.89 -12.20 7.42
CA GLU A 645 -21.08 -13.17 6.68
C GLU A 645 -20.11 -13.87 7.63
N THR A 646 -19.97 -15.18 7.46
CA THR A 646 -19.09 -16.01 8.28
C THR A 646 -18.21 -16.86 7.38
N PRO A 647 -17.28 -16.24 6.64
CA PRO A 647 -16.41 -16.90 5.65
C PRO A 647 -15.99 -18.32 6.04
N GLN B 2 15.24 -2.55 14.81
CA GLN B 2 14.24 -3.62 14.90
C GLN B 2 14.24 -4.24 16.29
N GLU B 3 14.18 -3.37 17.31
CA GLU B 3 13.97 -3.80 18.69
C GLU B 3 12.51 -4.21 18.82
N GLN B 4 12.19 -5.39 18.29
CA GLN B 4 10.84 -5.94 18.37
C GLN B 4 10.68 -6.93 19.52
N ILE B 5 11.79 -7.33 20.16
CA ILE B 5 11.76 -8.52 21.00
C ILE B 5 10.81 -8.31 22.17
N ILE B 6 9.93 -9.28 22.38
CA ILE B 6 9.19 -9.44 23.62
C ILE B 6 9.71 -10.69 24.32
N PRO B 7 10.17 -10.60 25.57
CA PRO B 7 10.27 -9.40 26.39
C PRO B 7 11.42 -8.47 25.99
N LYS B 8 11.31 -7.19 26.34
CA LYS B 8 12.37 -6.23 26.04
C LYS B 8 13.65 -6.69 26.71
N PRO B 9 14.75 -6.88 25.97
CA PRO B 9 16.01 -7.26 26.62
C PRO B 9 16.47 -6.20 27.62
N ALA B 10 17.42 -6.61 28.46
CA ALA B 10 17.86 -5.76 29.58
C ALA B 10 18.81 -4.65 29.12
N GLU B 11 19.78 -4.97 28.27
CA GLU B 11 20.77 -4.00 27.82
C GLU B 11 20.94 -4.14 26.31
N ILE B 12 20.79 -3.02 25.61
CA ILE B 12 20.95 -3.01 24.16
C ILE B 12 21.73 -1.76 23.76
N THR B 13 22.67 -1.93 22.82
CA THR B 13 23.47 -0.83 22.30
C THR B 13 23.49 -0.97 20.78
N LEU B 14 22.88 0.01 20.10
CA LEU B 14 22.77 -0.04 18.65
C LEU B 14 23.94 0.69 18.01
N PHE B 15 24.33 0.23 16.83
CA PHE B 15 25.42 0.80 16.05
C PHE B 15 24.89 1.31 14.72
N THR B 16 25.82 1.74 13.86
CA THR B 16 25.50 2.20 12.52
C THR B 16 26.09 1.22 11.51
N GLY B 17 25.36 1.00 10.42
CA GLY B 17 25.73 0.03 9.41
C GLY B 17 24.60 -0.93 9.12
N SER B 18 24.87 -1.85 8.20
CA SER B 18 23.89 -2.86 7.84
C SER B 18 24.00 -4.05 8.80
N PRO B 19 22.99 -4.93 8.80
CA PRO B 19 23.01 -6.05 9.75
C PRO B 19 23.63 -7.31 9.16
N ALA B 20 23.75 -8.34 9.99
CA ALA B 20 24.18 -9.65 9.52
C ALA B 20 23.02 -10.35 8.83
N ARG B 21 23.36 -11.21 7.87
CA ARG B 21 22.35 -11.92 7.11
C ARG B 21 22.76 -13.38 6.95
N LEU B 22 21.83 -14.29 7.21
CA LEU B 22 22.08 -15.72 7.06
C LEU B 22 21.83 -16.13 5.61
N THR B 23 22.86 -16.65 4.96
CA THR B 23 22.79 -17.15 3.61
C THR B 23 22.89 -18.67 3.61
N PRO B 24 22.72 -19.31 2.44
CA PRO B 24 22.95 -20.77 2.37
C PRO B 24 24.39 -21.16 2.59
N ASP B 25 25.30 -20.19 2.72
CA ASP B 25 26.67 -20.47 3.12
C ASP B 25 26.85 -20.50 4.62
N SER B 26 25.99 -19.80 5.37
CA SER B 26 26.19 -19.61 6.80
C SER B 26 26.34 -20.95 7.52
N LEU B 27 27.18 -20.96 8.54
CA LEU B 27 27.45 -22.14 9.35
C LEU B 27 27.16 -21.83 10.82
N ILE B 28 26.90 -22.89 11.58
CA ILE B 28 26.87 -22.83 13.03
C ILE B 28 28.10 -23.60 13.52
N ILE B 29 29.00 -22.89 14.20
CA ILE B 29 30.25 -23.48 14.68
C ILE B 29 30.27 -23.38 16.20
N THR B 30 30.65 -24.46 16.86
CA THR B 30 30.71 -24.52 18.32
C THR B 30 32.13 -24.24 18.77
N GLU B 31 32.33 -23.14 19.49
CA GLU B 31 33.63 -22.79 20.05
C GLU B 31 33.74 -23.23 21.51
N THR B 32 33.34 -24.48 21.77
CA THR B 32 33.45 -25.06 23.10
C THR B 32 33.07 -26.53 23.06
N GLN B 33 33.71 -27.34 23.90
CA GLN B 33 33.47 -28.78 23.93
C GLN B 33 32.41 -29.18 24.94
N ASP B 34 31.85 -28.23 25.69
CA ASP B 34 30.84 -28.53 26.69
C ASP B 34 29.64 -29.22 26.03
N LYS B 35 29.37 -30.45 26.48
CA LYS B 35 28.30 -31.24 25.86
C LYS B 35 26.95 -30.55 25.96
N ALA B 36 26.69 -29.82 27.04
CA ALA B 36 25.41 -29.13 27.17
C ALA B 36 25.25 -28.09 26.06
N PHE B 37 26.33 -27.41 25.70
CA PHE B 37 26.27 -26.47 24.58
C PHE B 37 26.14 -27.18 23.24
N LEU B 38 26.75 -28.36 23.12
CA LEU B 38 26.68 -29.11 21.86
C LEU B 38 25.27 -29.63 21.62
N ASP B 39 24.59 -30.08 22.68
CA ASP B 39 23.21 -30.52 22.53
C ASP B 39 22.31 -29.34 22.18
N GLN B 40 22.57 -28.17 22.75
CA GLN B 40 21.78 -26.98 22.40
C GLN B 40 22.07 -26.52 20.98
N ALA B 41 23.31 -26.66 20.53
CA ALA B 41 23.63 -26.27 19.15
C ALA B 41 22.88 -27.14 18.16
N GLY B 42 22.76 -28.44 18.44
CA GLY B 42 21.93 -29.29 17.60
C GLY B 42 20.49 -28.84 17.57
N GLN B 43 19.96 -28.43 18.73
CA GLN B 43 18.62 -27.85 18.77
C GLN B 43 18.55 -26.60 17.92
N LEU B 44 19.44 -25.65 18.15
CA LEU B 44 19.43 -24.39 17.41
C LEU B 44 19.49 -24.64 15.91
N GLN B 45 20.42 -25.49 15.48
CA GLN B 45 20.56 -25.77 14.06
C GLN B 45 19.27 -26.35 13.47
N GLN B 46 18.70 -27.35 14.13
CA GLN B 46 17.49 -27.99 13.60
C GLN B 46 16.36 -26.98 13.46
N MET B 47 16.12 -26.19 14.49
CA MET B 47 15.06 -25.18 14.43
C MET B 47 15.31 -24.19 13.29
N LEU B 48 16.47 -23.54 13.31
CA LEU B 48 16.74 -22.46 12.36
C LEU B 48 16.74 -22.98 10.92
N SER B 49 17.20 -24.21 10.70
CA SER B 49 17.22 -24.75 9.35
C SER B 49 15.80 -24.84 8.78
N ALA B 50 14.87 -25.38 9.56
CA ALA B 50 13.50 -25.53 9.08
C ALA B 50 12.80 -24.18 8.96
N GLY B 51 13.05 -23.28 9.89
CA GLY B 51 12.39 -21.98 9.83
C GLY B 51 12.82 -21.17 8.62
N THR B 52 14.13 -21.06 8.40
CA THR B 52 14.64 -20.28 7.28
C THR B 52 14.78 -21.09 6.00
N GLY B 53 14.75 -22.42 6.08
CA GLY B 53 14.99 -23.23 4.90
C GLY B 53 16.42 -23.21 4.42
N LEU B 54 17.37 -22.78 5.28
CA LEU B 54 18.78 -22.75 4.91
C LEU B 54 19.52 -23.96 5.48
N PRO B 55 20.62 -24.38 4.86
CA PRO B 55 21.36 -25.52 5.39
C PRO B 55 21.79 -25.33 6.84
N LEU B 56 22.46 -24.22 7.14
CA LEU B 56 23.01 -23.92 8.46
C LEU B 56 23.66 -25.18 9.04
N PRO B 57 24.81 -25.59 8.52
CA PRO B 57 25.46 -26.80 9.02
C PRO B 57 26.27 -26.56 10.28
N LEU B 58 26.32 -27.59 11.13
CA LEU B 58 27.21 -27.58 12.28
C LEU B 58 28.59 -28.05 11.85
N LYS B 59 29.59 -27.18 11.99
CA LYS B 59 30.97 -27.52 11.71
C LYS B 59 31.83 -27.24 12.94
N PRO B 60 32.78 -28.11 13.27
CA PRO B 60 33.66 -27.83 14.41
C PRO B 60 34.41 -26.53 14.19
N ALA B 61 34.78 -25.88 15.30
CA ALA B 61 35.40 -24.56 15.23
C ALA B 61 36.68 -24.61 14.41
N GLY B 62 36.94 -23.50 13.71
CA GLY B 62 38.06 -23.39 12.81
C GLY B 62 37.68 -23.45 11.35
N GLN B 63 36.55 -24.08 11.02
CA GLN B 63 36.05 -24.14 9.65
C GLN B 63 35.08 -23.01 9.36
N ALA B 64 35.37 -21.80 9.85
CA ALA B 64 34.51 -20.65 9.65
C ALA B 64 35.03 -19.85 8.47
N SER B 65 34.23 -19.76 7.42
CA SER B 65 34.55 -18.96 6.24
C SER B 65 33.88 -17.60 6.39
N LYS B 66 34.64 -16.53 6.19
CA LYS B 66 34.14 -15.18 6.34
C LYS B 66 33.37 -14.71 5.11
N LYS B 67 33.23 -15.57 4.10
CA LYS B 67 32.27 -15.32 3.03
C LYS B 67 30.93 -14.91 3.60
N ALA B 68 30.35 -15.78 4.42
CA ALA B 68 29.03 -15.58 5.01
C ALA B 68 29.15 -15.43 6.52
N ALA B 69 28.29 -14.59 7.09
CA ALA B 69 28.18 -14.50 8.53
C ALA B 69 27.72 -15.85 9.09
N CYS B 70 28.47 -16.37 10.05
CA CYS B 70 28.15 -17.63 10.71
C CYS B 70 27.70 -17.37 12.14
N ILE B 71 27.07 -18.37 12.74
CA ILE B 71 26.62 -18.32 14.11
C ILE B 71 27.68 -18.97 14.99
N VAL B 72 28.21 -18.21 15.94
CA VAL B 72 29.21 -18.69 16.88
C VAL B 72 28.55 -18.89 18.24
N ILE B 73 28.70 -20.09 18.79
CA ILE B 73 28.18 -20.44 20.10
C ILE B 73 29.37 -20.49 21.06
N LYS B 74 29.56 -19.43 21.83
CA LYS B 74 30.62 -19.35 22.82
C LYS B 74 30.09 -19.68 24.21
N LYS B 75 31.02 -19.96 25.11
CA LYS B 75 30.74 -20.07 26.54
C LYS B 75 31.54 -18.99 27.25
N ASP B 76 30.84 -18.05 27.87
CA ASP B 76 31.45 -16.88 28.50
C ASP B 76 31.17 -16.91 29.99
N PRO B 77 32.14 -17.31 30.82
CA PRO B 77 31.92 -17.29 32.28
C PRO B 77 31.60 -15.91 32.85
N ALA B 78 31.81 -14.83 32.09
CA ALA B 78 31.50 -13.50 32.60
C ALA B 78 30.02 -13.37 32.94
N LEU B 79 29.15 -14.06 32.21
CA LEU B 79 27.71 -13.90 32.34
C LEU B 79 27.11 -14.59 33.55
N ALA B 80 27.91 -15.31 34.35
CA ALA B 80 27.35 -16.08 35.45
C ALA B 80 26.79 -15.21 36.56
N ALA B 81 27.29 -13.98 36.70
CA ALA B 81 26.72 -13.06 37.69
C ALA B 81 25.23 -12.85 37.47
N ARG B 82 24.74 -13.06 36.25
CA ARG B 82 23.35 -12.82 35.91
C ARG B 82 22.50 -14.08 35.91
N GLY B 83 23.11 -15.25 36.17
CA GLY B 83 22.35 -16.48 36.32
C GLY B 83 22.41 -17.35 35.08
N GLU B 84 21.80 -18.53 35.22
CA GLU B 84 21.89 -19.56 34.18
C GLU B 84 21.16 -19.19 32.90
N GLU B 85 20.27 -18.21 32.93
CA GLU B 85 19.46 -17.85 31.78
C GLU B 85 19.98 -16.64 31.03
N ALA B 86 21.10 -16.06 31.47
CA ALA B 86 21.68 -14.92 30.78
C ALA B 86 22.40 -15.35 29.52
N TYR B 87 22.54 -14.41 28.59
CA TYR B 87 23.23 -14.66 27.33
C TYR B 87 23.57 -13.31 26.71
N SER B 88 24.38 -13.35 25.65
CA SER B 88 24.75 -12.14 24.92
C SER B 88 24.72 -12.44 23.43
N ILE B 89 24.35 -11.43 22.65
CA ILE B 89 24.28 -11.52 21.20
C ILE B 89 25.08 -10.37 20.60
N GLN B 90 26.13 -10.68 19.87
CA GLN B 90 26.94 -9.69 19.16
C GLN B 90 26.69 -9.89 17.68
N SER B 91 26.09 -8.90 17.03
CA SER B 91 25.61 -9.02 15.66
C SER B 91 26.36 -8.08 14.74
N SER B 92 26.81 -8.60 13.60
CA SER B 92 27.48 -7.86 12.54
C SER B 92 27.77 -8.83 11.41
N PRO B 93 27.99 -8.36 10.18
CA PRO B 93 28.27 -9.30 9.08
C PRO B 93 29.50 -10.16 9.31
N SER B 94 30.39 -9.76 10.24
CA SER B 94 31.48 -10.65 10.63
C SER B 94 30.98 -11.95 11.23
N GLY B 95 29.73 -11.96 11.72
CA GLY B 95 29.16 -13.14 12.33
C GLY B 95 28.26 -12.80 13.51
N ILE B 96 27.46 -13.76 13.95
CA ILE B 96 26.55 -13.58 15.10
C ILE B 96 27.09 -14.46 16.22
N ILE B 97 27.50 -13.82 17.32
CA ILE B 97 28.11 -14.53 18.44
C ILE B 97 27.06 -14.65 19.55
N LEU B 98 26.64 -15.88 19.84
CA LEU B 98 25.70 -16.16 20.92
C LEU B 98 26.49 -16.82 22.04
N SER B 99 26.66 -16.11 23.15
CA SER B 99 27.45 -16.58 24.28
C SER B 99 26.57 -16.74 25.52
N ALA B 100 27.01 -17.58 26.45
CA ALA B 100 26.27 -17.82 27.67
C ALA B 100 27.13 -18.64 28.62
N ALA B 101 26.94 -18.40 29.92
CA ALA B 101 27.66 -19.19 30.93
C ALA B 101 27.06 -20.59 31.05
N ASP B 102 25.75 -20.71 30.93
CA ASP B 102 25.06 -21.99 30.98
C ASP B 102 24.33 -22.21 29.65
N ALA B 103 24.23 -23.48 29.25
CA ALA B 103 23.61 -23.80 27.97
C ALA B 103 22.19 -23.25 27.86
N ARG B 104 21.46 -23.14 28.98
CA ARG B 104 20.12 -22.58 28.93
C ARG B 104 20.13 -21.19 28.31
N GLY B 105 21.18 -20.41 28.57
CA GLY B 105 21.26 -19.09 27.99
C GLY B 105 21.28 -19.09 26.47
N ILE B 106 21.90 -20.11 25.87
CA ILE B 106 21.98 -20.16 24.41
C ILE B 106 20.59 -20.34 23.81
N PHE B 107 19.76 -21.18 24.42
CA PHE B 107 18.42 -21.40 23.89
C PHE B 107 17.66 -20.07 23.81
N TYR B 108 17.70 -19.28 24.87
CA TYR B 108 17.04 -17.99 24.85
C TYR B 108 17.69 -17.05 23.85
N ALA B 109 19.00 -17.12 23.69
CA ALA B 109 19.66 -16.35 22.64
C ALA B 109 19.07 -16.70 21.28
N GLY B 110 18.80 -17.99 21.05
CA GLY B 110 18.21 -18.41 19.79
C GLY B 110 16.78 -17.94 19.62
N GLN B 111 16.00 -17.88 20.70
CA GLN B 111 14.64 -17.36 20.61
C GLN B 111 14.65 -15.87 20.26
N SER B 112 15.56 -15.11 20.86
CA SER B 112 15.72 -13.71 20.48
C SER B 112 16.13 -13.57 19.02
N LEU B 113 17.07 -14.41 18.57
CA LEU B 113 17.45 -14.44 17.17
C LEU B 113 16.21 -14.56 16.27
N VAL B 114 15.25 -15.40 16.67
CA VAL B 114 14.07 -15.63 15.86
C VAL B 114 13.20 -14.38 15.78
N GLN B 115 13.01 -13.71 16.92
CA GLN B 115 12.18 -12.51 16.94
C GLN B 115 12.83 -11.32 16.24
N MET B 116 14.08 -11.45 15.81
CA MET B 116 14.76 -10.40 15.05
C MET B 116 14.81 -10.70 13.55
N MET B 117 14.27 -11.83 13.13
CA MET B 117 14.20 -12.26 11.74
C MET B 117 12.78 -12.15 11.21
N PRO B 118 12.61 -12.28 9.89
CA PRO B 118 11.26 -12.16 9.31
C PRO B 118 10.31 -13.23 9.84
N SER B 119 9.06 -12.84 10.03
CA SER B 119 8.06 -13.74 10.60
C SER B 119 7.80 -14.95 9.73
N VAL B 120 8.17 -14.90 8.44
CA VAL B 120 8.00 -16.02 7.52
C VAL B 120 8.66 -17.26 8.11
N PHE B 121 9.61 -17.06 9.02
CA PHE B 121 10.21 -18.15 9.79
C PHE B 121 9.15 -19.14 10.26
N HIS B 122 8.00 -18.63 10.72
CA HIS B 122 6.99 -19.47 11.35
C HIS B 122 6.01 -20.07 10.37
N ASP B 123 5.91 -19.55 9.15
CA ASP B 123 5.03 -20.14 8.14
C ASP B 123 5.62 -21.44 7.64
N ARG B 124 4.88 -22.54 7.77
CA ARG B 124 5.44 -23.83 7.40
C ARG B 124 5.43 -24.03 5.88
N THR B 125 4.40 -23.53 5.20
CA THR B 125 4.30 -23.64 3.75
C THR B 125 4.69 -22.34 3.04
N GLY B 126 5.44 -21.46 3.72
CA GLY B 126 5.83 -20.21 3.11
C GLY B 126 6.95 -20.38 2.10
N ASP B 127 7.15 -19.34 1.29
CA ASP B 127 8.20 -19.32 0.27
C ASP B 127 9.44 -18.70 0.91
N LYS B 128 10.14 -19.53 1.70
CA LYS B 128 11.25 -19.04 2.50
C LYS B 128 12.47 -18.65 1.66
N SER B 129 12.60 -19.20 0.46
CA SER B 129 13.74 -18.84 -0.39
C SER B 129 13.63 -17.45 -0.99
N ALA B 130 12.49 -16.78 -0.83
CA ALA B 130 12.35 -15.40 -1.28
C ALA B 130 12.86 -14.39 -0.26
N VAL B 131 13.14 -14.82 0.97
CA VAL B 131 13.41 -13.91 2.07
C VAL B 131 14.90 -13.61 2.16
N ARG B 132 15.20 -12.41 2.65
CA ARG B 132 16.55 -12.05 3.08
C ARG B 132 16.57 -12.18 4.60
N TRP B 133 17.35 -13.14 5.09
CA TRP B 133 17.31 -13.51 6.51
C TRP B 133 18.24 -12.60 7.30
N ASN B 134 17.82 -11.34 7.41
CA ASN B 134 18.56 -10.34 8.16
C ASN B 134 18.25 -10.43 9.64
N ILE B 135 19.28 -10.26 10.47
CA ILE B 135 19.12 -10.19 11.91
C ILE B 135 18.91 -8.72 12.27
N SER B 136 17.65 -8.33 12.45
CA SER B 136 17.31 -6.92 12.72
C SER B 136 17.80 -6.08 11.54
N GLU B 137 18.19 -4.83 11.79
CA GLU B 137 18.53 -3.91 10.72
C GLU B 137 19.88 -3.20 10.88
N THR B 138 20.57 -3.38 11.99
CA THR B 138 21.87 -2.75 12.19
C THR B 138 22.74 -3.69 13.01
N PRO B 139 24.01 -3.35 13.21
CA PRO B 139 24.82 -4.07 14.19
C PRO B 139 24.35 -3.72 15.60
N PHE B 140 24.59 -4.63 16.53
CA PHE B 140 24.11 -4.40 17.89
C PHE B 140 24.76 -5.39 18.84
N ARG B 141 24.85 -4.99 20.11
CA ARG B 141 25.21 -5.89 21.20
C ARG B 141 24.03 -5.96 22.16
N ILE B 142 23.63 -7.19 22.51
CA ILE B 142 22.56 -7.43 23.47
C ILE B 142 23.17 -8.17 24.66
N THR B 143 22.93 -7.64 25.87
CA THR B 143 23.30 -8.32 27.11
C THR B 143 22.01 -8.50 27.91
N ASP B 144 21.50 -9.73 27.94
CA ASP B 144 20.15 -10.02 28.39
C ASP B 144 20.15 -10.94 29.60
N TYR B 145 19.17 -10.75 30.48
CA TYR B 145 18.97 -11.60 31.65
C TYR B 145 17.61 -11.28 32.24
N PRO B 146 17.03 -12.23 33.00
CA PRO B 146 15.70 -12.01 33.57
C PRO B 146 15.73 -11.28 34.90
N ARG B 147 14.78 -10.35 35.07
CA ARG B 147 14.60 -9.69 36.36
C ARG B 147 14.17 -10.70 37.42
N PHE B 148 13.21 -11.56 37.09
CA PHE B 148 12.70 -12.57 38.01
C PHE B 148 13.10 -13.96 37.53
N SER B 149 13.40 -14.84 38.48
CA SER B 149 13.78 -16.21 38.14
C SER B 149 12.59 -17.11 37.88
N TRP B 150 11.40 -16.74 38.39
CA TRP B 150 10.20 -17.56 38.30
C TRP B 150 9.19 -16.83 37.43
N ARG B 151 8.97 -17.31 36.21
CA ARG B 151 8.10 -16.67 35.22
C ARG B 151 7.15 -17.74 34.70
N ALA B 152 5.99 -17.86 35.35
CA ALA B 152 5.17 -19.06 35.24
C ALA B 152 3.83 -18.81 34.55
N LEU B 153 3.38 -19.83 33.83
CA LEU B 153 2.04 -19.89 33.28
C LEU B 153 1.39 -21.18 33.76
N MET B 154 0.19 -21.08 34.31
CA MET B 154 -0.54 -22.25 34.79
C MET B 154 -1.64 -22.63 33.80
N ILE B 155 -1.70 -23.90 33.44
CA ILE B 155 -2.76 -24.44 32.60
C ILE B 155 -3.57 -25.42 33.45
N ASP B 156 -4.88 -25.18 33.52
CA ASP B 156 -5.82 -26.06 34.21
C ASP B 156 -6.34 -27.08 33.20
N GLU B 157 -5.95 -28.33 33.38
CA GLU B 157 -6.49 -29.43 32.57
C GLU B 157 -7.44 -30.32 33.36
N ALA B 158 -7.70 -30.00 34.63
CA ALA B 158 -8.68 -30.73 35.40
C ALA B 158 -10.10 -30.33 35.00
N ARG B 159 -10.36 -29.03 34.89
CA ARG B 159 -11.69 -28.55 34.53
C ARG B 159 -12.06 -28.96 33.11
N HIS B 160 -11.15 -28.76 32.16
CA HIS B 160 -11.26 -29.32 30.82
C HIS B 160 -9.90 -29.85 30.40
N PHE B 161 -9.87 -31.06 29.85
CA PHE B 161 -8.65 -31.72 29.42
C PHE B 161 -8.38 -31.38 27.96
N PHE B 162 -7.14 -30.99 27.68
CA PHE B 162 -6.73 -30.56 26.34
C PHE B 162 -5.80 -31.54 25.65
N GLY B 163 -4.84 -32.12 26.36
CA GLY B 163 -4.04 -33.20 25.81
C GLY B 163 -2.67 -32.74 25.32
N GLU B 164 -1.95 -33.71 24.75
CA GLU B 164 -0.52 -33.53 24.48
C GLU B 164 -0.29 -32.46 23.41
N LYS B 165 -0.99 -32.55 22.28
CA LYS B 165 -0.73 -31.61 21.19
C LYS B 165 -0.95 -30.17 21.64
N THR B 166 -2.02 -29.92 22.41
CA THR B 166 -2.31 -28.55 22.84
C THR B 166 -1.26 -28.04 23.83
N ILE B 167 -0.80 -28.90 24.75
CA ILE B 167 0.12 -28.42 25.78
C ILE B 167 1.51 -28.18 25.21
N LYS B 168 1.92 -28.96 24.20
CA LYS B 168 3.18 -28.69 23.53
C LYS B 168 3.12 -27.35 22.79
N GLN B 169 1.96 -27.06 22.19
CA GLN B 169 1.77 -25.76 21.53
C GLN B 169 1.87 -24.62 22.54
N ILE B 170 1.26 -24.79 23.71
CA ILE B 170 1.40 -23.80 24.78
C ILE B 170 2.86 -23.65 25.18
N ILE B 171 3.55 -24.79 25.37
CA ILE B 171 4.96 -24.75 25.74
C ILE B 171 5.76 -23.98 24.71
N ASP B 172 5.42 -24.11 23.42
CA ASP B 172 6.13 -23.40 22.37
C ASP B 172 6.02 -21.89 22.55
N GLN B 173 4.81 -21.40 22.85
CA GLN B 173 4.63 -19.97 23.05
C GLN B 173 5.35 -19.48 24.30
N MET B 174 5.31 -20.28 25.37
CA MET B 174 6.04 -19.90 26.58
C MET B 174 7.53 -19.76 26.28
N ALA B 175 8.09 -20.70 25.51
CA ALA B 175 9.53 -20.68 25.26
C ALA B 175 9.94 -19.48 24.43
N LEU B 176 9.11 -19.08 23.46
CA LEU B 176 9.44 -17.93 22.64
C LEU B 176 9.32 -16.62 23.41
N LEU B 177 8.52 -16.60 24.48
CA LEU B 177 8.41 -15.47 25.38
C LEU B 177 9.31 -15.62 26.60
N LYS B 178 10.13 -16.67 26.65
CA LYS B 178 11.11 -16.87 27.71
C LYS B 178 10.46 -17.09 29.08
N MET B 179 9.21 -17.58 29.10
CA MET B 179 8.61 -18.04 30.35
C MET B 179 9.11 -19.45 30.64
N ASN B 180 9.48 -19.70 31.91
CA ASN B 180 10.27 -20.88 32.25
C ASN B 180 9.60 -21.85 33.22
N ILE B 181 8.35 -21.63 33.61
CA ILE B 181 7.66 -22.54 34.53
C ILE B 181 6.29 -22.85 33.95
N LEU B 182 6.03 -24.13 33.70
CA LEU B 182 4.69 -24.62 33.39
C LEU B 182 4.10 -25.18 34.68
N HIS B 183 3.16 -24.46 35.26
CA HIS B 183 2.43 -24.90 36.45
C HIS B 183 1.23 -25.70 35.96
N TRP B 184 1.28 -27.02 36.16
CA TRP B 184 0.35 -27.95 35.53
C TRP B 184 -0.71 -28.35 36.54
N HIS B 185 -1.90 -27.76 36.42
CA HIS B 185 -3.00 -28.01 37.35
C HIS B 185 -3.76 -29.23 36.84
N LEU B 186 -3.43 -30.40 37.39
CA LEU B 186 -3.83 -31.68 36.81
C LEU B 186 -4.93 -32.41 37.56
N THR B 187 -5.31 -31.94 38.75
CA THR B 187 -6.40 -32.56 39.50
C THR B 187 -7.27 -31.49 40.13
N ASP B 188 -8.57 -31.76 40.19
CA ASP B 188 -9.53 -30.86 40.82
C ASP B 188 -10.82 -31.64 41.05
N ASP B 189 -11.90 -30.93 41.38
CA ASP B 189 -13.16 -31.62 41.66
C ASP B 189 -13.71 -32.31 40.43
N THR B 190 -13.51 -31.73 39.24
CA THR B 190 -14.16 -32.20 38.03
C THR B 190 -13.25 -33.06 37.15
N GLY B 191 -12.07 -33.44 37.65
CA GLY B 191 -11.22 -34.31 36.87
C GLY B 191 -9.87 -34.63 37.49
N TRP B 192 -9.37 -35.83 37.21
CA TRP B 192 -8.04 -36.28 37.60
C TRP B 192 -7.34 -36.78 36.33
N ARG B 193 -6.25 -36.12 35.94
CA ARG B 193 -5.69 -36.30 34.61
C ARG B 193 -4.33 -37.01 34.61
N ILE B 194 -3.84 -37.50 35.74
CA ILE B 194 -2.53 -38.14 35.82
C ILE B 194 -2.71 -39.61 36.17
N GLU B 195 -2.17 -40.48 35.33
CA GLU B 195 -2.18 -41.91 35.61
C GLU B 195 -1.39 -42.21 36.86
N ILE B 196 -2.03 -42.85 37.84
CA ILE B 196 -1.37 -43.36 39.03
C ILE B 196 -1.54 -44.87 38.99
N LYS B 197 -0.43 -45.58 38.77
CA LYS B 197 -0.50 -47.03 38.59
C LYS B 197 -0.96 -47.74 39.85
N LYS B 198 -0.62 -47.21 41.03
CA LYS B 198 -1.02 -47.86 42.27
C LYS B 198 -2.52 -47.73 42.55
N TYR B 199 -3.18 -46.72 41.98
CA TYR B 199 -4.58 -46.42 42.25
C TYR B 199 -5.28 -46.17 40.93
N PRO B 200 -5.61 -47.24 40.19
CA PRO B 200 -6.09 -47.06 38.81
C PRO B 200 -7.44 -46.36 38.69
N ARG B 201 -8.28 -46.36 39.72
CA ARG B 201 -9.58 -45.71 39.60
C ARG B 201 -9.46 -44.19 39.57
N LEU B 202 -8.32 -43.62 39.96
CA LEU B 202 -8.13 -42.18 39.87
C LEU B 202 -8.35 -41.69 38.44
N THR B 203 -7.92 -42.48 37.46
CA THR B 203 -8.18 -42.16 36.06
C THR B 203 -9.36 -42.94 35.49
N SER B 204 -9.51 -44.22 35.83
CA SER B 204 -10.59 -45.01 35.27
C SER B 204 -11.95 -44.45 35.67
N ILE B 205 -12.04 -43.82 36.84
CA ILE B 205 -13.25 -43.15 37.31
C ILE B 205 -13.08 -41.64 37.31
N GLY B 206 -11.98 -41.15 37.88
CA GLY B 206 -11.82 -39.73 38.10
C GLY B 206 -11.58 -38.91 36.85
N SER B 207 -11.20 -39.55 35.75
CA SER B 207 -10.95 -38.84 34.51
C SER B 207 -12.17 -38.75 33.62
N LYS B 208 -13.33 -39.19 34.09
CA LYS B 208 -14.55 -39.23 33.31
C LYS B 208 -15.69 -38.54 34.07
N ARG B 209 -16.51 -37.79 33.35
CA ARG B 209 -17.73 -37.21 33.91
C ARG B 209 -18.80 -37.18 32.82
N ARG B 210 -20.06 -37.25 33.26
CA ARG B 210 -21.18 -37.41 32.33
C ARG B 210 -21.34 -36.19 31.42
N GLU B 211 -21.20 -34.99 31.98
CA GLU B 211 -21.48 -33.77 31.23
C GLU B 211 -20.87 -32.60 31.99
N SER B 212 -20.92 -31.42 31.37
CA SER B 212 -20.30 -30.24 31.95
C SER B 212 -21.26 -29.07 31.98
N GLU B 213 -21.26 -28.36 33.10
CA GLU B 213 -21.86 -27.03 33.20
C GLU B 213 -21.18 -26.09 32.21
N ILE B 214 -21.96 -25.25 31.55
CA ILE B 214 -21.46 -24.28 30.59
C ILE B 214 -21.99 -22.90 30.93
N GLY B 215 -21.38 -21.89 30.31
CA GLY B 215 -21.81 -20.51 30.52
C GLY B 215 -21.12 -19.87 31.70
N THR B 216 -21.47 -20.30 32.91
CA THR B 216 -20.86 -19.80 34.13
C THR B 216 -21.38 -20.64 35.29
N TRP B 217 -20.86 -20.33 36.49
CA TRP B 217 -21.30 -21.02 37.70
C TRP B 217 -22.79 -20.79 37.94
N ASN B 218 -23.50 -21.86 38.28
CA ASN B 218 -24.93 -21.81 38.58
C ASN B 218 -25.75 -21.41 37.36
N SER B 219 -25.24 -21.65 36.16
CA SER B 219 -25.97 -21.27 34.96
C SER B 219 -27.27 -22.05 34.82
N GLY B 220 -27.32 -23.27 35.35
CA GLY B 220 -28.39 -24.19 35.01
C GLY B 220 -28.31 -24.74 33.61
N LYS B 221 -27.24 -24.45 32.87
CA LYS B 221 -27.04 -24.93 31.51
C LYS B 221 -25.97 -26.02 31.52
N SER B 222 -26.14 -26.97 30.60
CA SER B 222 -25.21 -28.08 30.46
C SER B 222 -25.04 -28.41 28.98
N ASP B 223 -23.87 -28.94 28.63
CA ASP B 223 -23.60 -29.36 27.26
C ASP B 223 -24.07 -30.78 26.98
N GLY B 224 -24.51 -31.52 28.00
CA GLY B 224 -24.98 -32.88 27.78
C GLY B 224 -23.97 -33.81 27.17
N THR B 225 -22.69 -33.45 27.20
CA THR B 225 -21.65 -34.18 26.49
C THR B 225 -20.64 -34.75 27.48
N PRO B 226 -20.43 -36.07 27.51
CA PRO B 226 -19.40 -36.62 28.39
C PRO B 226 -18.03 -36.05 28.05
N HIS B 227 -17.20 -35.94 29.08
CA HIS B 227 -15.86 -35.40 28.94
C HIS B 227 -14.88 -36.31 29.66
N GLU B 228 -13.85 -36.77 28.95
CA GLU B 228 -12.88 -37.67 29.53
C GLU B 228 -11.50 -37.36 28.96
N GLY B 229 -10.48 -37.85 29.65
CA GLY B 229 -9.11 -37.64 29.22
C GLY B 229 -8.13 -37.62 30.37
N PHE B 230 -6.95 -38.20 30.16
CA PHE B 230 -5.90 -38.20 31.16
C PHE B 230 -4.58 -38.46 30.47
N TYR B 231 -3.50 -38.10 31.15
CA TYR B 231 -2.16 -38.37 30.66
C TYR B 231 -1.66 -39.67 31.27
N THR B 232 -1.13 -40.55 30.42
CA THR B 232 -0.33 -41.66 30.91
C THR B 232 1.00 -41.13 31.43
N GLN B 233 1.73 -41.99 32.14
CA GLN B 233 3.05 -41.57 32.63
C GLN B 233 4.07 -41.53 31.50
N GLU B 234 3.89 -42.35 30.47
CA GLU B 234 4.74 -42.21 29.28
C GLU B 234 4.52 -40.86 28.61
N GLN B 235 3.25 -40.42 28.51
CA GLN B 235 2.99 -39.10 27.95
C GLN B 235 3.65 -38.01 28.77
N ILE B 236 3.60 -38.13 30.10
CA ILE B 236 4.13 -37.08 30.97
C ILE B 236 5.64 -36.98 30.83
N ARG B 237 6.34 -38.12 30.82
CA ARG B 237 7.78 -38.09 30.63
C ARG B 237 8.14 -37.43 29.30
N ASP B 238 7.42 -37.80 28.24
CA ASP B 238 7.66 -37.19 26.94
C ASP B 238 7.41 -35.68 26.99
N ILE B 239 6.38 -35.25 27.71
CA ILE B 239 6.09 -33.82 27.80
C ILE B 239 7.09 -33.12 28.71
N VAL B 240 7.57 -33.81 29.76
CA VAL B 240 8.59 -33.22 30.61
C VAL B 240 9.85 -32.91 29.81
N GLN B 241 10.31 -33.87 29.02
CA GLN B 241 11.50 -33.67 28.19
C GLN B 241 11.26 -32.59 27.16
N TYR B 242 10.12 -32.66 26.46
CA TYR B 242 9.78 -31.62 25.48
C TYR B 242 9.89 -30.23 26.11
N ALA B 243 9.41 -30.09 27.34
CA ALA B 243 9.47 -28.80 28.02
C ALA B 243 10.89 -28.46 28.45
N ALA B 244 11.62 -29.45 28.98
CA ALA B 244 12.99 -29.19 29.43
C ALA B 244 13.87 -28.72 28.29
N ARG B 245 13.66 -29.28 27.08
CA ARG B 245 14.43 -28.83 25.93
C ARG B 245 14.25 -27.33 25.70
N ARG B 246 13.09 -26.79 26.05
CA ARG B 246 12.76 -25.39 25.80
C ARG B 246 12.85 -24.53 27.06
N ASN B 247 13.72 -24.92 27.99
CA ASN B 247 14.06 -24.12 29.18
C ASN B 247 12.92 -24.04 30.18
N ILE B 248 12.01 -25.00 30.18
CA ILE B 248 10.80 -24.93 31.01
C ILE B 248 10.81 -26.11 31.98
N THR B 249 10.68 -25.79 33.26
CA THR B 249 10.44 -26.79 34.30
C THR B 249 8.95 -26.92 34.53
N ILE B 250 8.47 -28.15 34.64
CA ILE B 250 7.06 -28.41 34.92
C ILE B 250 6.88 -28.56 36.42
N VAL B 251 6.01 -27.73 36.99
CA VAL B 251 5.62 -27.85 38.39
C VAL B 251 4.25 -28.52 38.46
N PRO B 252 4.17 -29.79 38.83
CA PRO B 252 2.86 -30.45 38.89
C PRO B 252 2.09 -29.98 40.12
N GLU B 253 0.76 -29.99 40.00
CA GLU B 253 -0.12 -29.67 41.12
C GLU B 253 -1.09 -30.81 41.36
N ILE B 254 -1.10 -31.32 42.59
CA ILE B 254 -2.10 -32.26 43.08
C ILE B 254 -2.89 -31.53 44.16
N GLU B 255 -4.11 -31.13 43.83
CA GLU B 255 -4.88 -30.27 44.73
C GLU B 255 -5.27 -31.01 46.00
N MET B 256 -5.14 -30.31 47.13
CA MET B 256 -5.47 -30.81 48.46
C MET B 256 -5.36 -29.67 49.45
N PRO B 257 -6.12 -29.67 50.56
CA PRO B 257 -7.11 -30.66 50.97
C PRO B 257 -8.46 -30.48 50.26
N GLY B 258 -8.64 -29.36 49.56
CA GLY B 258 -9.82 -29.14 48.78
C GLY B 258 -9.70 -29.68 47.38
N HIS B 259 -10.76 -29.46 46.58
CA HIS B 259 -10.77 -29.82 45.17
C HIS B 259 -10.47 -31.31 44.97
N ALA B 260 -11.19 -32.14 45.72
CA ALA B 260 -10.91 -33.57 45.80
C ALA B 260 -12.00 -34.46 45.25
N SER B 261 -13.06 -33.90 44.66
CA SER B 261 -14.23 -34.71 44.32
C SER B 261 -13.86 -35.92 43.47
N ALA B 262 -13.05 -35.70 42.43
CA ALA B 262 -12.75 -36.81 41.52
C ALA B 262 -11.96 -37.91 42.23
N ALA B 263 -11.01 -37.53 43.09
CA ALA B 263 -10.28 -38.53 43.85
C ALA B 263 -11.21 -39.27 44.81
N ALA B 264 -12.11 -38.54 45.46
CA ALA B 264 -13.00 -39.16 46.44
C ALA B 264 -13.95 -40.15 45.78
N VAL B 265 -14.62 -39.74 44.71
CA VAL B 265 -15.51 -40.66 44.01
C VAL B 265 -14.77 -41.92 43.59
N ALA B 266 -13.49 -41.78 43.21
CA ALA B 266 -12.69 -42.95 42.89
C ALA B 266 -12.44 -43.79 44.13
N TYR B 267 -12.20 -43.16 45.28
CA TYR B 267 -11.91 -43.86 46.53
C TYR B 267 -12.65 -43.16 47.66
N PRO B 268 -13.90 -43.53 47.92
CA PRO B 268 -14.76 -42.70 48.79
C PRO B 268 -14.26 -42.54 50.23
N PHE B 269 -13.37 -43.39 50.72
CA PHE B 269 -12.86 -43.19 52.07
C PHE B 269 -12.03 -41.91 52.19
N LEU B 270 -11.65 -41.30 51.07
CA LEU B 270 -10.78 -40.12 51.11
C LEU B 270 -11.48 -38.85 51.55
N SER B 271 -12.81 -38.86 51.64
CA SER B 271 -13.56 -37.67 52.03
C SER B 271 -14.69 -38.06 52.98
N LEU B 272 -15.04 -37.13 53.86
CA LEU B 272 -16.20 -37.31 54.72
C LEU B 272 -17.52 -37.03 54.01
N LYS B 273 -17.48 -36.43 52.82
CA LYS B 273 -18.68 -36.07 52.07
C LYS B 273 -18.44 -36.34 50.59
N THR B 274 -18.09 -37.58 50.28
CA THR B 274 -17.80 -37.97 48.89
C THR B 274 -19.06 -37.87 48.05
N PRO B 275 -19.02 -37.22 46.88
CA PRO B 275 -20.19 -37.21 46.01
C PRO B 275 -20.48 -38.58 45.40
N GLY B 276 -21.70 -38.72 44.86
CA GLY B 276 -22.08 -39.98 44.25
C GLY B 276 -21.50 -40.21 42.87
N GLU B 277 -21.10 -39.15 42.18
CA GLU B 277 -20.44 -39.26 40.89
C GLU B 277 -19.50 -38.08 40.73
N VAL B 278 -18.61 -38.17 39.76
CA VAL B 278 -17.77 -37.01 39.47
C VAL B 278 -18.67 -35.82 39.16
N PRO B 279 -18.52 -34.67 39.84
CA PRO B 279 -19.47 -33.58 39.65
C PRO B 279 -19.59 -33.17 38.18
N THR B 280 -20.82 -32.86 37.78
CA THR B 280 -21.12 -32.32 36.46
C THR B 280 -21.17 -30.79 36.46
N THR B 281 -21.02 -30.16 37.62
CA THR B 281 -20.97 -28.71 37.74
C THR B 281 -19.68 -28.31 38.42
N PHE B 282 -19.34 -27.02 38.32
CA PHE B 282 -18.09 -26.50 38.83
C PHE B 282 -18.24 -25.80 40.18
N ILE B 283 -19.42 -25.90 40.81
CA ILE B 283 -19.64 -25.29 42.12
C ILE B 283 -19.41 -26.28 43.26
N VAL B 284 -19.09 -27.52 42.97
CA VAL B 284 -18.90 -28.54 44.00
C VAL B 284 -17.42 -28.62 44.35
N ASN B 285 -17.09 -28.43 45.63
CA ASN B 285 -15.72 -28.47 46.12
C ASN B 285 -15.65 -29.38 47.33
N THR B 286 -15.15 -30.60 47.12
CA THR B 286 -15.08 -31.62 48.16
C THR B 286 -13.71 -31.60 48.84
N ALA B 287 -13.71 -31.84 50.15
CA ALA B 287 -12.50 -31.82 50.96
C ALA B 287 -12.05 -33.23 51.30
N PHE B 288 -10.74 -33.47 51.23
CA PHE B 288 -10.17 -34.68 51.79
C PHE B 288 -10.44 -34.72 53.29
N ASP B 289 -10.47 -35.92 53.85
CA ASP B 289 -10.67 -36.12 55.28
C ASP B 289 -9.34 -35.91 56.02
N PRO B 290 -9.17 -34.81 56.74
CA PRO B 290 -7.89 -34.57 57.42
C PRO B 290 -7.72 -35.31 58.73
N THR B 291 -8.74 -36.06 59.18
CA THR B 291 -8.71 -36.73 60.47
C THR B 291 -8.30 -38.19 60.39
N SER B 292 -8.02 -38.70 59.19
CA SER B 292 -7.81 -40.13 58.97
C SER B 292 -6.44 -40.36 58.36
N GLU B 293 -5.68 -41.29 58.96
CA GLU B 293 -4.33 -41.57 58.48
C GLU B 293 -4.34 -42.08 57.05
N LYS B 294 -5.37 -42.84 56.67
CA LYS B 294 -5.42 -43.38 55.31
C LYS B 294 -5.36 -42.28 54.26
N THR B 295 -5.88 -41.09 54.58
CA THR B 295 -5.82 -39.98 53.62
C THR B 295 -4.37 -39.60 53.32
N TYR B 296 -3.57 -39.43 54.37
CA TYR B 296 -2.18 -39.01 54.18
C TYR B 296 -1.36 -40.09 53.49
N ALA B 297 -1.59 -41.36 53.85
CA ALA B 297 -0.85 -42.45 53.23
C ALA B 297 -1.20 -42.58 51.75
N PHE B 298 -2.48 -42.39 51.41
CA PHE B 298 -2.89 -42.43 50.00
C PHE B 298 -2.21 -41.32 49.21
N LEU B 299 -2.25 -40.09 49.72
CA LEU B 299 -1.68 -38.97 48.98
C LEU B 299 -0.15 -39.06 48.95
N SER B 300 0.46 -39.54 50.04
CA SER B 300 1.90 -39.77 50.01
C SER B 300 2.28 -40.75 48.89
N ASP B 301 1.47 -41.81 48.72
CA ASP B 301 1.69 -42.73 47.61
C ASP B 301 1.57 -42.03 46.27
N VAL B 302 0.53 -41.22 46.09
CA VAL B 302 0.36 -40.49 44.84
C VAL B 302 1.60 -39.64 44.56
N LEU B 303 2.07 -38.92 45.57
CA LEU B 303 3.22 -38.04 45.38
C LEU B 303 4.49 -38.83 45.09
N ASP B 304 4.59 -40.08 45.58
CA ASP B 304 5.72 -40.92 45.19
C ASP B 304 5.78 -41.09 43.67
N GLU B 305 4.65 -41.44 43.06
CA GLU B 305 4.62 -41.61 41.62
C GLU B 305 4.83 -40.28 40.90
N VAL B 306 4.36 -39.17 41.49
CA VAL B 306 4.60 -37.86 40.92
C VAL B 306 6.11 -37.58 40.86
N THR B 307 6.82 -37.81 41.97
CA THR B 307 8.24 -37.49 42.00
C THR B 307 9.02 -38.37 41.03
N ALA B 308 8.54 -39.58 40.75
CA ALA B 308 9.27 -40.50 39.88
C ALA B 308 9.25 -40.01 38.43
N ILE B 309 8.20 -39.32 38.02
CA ILE B 309 8.07 -38.88 36.63
C ILE B 309 8.24 -37.37 36.47
N PHE B 310 8.16 -36.59 37.55
CA PHE B 310 8.41 -35.15 37.46
C PHE B 310 9.74 -34.85 38.14
N PRO B 311 10.78 -34.50 37.38
CA PRO B 311 12.11 -34.29 37.99
C PRO B 311 12.26 -32.97 38.73
N GLY B 312 11.34 -32.03 38.52
CA GLY B 312 11.48 -30.74 39.16
C GLY B 312 11.46 -30.83 40.66
N ARG B 313 12.13 -29.86 41.30
CA ARG B 313 12.34 -29.86 42.74
C ARG B 313 11.07 -29.51 43.51
N ILE B 314 10.09 -28.89 42.88
CA ILE B 314 8.94 -28.30 43.56
C ILE B 314 7.67 -29.01 43.13
N ILE B 315 6.81 -29.32 44.11
CA ILE B 315 5.51 -29.94 43.88
C ILE B 315 4.45 -29.03 44.49
N HIS B 316 3.48 -28.63 43.68
CA HIS B 316 2.36 -27.79 44.12
C HIS B 316 1.25 -28.67 44.66
N ILE B 317 0.64 -28.25 45.77
CA ILE B 317 -0.50 -28.94 46.36
C ILE B 317 -1.77 -28.13 46.29
N GLY B 318 -1.72 -26.91 45.78
CA GLY B 318 -2.83 -26.00 45.87
C GLY B 318 -2.94 -25.43 47.26
N GLY B 319 -3.64 -26.13 48.15
CA GLY B 319 -3.73 -25.69 49.52
C GLY B 319 -4.61 -24.48 49.75
N ASP B 320 -5.41 -24.07 48.78
CA ASP B 320 -6.35 -22.99 49.02
C ASP B 320 -7.48 -23.48 49.94
N ALA B 321 -8.20 -22.51 50.51
CA ALA B 321 -9.10 -22.82 51.61
C ALA B 321 -10.19 -23.80 51.21
N VAL B 322 -10.44 -24.78 52.08
CA VAL B 322 -11.61 -25.64 51.97
C VAL B 322 -12.86 -24.80 52.23
N ARG B 323 -13.98 -25.22 51.62
CA ARG B 323 -15.28 -24.63 51.95
C ARG B 323 -15.72 -25.17 53.30
N TYR B 324 -15.30 -24.50 54.38
CA TYR B 324 -15.39 -25.12 55.71
C TYR B 324 -16.82 -25.40 56.12
N ASP B 325 -17.72 -24.43 55.91
CA ASP B 325 -19.09 -24.60 56.38
C ASP B 325 -19.81 -25.72 55.66
N LYS B 326 -19.49 -25.95 54.38
CA LYS B 326 -20.16 -27.01 53.63
C LYS B 326 -19.54 -28.39 53.90
N GLN B 327 -18.25 -28.45 54.22
CA GLN B 327 -17.52 -29.72 54.24
C GLN B 327 -17.20 -30.23 55.63
N TRP B 328 -16.89 -29.35 56.58
CA TRP B 328 -16.31 -29.74 57.85
C TRP B 328 -17.09 -29.28 59.08
N LYS B 329 -17.76 -28.13 59.00
CA LYS B 329 -18.42 -27.61 60.19
C LYS B 329 -19.52 -28.55 60.66
N GLY B 330 -19.53 -28.82 61.96
CA GLY B 330 -20.55 -29.69 62.53
C GLY B 330 -20.42 -31.15 62.18
N VAL B 331 -19.32 -31.56 61.56
CA VAL B 331 -19.05 -32.96 61.28
C VAL B 331 -18.35 -33.56 62.49
N PRO B 332 -18.91 -34.60 63.13
CA PRO B 332 -18.34 -35.07 64.40
C PRO B 332 -16.84 -35.35 64.35
N GLU B 333 -16.36 -36.00 63.28
CA GLU B 333 -14.92 -36.28 63.18
C GLU B 333 -14.11 -34.99 63.24
N ILE B 334 -14.54 -33.97 62.51
CA ILE B 334 -13.80 -32.71 62.50
C ILE B 334 -13.83 -32.04 63.87
N GLU B 335 -15.03 -31.90 64.45
CA GLU B 335 -15.15 -31.15 65.70
C GLU B 335 -14.35 -31.82 66.81
N GLU B 336 -14.32 -33.15 66.84
CA GLU B 336 -13.52 -33.84 67.85
C GLU B 336 -12.03 -33.72 67.56
N PHE B 337 -11.65 -33.86 66.28
CA PHE B 337 -10.27 -33.63 65.89
C PHE B 337 -9.77 -32.28 66.39
N MET B 338 -10.62 -31.25 66.31
CA MET B 338 -10.22 -29.92 66.76
C MET B 338 -10.04 -29.86 68.26
N LYS B 339 -10.92 -30.53 69.02
CA LYS B 339 -10.74 -30.61 70.46
C LYS B 339 -9.44 -31.34 70.81
N LYS B 340 -9.22 -32.51 70.18
CA LYS B 340 -8.03 -33.29 70.50
C LYS B 340 -6.75 -32.51 70.20
N ASN B 341 -6.77 -31.67 69.17
CA ASN B 341 -5.59 -30.92 68.74
C ASN B 341 -5.57 -29.50 69.29
N GLY B 342 -6.56 -29.10 70.07
CA GLY B 342 -6.57 -27.76 70.63
C GLY B 342 -6.74 -26.68 69.59
N MET B 343 -7.50 -26.95 68.54
CA MET B 343 -7.70 -26.00 67.46
C MET B 343 -9.02 -25.26 67.65
N LYS B 344 -9.03 -23.98 67.26
CA LYS B 344 -10.19 -23.12 67.46
C LYS B 344 -10.93 -22.77 66.18
N SER B 345 -10.39 -23.14 65.01
CA SER B 345 -10.99 -22.74 63.75
C SER B 345 -10.82 -23.87 62.74
N TYR B 346 -11.67 -23.84 61.72
CA TYR B 346 -11.55 -24.83 60.64
C TYR B 346 -10.31 -24.56 59.79
N ALA B 347 -9.85 -23.30 59.75
CA ALA B 347 -8.59 -23.01 59.08
C ALA B 347 -7.42 -23.69 59.80
N ASP B 348 -7.50 -23.83 61.13
CA ASP B 348 -6.46 -24.55 61.86
C ASP B 348 -6.36 -26.00 61.39
N VAL B 349 -7.50 -26.65 61.17
CA VAL B 349 -7.51 -28.01 60.66
C VAL B 349 -6.79 -28.07 59.31
N GLN B 350 -7.15 -27.15 58.40
CA GLN B 350 -6.52 -27.13 57.09
C GLN B 350 -5.01 -26.94 57.21
N MET B 351 -4.57 -26.01 58.07
CA MET B 351 -3.15 -25.73 58.18
C MET B 351 -2.38 -26.93 58.73
N HIS B 352 -2.98 -27.65 59.68
CA HIS B 352 -2.38 -28.90 60.13
C HIS B 352 -2.18 -29.86 58.98
N PHE B 353 -3.17 -29.95 58.08
CA PHE B 353 -3.06 -30.85 56.94
C PHE B 353 -1.93 -30.42 56.01
N THR B 354 -1.89 -29.14 55.63
CA THR B 354 -0.87 -28.68 54.70
C THR B 354 0.51 -28.70 55.34
N ASN B 355 0.61 -28.41 56.63
CA ASN B 355 1.89 -28.54 57.33
C ASN B 355 2.40 -29.96 57.24
N ARG B 356 1.54 -30.94 57.51
CA ARG B 356 1.97 -32.32 57.47
C ARG B 356 2.35 -32.75 56.05
N MET B 357 1.62 -32.27 55.05
CA MET B 357 1.97 -32.60 53.67
C MET B 357 3.31 -31.99 53.28
N SER B 358 3.68 -30.85 53.87
CA SER B 358 4.97 -30.24 53.53
C SER B 358 6.12 -31.10 54.03
N GLY B 359 5.95 -31.79 55.16
CA GLY B 359 6.97 -32.71 55.63
C GLY B 359 7.01 -33.99 54.81
N ILE B 360 5.84 -34.53 54.48
CA ILE B 360 5.78 -35.71 53.61
C ILE B 360 6.49 -35.43 52.29
N ILE B 361 6.30 -34.23 51.73
CA ILE B 361 6.95 -33.89 50.47
C ILE B 361 8.44 -33.65 50.68
N ALA B 362 8.80 -32.98 51.78
CA ALA B 362 10.21 -32.75 52.06
C ALA B 362 10.98 -34.07 52.17
N GLN B 363 10.35 -35.08 52.77
CA GLN B 363 11.04 -36.36 52.96
C GLN B 363 11.27 -37.09 51.65
N LYS B 364 10.52 -36.76 50.59
CA LYS B 364 10.75 -37.29 49.26
C LYS B 364 11.85 -36.52 48.52
N GLY B 365 12.57 -35.63 49.20
CA GLY B 365 13.54 -34.80 48.52
C GLY B 365 12.95 -33.73 47.64
N ARG B 366 11.77 -33.20 48.00
CA ARG B 366 11.06 -32.20 47.21
C ARG B 366 10.70 -31.00 48.09
N ARG B 367 10.21 -29.95 47.44
CA ARG B 367 9.71 -28.75 48.10
C ARG B 367 8.22 -28.60 47.82
N MET B 368 7.44 -28.35 48.86
CA MET B 368 6.02 -28.09 48.66
C MET B 368 5.82 -26.64 48.26
N MET B 369 4.84 -26.42 47.39
CA MET B 369 4.39 -25.09 47.00
C MET B 369 2.88 -25.06 47.17
N GLY B 370 2.35 -23.91 47.61
CA GLY B 370 0.91 -23.77 47.75
C GLY B 370 0.50 -22.32 47.82
N TRP B 371 -0.80 -22.11 47.66
CA TRP B 371 -1.38 -20.77 47.79
C TRP B 371 -1.21 -20.27 49.22
N ASN B 372 -1.43 -18.96 49.39
CA ASN B 372 -1.04 -18.32 50.64
C ASN B 372 -1.73 -18.92 51.87
N GLU B 373 -2.84 -19.65 51.69
CA GLU B 373 -3.51 -20.26 52.85
C GLU B 373 -2.56 -21.19 53.63
N ILE B 374 -1.53 -21.73 52.97
CA ILE B 374 -0.65 -22.67 53.66
C ILE B 374 0.25 -22.00 54.69
N TYR B 375 0.36 -20.67 54.67
CA TYR B 375 1.28 -19.97 55.56
C TYR B 375 0.50 -19.24 56.66
N GLY B 376 1.08 -19.20 57.86
CA GLY B 376 0.42 -18.66 59.03
C GLY B 376 1.04 -17.40 59.62
N HIS B 377 1.80 -17.55 60.68
CA HIS B 377 2.28 -16.42 61.47
C HIS B 377 3.81 -16.28 61.41
N ALA B 389 4.52 -31.17 61.67
CA ALA B 389 3.78 -30.45 62.70
C ALA B 389 3.67 -28.97 62.34
N LYS B 390 4.73 -28.43 61.76
CA LYS B 390 4.77 -27.06 61.28
C LYS B 390 5.16 -27.05 59.80
N LEU B 391 5.06 -25.88 59.19
CA LEU B 391 5.33 -25.73 57.76
C LEU B 391 6.82 -25.73 57.51
N ASP B 392 7.28 -26.63 56.64
CA ASP B 392 8.68 -26.66 56.22
C ASP B 392 9.11 -25.30 55.72
N THR B 393 10.22 -24.80 56.26
CA THR B 393 10.71 -23.47 55.90
C THR B 393 11.11 -23.37 54.43
N ASN B 394 11.31 -24.49 53.74
CA ASN B 394 11.62 -24.47 52.31
C ASN B 394 10.38 -24.41 51.43
N ALA B 395 9.18 -24.40 52.01
CA ALA B 395 7.97 -24.30 51.21
C ALA B 395 7.93 -22.96 50.47
N VAL B 396 7.36 -22.99 49.26
CA VAL B 396 7.15 -21.81 48.43
C VAL B 396 5.70 -21.37 48.57
N ILE B 397 5.48 -20.07 48.81
CA ILE B 397 4.15 -19.52 49.02
C ILE B 397 3.76 -18.72 47.77
N GLN B 398 2.64 -19.07 47.14
CA GLN B 398 2.11 -18.35 45.99
C GLN B 398 0.89 -17.55 46.42
N PHE B 399 0.92 -16.24 46.18
CA PHE B 399 -0.10 -15.32 46.69
C PHE B 399 -1.13 -15.03 45.61
N TRP B 400 -2.37 -15.46 45.85
CA TRP B 400 -3.49 -14.94 45.08
C TRP B 400 -4.11 -13.72 45.73
N LYS B 401 -3.91 -13.54 47.04
CA LYS B 401 -4.45 -12.43 47.79
C LYS B 401 -3.42 -11.31 47.90
N GLY B 402 -3.91 -10.07 47.81
CA GLY B 402 -3.04 -8.91 47.95
C GLY B 402 -2.84 -8.51 49.40
N ASN B 403 -2.00 -9.26 50.11
CA ASN B 403 -1.74 -9.03 51.54
C ASN B 403 -0.23 -8.89 51.71
N THR B 404 0.26 -7.65 51.75
CA THR B 404 1.70 -7.43 51.74
C THR B 404 2.32 -7.83 53.08
N SER B 405 1.64 -7.57 54.19
CA SER B 405 2.19 -7.95 55.49
C SER B 405 2.31 -9.46 55.63
N LEU B 406 1.35 -10.21 55.09
CA LEU B 406 1.46 -11.66 55.11
C LEU B 406 2.65 -12.13 54.27
N ALA B 407 2.87 -11.50 53.13
CA ALA B 407 4.05 -11.83 52.33
C ALA B 407 5.33 -11.40 53.03
N LYS B 408 5.32 -10.23 53.68
CA LYS B 408 6.48 -9.82 54.47
C LYS B 408 6.82 -10.88 55.52
N ASN B 409 5.82 -11.34 56.25
CA ASN B 409 6.06 -12.30 57.33
C ASN B 409 6.51 -13.64 56.78
N ALA B 410 5.97 -14.07 55.64
CA ALA B 410 6.42 -15.31 55.03
C ALA B 410 7.89 -15.20 54.63
N ILE B 411 8.28 -14.05 54.10
CA ILE B 411 9.68 -13.84 53.72
C ILE B 411 10.59 -13.86 54.94
N ARG B 412 10.21 -13.13 55.99
CA ARG B 412 11.00 -13.13 57.22
C ARG B 412 11.14 -14.55 57.77
N ASP B 413 10.10 -15.36 57.63
CA ASP B 413 10.15 -16.75 58.08
C ASP B 413 10.91 -17.65 57.12
N GLY B 414 11.53 -17.10 56.08
CA GLY B 414 12.44 -17.85 55.24
C GLY B 414 11.85 -18.42 53.97
N HIS B 415 10.68 -17.96 53.55
CA HIS B 415 10.00 -18.52 52.38
C HIS B 415 10.23 -17.67 51.14
N ASP B 416 10.56 -18.34 50.04
CA ASP B 416 10.38 -17.73 48.73
C ASP B 416 8.89 -17.53 48.46
N VAL B 417 8.54 -16.40 47.86
CA VAL B 417 7.15 -16.11 47.54
C VAL B 417 7.00 -15.79 46.06
N ILE B 418 5.83 -16.14 45.53
CA ILE B 418 5.47 -15.89 44.14
C ILE B 418 4.18 -15.07 44.16
N ASN B 419 4.15 -14.00 43.37
CA ASN B 419 2.99 -13.12 43.36
C ASN B 419 2.10 -13.46 42.17
N SER B 420 0.87 -13.86 42.47
CA SER B 420 -0.15 -14.19 41.50
C SER B 420 -1.46 -13.52 41.87
N LEU B 421 -1.38 -12.26 42.29
CA LEU B 421 -2.56 -11.47 42.62
C LEU B 421 -3.67 -11.72 41.62
N HIS B 422 -4.80 -12.25 42.10
CA HIS B 422 -5.78 -12.80 41.18
C HIS B 422 -6.49 -11.71 40.40
N THR B 423 -6.65 -10.51 40.98
CA THR B 423 -7.26 -9.42 40.24
C THR B 423 -6.39 -8.91 39.10
N SER B 424 -5.15 -9.42 38.95
CA SER B 424 -4.29 -9.03 37.85
C SER B 424 -3.74 -10.19 37.02
N THR B 425 -3.77 -11.43 37.52
CA THR B 425 -3.12 -12.55 36.85
C THR B 425 -4.05 -13.69 36.47
N TYR B 426 -5.35 -13.59 36.75
CA TYR B 426 -6.27 -14.68 36.44
C TYR B 426 -6.78 -14.49 35.02
N LEU B 427 -6.21 -15.25 34.08
CA LEU B 427 -6.49 -15.09 32.67
C LEU B 427 -7.81 -15.72 32.24
N ASP B 428 -8.50 -16.45 33.12
CA ASP B 428 -9.86 -16.84 32.81
C ASP B 428 -10.82 -15.66 32.88
N TYR B 429 -10.41 -14.56 33.52
CA TYR B 429 -11.23 -13.36 33.58
C TYR B 429 -11.31 -12.70 32.20
N SER B 430 -12.35 -11.89 32.03
CA SER B 430 -12.53 -11.17 30.78
C SER B 430 -11.52 -10.03 30.66
N TYR B 431 -11.50 -9.41 29.49
CA TYR B 431 -10.64 -8.24 29.27
C TYR B 431 -11.20 -6.98 29.92
N GLY B 432 -12.49 -6.96 30.22
CA GLY B 432 -13.01 -5.90 31.07
C GLY B 432 -12.49 -6.01 32.49
N SER B 433 -12.46 -7.23 33.04
CA SER B 433 -11.96 -7.41 34.40
C SER B 433 -10.46 -7.17 34.50
N ILE B 434 -9.70 -7.74 33.56
CA ILE B 434 -8.26 -7.54 33.51
C ILE B 434 -7.87 -7.10 32.10
N PRO B 435 -7.87 -5.81 31.78
CA PRO B 435 -7.41 -5.37 30.47
C PRO B 435 -5.92 -5.66 30.29
N LEU B 436 -5.49 -5.62 29.02
CA LEU B 436 -4.09 -5.81 28.72
C LEU B 436 -3.22 -4.84 29.52
N GLN B 437 -3.66 -3.58 29.65
CA GLN B 437 -2.89 -2.61 30.39
C GLN B 437 -2.67 -3.04 31.83
N LYS B 438 -3.72 -3.58 32.46
CA LYS B 438 -3.58 -3.96 33.87
C LYS B 438 -2.61 -5.13 34.02
N ALA B 439 -2.60 -6.06 33.06
CA ALA B 439 -1.64 -7.14 33.11
C ALA B 439 -0.21 -6.62 32.99
N TYR B 440 0.02 -5.69 32.06
CA TYR B 440 1.37 -5.16 31.88
C TYR B 440 1.80 -4.33 33.09
N GLY B 441 0.87 -3.64 33.74
CA GLY B 441 1.19 -2.84 34.90
C GLY B 441 1.37 -3.62 36.19
N PHE B 442 1.24 -4.94 36.15
CA PHE B 442 1.37 -5.74 37.35
C PHE B 442 2.81 -5.69 37.86
N GLU B 443 2.97 -5.44 39.15
CA GLU B 443 4.29 -5.38 39.78
C GLU B 443 4.41 -6.50 40.80
N PRO B 444 5.20 -7.55 40.55
CA PRO B 444 5.25 -8.68 41.49
C PRO B 444 5.74 -8.30 42.88
N VAL B 445 6.60 -7.30 43.01
CA VAL B 445 7.08 -6.91 44.34
C VAL B 445 5.92 -6.23 45.07
N PHE B 446 5.44 -6.88 46.12
CA PHE B 446 4.23 -6.43 46.81
C PHE B 446 4.36 -4.95 47.18
N PRO B 447 3.29 -4.16 47.02
CA PRO B 447 3.40 -2.72 47.30
C PRO B 447 3.63 -2.47 48.79
N GLY B 448 4.65 -1.68 49.10
CA GLY B 448 5.00 -1.35 50.46
C GLY B 448 6.01 -2.29 51.09
N LEU B 449 6.34 -3.39 50.43
CA LEU B 449 7.36 -4.30 50.97
C LEU B 449 8.71 -3.59 51.02
N GLU B 450 9.33 -3.62 52.20
CA GLU B 450 10.63 -2.99 52.38
C GLU B 450 11.69 -3.69 51.53
N LYS B 451 12.65 -2.90 51.06
CA LYS B 451 13.56 -3.38 50.02
C LYS B 451 14.42 -4.55 50.49
N GLN B 452 14.68 -4.62 51.80
CA GLN B 452 15.40 -5.76 52.36
C GLN B 452 14.83 -7.09 51.87
N TYR B 453 13.53 -7.17 51.66
CA TYR B 453 12.84 -8.41 51.39
C TYR B 453 12.56 -8.66 49.92
N HIS B 454 12.93 -7.74 49.03
CA HIS B 454 12.56 -7.88 47.63
C HIS B 454 13.15 -9.14 47.00
N SER B 455 14.35 -9.55 47.43
CA SER B 455 15.04 -10.64 46.77
C SER B 455 14.35 -11.99 46.95
N ARG B 456 13.50 -12.14 47.96
CA ARG B 456 12.74 -13.38 48.11
C ARG B 456 11.49 -13.42 47.24
N VAL B 457 11.10 -12.29 46.65
CA VAL B 457 10.01 -12.27 45.67
C VAL B 457 10.59 -12.81 44.36
N LYS B 458 10.40 -14.10 44.11
CA LYS B 458 11.11 -14.78 43.04
C LYS B 458 10.43 -14.67 41.68
N GLY B 459 9.23 -14.13 41.61
CA GLY B 459 8.60 -13.92 40.31
C GLY B 459 7.09 -13.91 40.42
N LEU B 460 6.46 -14.41 39.37
CA LEU B 460 5.02 -14.30 39.22
C LEU B 460 4.47 -15.52 38.50
N GLY B 461 3.17 -15.71 38.60
CA GLY B 461 2.48 -16.72 37.84
C GLY B 461 1.16 -16.23 37.30
N ALA B 462 0.84 -16.58 36.06
CA ALA B 462 -0.43 -16.23 35.43
C ALA B 462 -1.24 -17.51 35.22
N GLN B 463 -2.53 -17.46 35.56
CA GLN B 463 -3.35 -18.66 35.70
C GLN B 463 -4.42 -18.72 34.62
N VAL B 464 -4.48 -19.85 33.92
CA VAL B 464 -5.55 -20.11 32.98
C VAL B 464 -6.47 -21.18 33.54
N TRP B 465 -7.47 -20.78 34.33
CA TRP B 465 -8.49 -21.69 34.80
C TRP B 465 -9.48 -21.96 33.67
N THR B 466 -9.94 -23.22 33.56
CA THR B 466 -10.61 -23.69 32.36
C THR B 466 -12.02 -24.20 32.61
N GLU B 467 -12.70 -23.69 33.64
CA GLU B 467 -14.12 -23.95 33.77
C GLU B 467 -14.86 -23.66 32.46
N TRP B 468 -14.61 -22.47 31.89
CA TRP B 468 -15.36 -21.97 30.74
C TRP B 468 -14.50 -21.94 29.48
N ILE B 469 -13.60 -22.92 29.36
CA ILE B 469 -12.66 -23.04 28.26
C ILE B 469 -12.63 -24.50 27.84
N SER B 470 -13.18 -24.82 26.67
CA SER B 470 -13.29 -26.21 26.24
C SER B 470 -12.57 -26.52 24.94
N THR B 471 -11.95 -25.55 24.29
CA THR B 471 -11.21 -25.77 23.05
C THR B 471 -9.85 -25.09 23.13
N PRO B 472 -8.87 -25.58 22.35
CA PRO B 472 -7.58 -24.86 22.30
C PRO B 472 -7.74 -23.41 21.85
N GLU B 473 -8.67 -23.16 20.93
CA GLU B 473 -8.84 -21.80 20.40
C GLU B 473 -9.34 -20.85 21.49
N ARG B 474 -10.30 -21.29 22.31
CA ARG B 474 -10.75 -20.46 23.42
C ARG B 474 -9.65 -20.31 24.47
N LEU B 475 -8.82 -21.34 24.65
CA LEU B 475 -7.68 -21.23 25.54
C LEU B 475 -6.72 -20.14 25.07
N HIS B 476 -6.46 -20.08 23.76
CA HIS B 476 -5.64 -19.02 23.21
C HIS B 476 -6.27 -17.64 23.45
N TYR B 477 -7.60 -17.55 23.27
CA TYR B 477 -8.26 -16.26 23.39
C TYR B 477 -8.11 -15.70 24.80
N GLN B 478 -8.25 -16.55 25.82
CA GLN B 478 -8.14 -16.10 27.20
C GLN B 478 -6.69 -15.89 27.60
N ALA B 479 -5.77 -16.74 27.10
CA ALA B 479 -4.40 -16.70 27.57
C ALA B 479 -3.58 -15.61 26.90
N PHE B 480 -3.83 -15.34 25.62
CA PHE B 480 -3.05 -14.36 24.86
C PHE B 480 -3.94 -13.22 24.37
N PRO B 481 -3.42 -11.99 24.33
CA PRO B 481 -2.01 -11.62 24.51
C PRO B 481 -1.56 -11.21 25.92
N ARG B 482 -2.38 -11.43 26.96
CA ARG B 482 -1.95 -10.99 28.29
C ARG B 482 -0.79 -11.82 28.81
N ALA B 483 -0.66 -13.06 28.36
CA ALA B 483 0.52 -13.85 28.72
C ALA B 483 1.80 -13.21 28.19
N CYS B 484 1.72 -12.52 27.05
CA CYS B 484 2.88 -11.79 26.53
C CYS B 484 3.29 -10.68 27.49
N ALA B 485 2.30 -9.99 28.07
CA ALA B 485 2.60 -8.91 29.01
C ALA B 485 3.27 -9.43 30.27
N PHE B 486 2.80 -10.56 30.80
CA PHE B 486 3.41 -11.11 32.01
C PHE B 486 4.82 -11.63 31.73
N ALA B 487 5.05 -12.15 30.54
CA ALA B 487 6.41 -12.53 30.15
C ALA B 487 7.36 -11.35 30.24
N GLU B 488 6.87 -10.15 29.88
CA GLU B 488 7.69 -8.95 29.99
C GLU B 488 7.84 -8.51 31.45
N VAL B 489 6.72 -8.49 32.18
CA VAL B 489 6.76 -8.20 33.61
C VAL B 489 7.82 -9.06 34.30
N GLY B 490 7.92 -10.32 33.91
CA GLY B 490 8.81 -11.24 34.58
C GLY B 490 10.26 -11.17 34.14
N TRP B 491 10.53 -10.71 32.92
CA TRP B 491 11.88 -10.67 32.39
C TRP B 491 12.48 -9.28 32.35
N THR B 492 11.73 -8.30 31.84
CA THR B 492 12.31 -7.00 31.53
C THR B 492 12.61 -6.21 32.80
N PRO B 493 13.72 -5.48 32.84
CA PRO B 493 13.96 -4.61 33.99
C PRO B 493 12.81 -3.63 34.18
N ALA B 494 12.51 -3.33 35.45
CA ALA B 494 11.35 -2.49 35.76
C ALA B 494 11.48 -1.11 35.12
N GLY B 495 12.68 -0.54 35.13
CA GLY B 495 12.89 0.79 34.58
C GLY B 495 12.82 0.87 33.08
N LYS B 496 12.83 -0.26 32.39
CA LYS B 496 12.72 -0.30 30.93
C LYS B 496 11.31 -0.65 30.45
N LYS B 497 10.37 -0.85 31.35
CA LYS B 497 9.00 -1.14 30.95
C LYS B 497 8.37 0.10 30.33
N ASP B 498 7.59 -0.10 29.27
CA ASP B 498 7.04 1.00 28.48
C ASP B 498 5.83 0.46 27.74
N PHE B 499 4.64 0.65 28.32
CA PHE B 499 3.44 0.04 27.75
C PHE B 499 3.20 0.51 26.32
N PRO B 500 3.21 1.81 26.00
CA PRO B 500 3.05 2.21 24.60
C PRO B 500 4.00 1.49 23.65
N ASP B 501 5.26 1.32 24.05
CA ASP B 501 6.21 0.59 23.21
C ASP B 501 5.87 -0.90 23.16
N PHE B 502 5.46 -1.47 24.29
CA PHE B 502 5.03 -2.86 24.31
C PHE B 502 3.90 -3.09 23.31
N LYS B 503 2.94 -2.15 23.24
CA LYS B 503 1.82 -2.32 22.33
C LYS B 503 2.29 -2.34 20.88
N LYS B 504 3.25 -1.48 20.52
CA LYS B 504 3.79 -1.52 19.16
C LYS B 504 4.49 -2.85 18.90
N ARG B 505 5.31 -3.31 19.86
CA ARG B 505 5.99 -4.58 19.70
C ARG B 505 5.00 -5.73 19.65
N LEU B 506 3.91 -5.65 20.43
CA LEU B 506 2.92 -6.72 20.43
C LEU B 506 2.22 -6.83 19.08
N LYS B 507 2.01 -5.70 18.39
CA LYS B 507 1.38 -5.75 17.09
C LYS B 507 2.21 -6.55 16.10
N ALA B 508 3.54 -6.40 16.16
CA ALA B 508 4.42 -7.21 15.32
C ALA B 508 4.42 -8.66 15.79
N TYR B 509 4.55 -8.88 17.10
CA TYR B 509 4.60 -10.25 17.60
C TYR B 509 3.34 -11.03 17.26
N SER B 510 2.21 -10.34 17.07
CA SER B 510 0.97 -11.05 16.77
C SER B 510 0.96 -11.64 15.36
N GLU B 511 1.79 -11.11 14.44
CA GLU B 511 2.00 -11.81 13.18
C GLU B 511 2.56 -13.21 13.42
N ARG B 512 3.53 -13.33 14.33
CA ARG B 512 4.08 -14.64 14.66
C ARG B 512 3.00 -15.55 15.26
N MET B 513 2.21 -15.03 16.19
CA MET B 513 1.16 -15.84 16.79
C MET B 513 0.17 -16.33 15.74
N ASP B 514 -0.19 -15.46 14.78
CA ASP B 514 -1.07 -15.87 13.69
C ASP B 514 -0.50 -17.08 12.96
N LEU B 515 0.75 -16.99 12.49
CA LEU B 515 1.33 -18.09 11.71
C LEU B 515 1.50 -19.34 12.55
N MET B 516 1.69 -19.20 13.86
CA MET B 516 1.78 -20.35 14.74
C MET B 516 0.42 -20.88 15.16
N GLY B 517 -0.66 -20.21 14.77
CA GLY B 517 -1.99 -20.73 15.01
C GLY B 517 -2.58 -20.40 16.37
N ILE B 518 -2.15 -19.30 16.96
CA ILE B 518 -2.59 -18.91 18.29
C ILE B 518 -3.75 -17.92 18.12
N LYS B 519 -4.96 -18.38 18.41
CA LYS B 519 -6.17 -17.56 18.23
C LYS B 519 -6.31 -16.58 19.40
N PHE B 520 -5.34 -15.68 19.50
CA PHE B 520 -5.33 -14.65 20.52
C PHE B 520 -6.50 -13.68 20.32
N ALA B 521 -6.76 -12.87 21.36
CA ALA B 521 -7.81 -11.88 21.32
C ALA B 521 -7.37 -10.70 20.44
N ARG B 522 -8.07 -10.49 19.33
CA ARG B 522 -7.59 -9.57 18.31
C ARG B 522 -7.88 -8.11 18.65
N ASN B 523 -8.98 -7.83 19.36
CA ASN B 523 -9.43 -6.45 19.54
C ASN B 523 -8.69 -5.70 20.64
N VAL B 524 -7.77 -6.32 21.38
CA VAL B 524 -7.20 -5.70 22.57
C VAL B 524 -5.81 -5.13 22.35
N ILE B 525 -5.24 -5.29 21.16
CA ILE B 525 -3.80 -5.08 20.99
C ILE B 525 -3.45 -3.62 20.70
N SER B 526 -4.13 -2.98 19.75
CA SER B 526 -3.68 -1.69 19.22
C SER B 526 -4.48 -0.52 19.78
N GLN B 527 -4.89 -0.58 21.05
CA GLN B 527 -5.64 0.51 21.65
C GLN B 527 -4.76 1.74 21.88
N ILE B 528 -5.41 2.90 21.91
CA ILE B 528 -4.83 4.12 22.45
C ILE B 528 -5.36 4.30 23.86
N ASP B 529 -4.46 4.47 24.82
CA ASP B 529 -4.83 4.65 26.22
C ASP B 529 -4.36 6.01 26.70
N LYS B 530 -5.15 6.60 27.60
CA LYS B 530 -4.79 7.92 28.13
C LYS B 530 -3.45 7.89 28.84
N SER B 531 -3.11 6.77 29.48
CA SER B 531 -1.84 6.66 30.18
C SER B 531 -0.65 6.79 29.22
N ASP B 532 -0.85 6.51 27.93
CA ASP B 532 0.22 6.67 26.95
C ASP B 532 0.76 8.10 26.93
N PHE B 533 -0.01 9.08 27.42
CA PHE B 533 0.31 10.49 27.27
C PHE B 533 0.65 11.15 28.61
N PHE B 534 0.94 10.36 29.64
CA PHE B 534 1.19 10.94 30.96
C PHE B 534 2.40 11.86 30.94
N ASN B 535 3.37 11.61 30.06
CA ASN B 535 4.56 12.43 29.96
C ASN B 535 4.69 13.04 28.58
N THR B 536 3.54 13.35 27.96
CA THR B 536 3.49 14.04 26.69
C THR B 536 2.93 15.44 26.92
N PRO B 537 3.54 16.48 26.34
CA PRO B 537 3.06 17.85 26.61
C PRO B 537 1.58 18.03 26.29
N ARG B 538 0.91 18.78 27.15
CA ARG B 538 -0.50 19.14 26.99
C ARG B 538 -0.56 20.58 26.50
N ILE B 539 -1.15 20.79 25.32
CA ILE B 539 -1.20 22.13 24.74
C ILE B 539 -2.59 22.74 24.79
N GLY B 540 -3.59 22.01 25.27
CA GLY B 540 -4.92 22.57 25.33
C GLY B 540 -5.95 21.52 25.71
N THR B 541 -7.19 21.98 25.82
CA THR B 541 -8.33 21.12 26.05
C THR B 541 -9.50 21.64 25.21
N TRP B 542 -10.59 20.88 25.20
CA TRP B 542 -11.86 21.39 24.68
C TRP B 542 -12.94 21.13 25.72
N THR B 543 -13.91 22.03 25.74
CA THR B 543 -15.01 21.99 26.71
C THR B 543 -16.30 22.31 25.98
N PRO B 544 -17.47 22.16 26.62
CA PRO B 544 -18.71 22.56 25.95
C PRO B 544 -18.69 24.01 25.51
N ALA B 545 -17.94 24.87 26.20
CA ALA B 545 -17.88 26.28 25.84
C ALA B 545 -17.04 26.52 24.59
N THR B 546 -15.93 25.79 24.44
CA THR B 546 -15.09 25.98 23.25
C THR B 546 -15.68 25.33 22.01
N LEU B 547 -16.70 24.48 22.15
CA LEU B 547 -17.34 23.86 21.00
C LEU B 547 -18.43 24.74 20.39
N THR B 548 -18.61 25.96 20.89
CA THR B 548 -19.46 26.94 20.22
C THR B 548 -18.77 27.60 19.04
N ARG B 549 -17.51 27.27 18.77
CA ARG B 549 -16.81 27.70 17.56
C ARG B 549 -16.12 26.51 16.91
N GLU B 550 -15.85 26.66 15.62
CA GLU B 550 -15.26 25.59 14.83
C GLU B 550 -13.75 25.55 14.95
N GLU B 551 -13.10 26.71 15.07
CA GLU B 551 -11.65 26.81 15.03
C GLU B 551 -11.08 27.02 16.42
N HIS B 552 -9.97 26.33 16.71
CA HIS B 552 -9.37 26.36 18.03
C HIS B 552 -7.86 26.48 17.90
N SER B 553 -7.27 27.41 18.65
CA SER B 553 -5.86 27.74 18.56
C SER B 553 -5.14 27.32 19.83
N PHE B 554 -3.99 26.66 19.67
CA PHE B 554 -3.16 26.25 20.78
C PHE B 554 -1.72 26.65 20.49
N ASP B 555 -1.09 27.36 21.43
CA ASP B 555 0.27 27.82 21.26
C ASP B 555 1.24 26.67 21.51
N VAL B 556 2.19 26.49 20.60
CA VAL B 556 3.25 25.49 20.78
C VAL B 556 4.59 26.12 20.46
N THR B 557 4.68 27.44 20.60
CA THR B 557 5.91 28.16 20.28
C THR B 557 7.11 27.60 21.05
N LYS B 558 6.93 27.35 22.35
CA LYS B 558 8.03 26.86 23.16
C LYS B 558 8.35 25.39 22.91
N LEU B 559 7.52 24.68 22.15
CA LEU B 559 7.72 23.25 21.91
C LEU B 559 8.34 22.93 20.57
N VAL B 560 8.30 23.86 19.61
CA VAL B 560 8.81 23.62 18.26
C VAL B 560 10.28 24.06 18.27
N LYS B 561 11.18 23.08 18.36
CA LYS B 561 12.61 23.36 18.42
C LYS B 561 13.38 22.78 17.24
N ALA B 562 12.78 21.89 16.45
CA ALA B 562 13.47 21.24 15.35
C ALA B 562 12.46 20.94 14.26
N SER B 563 12.96 20.81 13.03
CA SER B 563 12.11 20.33 11.95
C SER B 563 11.68 18.90 12.21
N GLY B 564 10.64 18.47 11.51
CA GLY B 564 10.23 17.09 11.53
C GLY B 564 8.79 16.90 11.96
N LYS B 565 8.42 15.63 12.15
CA LYS B 565 7.04 15.24 12.35
C LYS B 565 6.64 15.47 13.81
N HIS B 566 5.60 16.28 14.01
CA HIS B 566 4.96 16.43 15.32
C HIS B 566 3.57 15.84 15.25
N THR B 567 3.19 15.12 16.30
CA THR B 567 1.92 14.41 16.35
C THR B 567 0.97 15.10 17.32
N VAL B 568 -0.19 15.50 16.84
CA VAL B 568 -1.26 16.05 17.67
C VAL B 568 -2.28 14.95 17.92
N THR B 569 -2.59 14.70 19.19
CA THR B 569 -3.59 13.73 19.59
C THR B 569 -4.71 14.46 20.31
N LEU B 570 -5.93 14.37 19.77
CA LEU B 570 -7.11 14.95 20.39
C LEU B 570 -7.85 13.81 21.10
N LEU B 571 -7.77 13.81 22.43
CA LEU B 571 -8.17 12.66 23.24
C LEU B 571 -9.40 13.03 24.06
N TYR B 572 -10.52 12.36 23.76
CA TYR B 572 -11.74 12.54 24.53
C TYR B 572 -11.55 12.09 25.97
N ASP B 573 -12.11 12.87 26.90
CA ASP B 573 -12.08 12.56 28.32
C ASP B 573 -13.43 12.14 28.87
N LYS B 574 -14.49 12.91 28.58
CA LYS B 574 -15.80 12.65 29.17
C LYS B 574 -16.84 13.50 28.45
N GLY B 575 -18.10 13.13 28.66
CA GLY B 575 -19.23 13.84 28.07
C GLY B 575 -20.08 12.93 27.20
N ALA B 576 -21.26 13.44 26.88
CA ALA B 576 -22.21 12.69 26.07
C ALA B 576 -21.87 12.69 24.59
N HIS B 577 -21.08 13.66 24.13
CA HIS B 577 -20.83 13.85 22.71
C HIS B 577 -19.34 13.75 22.40
N ALA B 578 -19.02 13.06 21.31
CA ALA B 578 -17.70 13.09 20.74
C ALA B 578 -17.47 14.42 20.03
N ILE B 579 -16.27 14.61 19.51
CA ILE B 579 -15.98 15.69 18.57
C ILE B 579 -15.64 15.06 17.23
N GLU B 580 -16.15 15.67 16.16
CA GLU B 580 -15.76 15.33 14.80
C GLU B 580 -14.72 16.34 14.35
N ILE B 581 -13.60 15.85 13.83
CA ILE B 581 -12.41 16.64 13.56
C ILE B 581 -12.26 16.77 12.05
N GLU B 582 -12.23 18.00 11.55
CA GLU B 582 -12.09 18.24 10.12
C GLU B 582 -10.62 18.37 9.70
N SER B 583 -9.79 19.07 10.46
CA SER B 583 -8.37 19.17 10.14
C SER B 583 -7.61 19.79 11.30
N VAL B 584 -6.29 19.56 11.29
CA VAL B 584 -5.37 20.15 12.23
C VAL B 584 -4.19 20.70 11.44
N ALA B 585 -3.78 21.93 11.75
CA ALA B 585 -2.73 22.61 11.00
C ALA B 585 -1.72 23.25 11.94
N LEU B 586 -0.51 23.47 11.41
CA LEU B 586 0.54 24.20 12.09
C LEU B 586 0.76 25.53 11.38
N TYR B 587 0.79 26.62 12.15
CA TYR B 587 0.95 27.95 11.61
C TYR B 587 2.25 28.55 12.11
N GLU B 588 3.01 29.13 11.19
CA GLU B 588 4.21 29.90 11.51
C GLU B 588 3.81 31.38 11.40
N ASN B 589 3.73 32.06 12.54
CA ASN B 589 3.08 33.36 12.59
C ASN B 589 1.69 33.21 11.99
N SER B 590 1.40 33.90 10.89
CA SER B 590 0.07 33.85 10.29
C SER B 590 0.01 32.98 9.05
N ARG B 591 1.04 32.18 8.78
CA ARG B 591 1.14 31.38 7.57
C ARG B 591 0.99 29.90 7.90
N GLU B 592 0.10 29.23 7.16
CA GLU B 592 -0.03 27.79 7.29
C GLU B 592 1.16 27.11 6.65
N VAL B 593 1.89 26.30 7.44
CA VAL B 593 3.04 25.54 6.95
C VAL B 593 2.80 24.05 6.98
N SER B 594 1.65 23.59 7.46
CA SER B 594 1.33 22.16 7.45
C SER B 594 -0.12 21.97 7.85
N ARG B 595 -0.79 21.03 7.19
CA ARG B 595 -2.17 20.70 7.54
C ARG B 595 -2.42 19.23 7.26
N ASP B 596 -2.91 18.52 8.28
CA ASP B 596 -3.38 17.15 8.15
C ASP B 596 -4.91 17.21 8.17
N ALA B 597 -5.54 16.94 7.03
CA ALA B 597 -6.96 17.21 6.83
C ALA B 597 -7.79 15.94 6.66
N HIS B 598 -7.44 14.87 7.36
CA HIS B 598 -8.29 13.68 7.34
C HIS B 598 -9.41 13.81 8.36
N ALA B 599 -10.52 13.14 8.08
CA ALA B 599 -11.68 13.16 8.96
C ALA B 599 -11.42 12.28 10.18
N GLY B 600 -11.64 12.84 11.36
CA GLY B 600 -11.39 12.12 12.59
C GLY B 600 -12.54 12.30 13.56
N ARG B 601 -12.60 11.38 14.53
CA ARG B 601 -13.68 11.39 15.50
C ARG B 601 -13.18 10.82 16.82
N SER B 602 -13.25 11.62 17.87
CA SER B 602 -12.74 11.26 19.18
C SER B 602 -13.86 11.36 20.20
N GLY B 603 -14.22 10.23 20.78
CA GLY B 603 -15.25 10.17 21.80
C GLY B 603 -15.10 8.90 22.60
N ALA B 604 -16.22 8.27 22.94
CA ALA B 604 -16.16 6.92 23.50
C ALA B 604 -15.34 6.01 22.61
N HIS B 605 -15.54 6.11 21.30
CA HIS B 605 -14.78 5.38 20.30
C HIS B 605 -13.80 6.32 19.62
N LYS B 606 -12.60 5.82 19.33
CA LYS B 606 -11.52 6.61 18.78
C LYS B 606 -11.36 6.27 17.30
N GLU B 607 -11.44 7.29 16.44
CA GLU B 607 -11.37 7.13 14.99
C GLU B 607 -10.38 8.15 14.42
N ASN B 608 -9.11 7.76 14.31
CA ASN B 608 -8.09 8.55 13.64
C ASN B 608 -7.88 9.89 14.35
N ILE B 609 -7.57 9.81 15.65
CA ILE B 609 -7.52 11.01 16.49
C ILE B 609 -6.13 11.61 16.53
N GLN B 610 -5.21 11.08 15.72
CA GLN B 610 -3.84 11.57 15.70
C GLN B 610 -3.56 12.27 14.39
N TYR B 611 -3.02 13.47 14.47
CA TYR B 611 -2.77 14.32 13.31
C TYR B 611 -1.30 14.64 13.22
N ILE B 612 -0.72 14.43 12.04
CA ILE B 612 0.72 14.55 11.83
C ILE B 612 0.99 15.89 11.16
N LEU B 613 1.83 16.70 11.79
CA LEU B 613 2.22 18.01 11.29
C LEU B 613 3.72 18.03 11.03
N ASN B 614 4.11 18.57 9.88
CA ASN B 614 5.52 18.72 9.52
C ASN B 614 5.97 20.12 9.92
N ALA B 615 6.81 20.21 10.93
CA ALA B 615 7.31 21.50 11.38
C ALA B 615 8.51 21.92 10.53
N PRO B 616 8.57 23.18 10.09
CA PRO B 616 9.80 23.68 9.50
C PRO B 616 10.89 23.79 10.55
N ALA B 617 12.13 23.83 10.09
CA ALA B 617 13.20 24.32 10.96
C ALA B 617 12.74 25.63 11.60
N PRO B 618 12.74 25.74 12.92
CA PRO B 618 12.09 26.90 13.55
C PRO B 618 12.76 28.21 13.14
N ARG B 619 11.93 29.21 12.90
CA ARG B 619 12.40 30.55 12.59
C ARG B 619 12.49 31.36 13.87
N GLN B 620 13.66 31.95 14.12
CA GLN B 620 13.87 32.71 15.34
C GLN B 620 12.82 33.80 15.49
N GLY B 621 12.21 33.85 16.66
CA GLY B 621 11.26 34.90 16.99
C GLY B 621 9.87 34.71 16.42
N ALA B 622 9.60 33.58 15.76
CA ALA B 622 8.28 33.35 15.19
C ALA B 622 7.41 32.59 16.17
N THR B 623 6.11 32.85 16.07
CA THR B 623 5.10 32.14 16.85
C THR B 623 4.64 30.91 16.07
N TYR B 624 4.45 29.81 16.78
CA TYR B 624 3.90 28.59 16.18
C TYR B 624 2.59 28.25 16.87
N THR B 625 1.58 27.96 16.07
CA THR B 625 0.22 27.74 16.56
C THR B 625 -0.34 26.50 15.90
N VAL B 626 -0.87 25.61 16.72
CA VAL B 626 -1.67 24.48 16.23
C VAL B 626 -3.12 24.95 16.15
N LYS B 627 -3.69 24.90 14.95
CA LYS B 627 -5.09 25.24 14.74
C LYS B 627 -5.85 23.96 14.38
N ALA B 628 -6.92 23.70 15.12
CA ALA B 628 -7.71 22.49 14.95
C ALA B 628 -9.16 22.88 14.72
N ASN B 629 -9.72 22.42 13.60
CA ASN B 629 -11.13 22.65 13.27
C ASN B 629 -11.92 21.41 13.69
N PHE B 630 -12.76 21.56 14.70
CA PHE B 630 -13.56 20.43 15.17
C PHE B 630 -14.82 20.95 15.85
N LYS B 631 -15.83 20.08 15.92
CA LYS B 631 -17.10 20.46 16.51
C LYS B 631 -17.72 19.24 17.20
N GLY B 632 -18.68 19.51 18.07
CA GLY B 632 -19.35 18.42 18.77
C GLY B 632 -20.23 17.61 17.83
N ALA B 633 -20.28 16.30 18.07
CA ALA B 633 -21.07 15.38 17.26
C ALA B 633 -22.39 15.13 17.96
N GLY B 634 -23.43 15.84 17.51
CA GLY B 634 -24.75 15.72 18.10
C GLY B 634 -25.01 16.65 19.27
N GLY B 635 -23.99 17.35 19.75
CA GLY B 635 -24.16 18.31 20.82
C GLY B 635 -22.81 18.80 21.29
N ARG B 636 -22.83 19.54 22.40
CA ARG B 636 -21.63 20.21 22.89
C ARG B 636 -21.13 19.68 24.23
N ASP B 637 -21.77 18.67 24.81
CA ASP B 637 -21.31 18.12 26.09
C ASP B 637 -20.14 17.18 25.82
N SER B 638 -18.94 17.75 25.80
CA SER B 638 -17.73 16.98 25.51
C SER B 638 -16.54 17.67 26.14
N HIS B 639 -15.68 16.90 26.80
CA HIS B 639 -14.41 17.38 27.31
C HIS B 639 -13.29 16.50 26.76
N GLY B 640 -12.16 17.12 26.43
CA GLY B 640 -11.02 16.34 25.99
C GLY B 640 -9.73 17.13 26.13
N THR B 641 -8.64 16.46 25.79
CA THR B 641 -7.29 16.97 25.96
C THR B 641 -6.52 16.85 24.66
N VAL B 642 -5.70 17.85 24.37
CA VAL B 642 -4.90 17.93 23.15
C VAL B 642 -3.44 17.78 23.52
N TYR B 643 -2.78 16.76 22.97
CA TYR B 643 -1.38 16.46 23.24
C TYR B 643 -0.52 16.75 22.01
N PHE B 644 0.77 17.00 22.26
CA PHE B 644 1.71 17.44 21.22
C PHE B 644 3.04 16.72 21.45
N GLU B 645 3.38 15.80 20.55
CA GLU B 645 4.62 15.04 20.61
C GLU B 645 5.63 15.62 19.63
N THR B 646 6.87 15.80 20.09
CA THR B 646 7.97 16.17 19.21
C THR B 646 8.71 14.92 18.74
N PRO B 647 9.39 14.99 17.57
CA PRO B 647 10.00 13.80 16.98
C PRO B 647 11.26 13.29 17.68
N GLN C 2 7.40 9.72 -18.69
CA GLN C 2 8.72 9.24 -19.08
C GLN C 2 9.53 8.91 -17.81
N GLU C 3 10.80 9.29 -17.77
CA GLU C 3 11.64 8.97 -16.62
C GLU C 3 11.09 9.60 -15.34
N GLN C 4 11.85 9.49 -14.25
CA GLN C 4 11.62 10.29 -13.06
C GLN C 4 12.73 11.34 -12.86
N ILE C 5 13.58 11.54 -13.87
CA ILE C 5 14.70 12.45 -13.73
C ILE C 5 14.20 13.89 -13.60
N ILE C 6 14.74 14.60 -12.62
CA ILE C 6 14.70 16.07 -12.58
C ILE C 6 16.13 16.55 -12.85
N PRO C 7 16.36 17.40 -13.85
CA PRO C 7 15.39 17.97 -14.78
C PRO C 7 14.99 17.04 -15.92
N LYS C 8 13.76 17.20 -16.42
CA LYS C 8 13.29 16.37 -17.53
C LYS C 8 14.26 16.50 -18.70
N PRO C 9 14.75 15.38 -19.25
CA PRO C 9 15.64 15.47 -20.41
C PRO C 9 14.94 16.01 -21.64
N ALA C 10 15.75 16.45 -22.61
CA ALA C 10 15.22 17.14 -23.79
C ALA C 10 14.55 16.18 -24.76
N GLU C 11 15.11 14.98 -24.95
CA GLU C 11 14.56 14.02 -25.89
C GLU C 11 14.58 12.63 -25.25
N ILE C 12 13.45 11.94 -25.32
CA ILE C 12 13.29 10.61 -24.73
C ILE C 12 12.60 9.71 -25.73
N THR C 13 13.07 8.47 -25.82
CA THR C 13 12.43 7.43 -26.63
C THR C 13 12.34 6.17 -25.79
N LEU C 14 11.12 5.71 -25.52
CA LEU C 14 10.88 4.50 -24.75
C LEU C 14 10.59 3.33 -25.68
N PHE C 15 10.95 2.15 -25.23
CA PHE C 15 10.68 0.90 -25.95
C PHE C 15 10.06 -0.09 -24.99
N THR C 16 9.44 -1.13 -25.55
CA THR C 16 8.91 -2.19 -24.72
C THR C 16 10.03 -3.13 -24.26
N GLY C 17 9.74 -3.89 -23.22
CA GLY C 17 10.65 -4.89 -22.72
C GLY C 17 11.18 -4.56 -21.34
N SER C 18 12.24 -5.27 -20.97
CA SER C 18 12.80 -5.16 -19.63
C SER C 18 14.02 -4.26 -19.63
N PRO C 19 14.34 -3.67 -18.49
CA PRO C 19 15.39 -2.65 -18.45
C PRO C 19 16.78 -3.28 -18.31
N ALA C 20 17.78 -2.46 -18.62
CA ALA C 20 19.15 -2.81 -18.28
C ALA C 20 19.29 -2.93 -16.77
N ARG C 21 20.14 -3.84 -16.33
CA ARG C 21 20.32 -4.09 -14.90
C ARG C 21 21.79 -4.33 -14.60
N LEU C 22 22.32 -3.57 -13.65
CA LEU C 22 23.69 -3.76 -13.20
C LEU C 22 23.76 -4.87 -12.16
N THR C 23 24.77 -5.72 -12.28
CA THR C 23 24.98 -6.86 -11.41
C THR C 23 26.43 -6.91 -10.98
N PRO C 24 26.76 -7.79 -10.03
CA PRO C 24 28.17 -7.92 -9.63
C PRO C 24 29.11 -8.26 -10.77
N ASP C 25 28.60 -8.80 -11.87
CA ASP C 25 29.44 -9.07 -13.05
C ASP C 25 29.55 -7.88 -14.00
N SER C 26 28.87 -6.78 -13.72
CA SER C 26 28.86 -5.65 -14.64
C SER C 26 30.21 -4.95 -14.65
N LEU C 27 30.58 -4.42 -15.81
CA LEU C 27 31.83 -3.72 -16.01
C LEU C 27 31.57 -2.32 -16.54
N ILE C 28 32.56 -1.45 -16.39
CA ILE C 28 32.57 -0.13 -17.04
C ILE C 28 33.69 -0.16 -18.08
N ILE C 29 33.32 0.06 -19.34
CA ILE C 29 34.23 -0.04 -20.47
C ILE C 29 34.29 1.31 -21.17
N THR C 30 35.52 1.79 -21.43
CA THR C 30 35.73 3.03 -22.16
C THR C 30 36.16 2.68 -23.58
N GLU C 31 35.42 3.18 -24.57
CA GLU C 31 35.75 2.98 -25.98
C GLU C 31 36.22 4.29 -26.61
N THR C 32 37.01 5.04 -25.83
CA THR C 32 37.70 6.22 -26.33
C THR C 32 39.05 6.32 -25.62
N GLN C 33 40.03 6.88 -26.33
CA GLN C 33 41.35 7.10 -25.76
C GLN C 33 41.49 8.47 -25.09
N ASP C 34 40.48 9.34 -25.25
CA ASP C 34 40.53 10.68 -24.68
C ASP C 34 40.72 10.61 -23.17
N LYS C 35 41.84 11.16 -22.69
CA LYS C 35 42.17 11.06 -21.27
C LYS C 35 41.18 11.80 -20.39
N ALA C 36 40.59 12.88 -20.91
CA ALA C 36 39.55 13.56 -20.14
C ALA C 36 38.38 12.62 -19.88
N PHE C 37 38.05 11.78 -20.86
CA PHE C 37 36.97 10.81 -20.68
C PHE C 37 37.39 9.69 -19.76
N LEU C 38 38.64 9.23 -19.87
CA LEU C 38 39.12 8.20 -18.95
C LEU C 38 39.09 8.70 -17.52
N ASP C 39 39.36 9.99 -17.31
CA ASP C 39 39.30 10.57 -15.98
C ASP C 39 37.85 10.58 -15.47
N GLN C 40 36.91 11.08 -16.28
CA GLN C 40 35.51 11.05 -15.86
C GLN C 40 35.04 9.63 -15.60
N ALA C 41 35.53 8.67 -16.39
CA ALA C 41 35.10 7.28 -16.23
C ALA C 41 35.51 6.73 -14.88
N GLY C 42 36.72 7.08 -14.42
CA GLY C 42 37.17 6.63 -13.11
C GLY C 42 36.38 7.27 -11.99
N GLN C 43 36.06 8.56 -12.13
CA GLN C 43 35.23 9.24 -11.15
C GLN C 43 33.83 8.63 -11.12
N LEU C 44 33.30 8.29 -12.30
CA LEU C 44 32.00 7.63 -12.37
C LEU C 44 32.03 6.26 -11.71
N GLN C 45 33.07 5.48 -12.02
CA GLN C 45 33.22 4.16 -11.40
C GLN C 45 33.21 4.27 -9.88
N GLN C 46 33.98 5.22 -9.34
CA GLN C 46 34.06 5.40 -7.89
C GLN C 46 32.71 5.77 -7.30
N MET C 47 31.97 6.64 -7.98
CA MET C 47 30.69 7.11 -7.45
C MET C 47 29.63 6.02 -7.54
N LEU C 48 29.60 5.28 -8.64
CA LEU C 48 28.54 4.28 -8.83
C LEU C 48 28.79 3.05 -7.98
N SER C 49 30.05 2.62 -7.85
CA SER C 49 30.34 1.44 -7.03
C SER C 49 29.99 1.70 -5.57
N ALA C 50 30.30 2.89 -5.08
CA ALA C 50 29.98 3.22 -3.68
C ALA C 50 28.48 3.27 -3.46
N GLY C 51 27.74 3.83 -4.40
CA GLY C 51 26.30 3.96 -4.22
C GLY C 51 25.56 2.64 -4.35
N THR C 52 25.97 1.80 -5.32
CA THR C 52 25.28 0.55 -5.58
C THR C 52 25.80 -0.61 -4.74
N GLY C 53 27.02 -0.51 -4.21
CA GLY C 53 27.64 -1.65 -3.56
C GLY C 53 28.23 -2.66 -4.51
N LEU C 54 28.18 -2.40 -5.82
CA LEU C 54 28.72 -3.27 -6.86
C LEU C 54 30.17 -2.90 -7.15
N PRO C 55 30.98 -3.85 -7.61
CA PRO C 55 32.40 -3.55 -7.85
C PRO C 55 32.61 -2.70 -9.10
N LEU C 56 31.83 -2.95 -10.14
CA LEU C 56 31.83 -2.17 -11.38
C LEU C 56 33.24 -1.78 -11.82
N PRO C 57 34.11 -2.77 -12.10
CA PRO C 57 35.49 -2.44 -12.45
C PRO C 57 35.64 -1.93 -13.87
N LEU C 58 36.63 -1.06 -14.04
CA LEU C 58 37.00 -0.59 -15.38
C LEU C 58 37.74 -1.69 -16.12
N LYS C 59 37.34 -1.94 -17.36
CA LYS C 59 37.94 -2.93 -18.24
C LYS C 59 38.12 -2.30 -19.61
N PRO C 60 39.14 -2.73 -20.37
CA PRO C 60 39.30 -2.21 -21.72
C PRO C 60 38.39 -2.90 -22.72
N ALA C 61 38.06 -2.18 -23.78
CA ALA C 61 37.22 -2.74 -24.83
C ALA C 61 37.87 -4.00 -25.42
N GLY C 62 37.07 -5.05 -25.56
CA GLY C 62 37.53 -6.30 -26.12
C GLY C 62 37.76 -7.39 -25.11
N GLN C 63 37.98 -7.03 -23.84
CA GLN C 63 38.24 -8.00 -22.78
C GLN C 63 37.08 -7.95 -21.79
N ALA C 64 35.90 -8.33 -22.25
CA ALA C 64 34.70 -8.35 -21.45
C ALA C 64 33.86 -9.55 -21.82
N SER C 65 33.03 -9.98 -20.88
CA SER C 65 32.02 -10.99 -21.13
C SER C 65 30.66 -10.30 -21.20
N LYS C 66 29.93 -10.54 -22.29
CA LYS C 66 28.61 -9.95 -22.47
C LYS C 66 27.53 -10.65 -21.62
N LYS C 67 27.93 -11.42 -20.60
CA LYS C 67 26.98 -11.96 -19.65
C LYS C 67 26.00 -10.88 -19.21
N ALA C 68 26.49 -9.93 -18.43
CA ALA C 68 25.67 -8.89 -17.82
C ALA C 68 25.78 -7.59 -18.61
N ALA C 69 24.87 -6.66 -18.28
CA ALA C 69 24.90 -5.34 -18.87
C ALA C 69 26.15 -4.59 -18.39
N CYS C 70 26.86 -3.98 -19.32
CA CYS C 70 28.02 -3.16 -19.03
C CYS C 70 27.73 -1.71 -19.37
N ILE C 71 28.47 -0.81 -18.74
CA ILE C 71 28.43 0.62 -19.05
C ILE C 71 29.57 0.90 -20.00
N VAL C 72 29.24 1.46 -21.17
CA VAL C 72 30.22 1.79 -22.20
C VAL C 72 30.26 3.31 -22.34
N ILE C 73 31.45 3.87 -22.31
CA ILE C 73 31.64 5.31 -22.39
C ILE C 73 32.29 5.64 -23.72
N LYS C 74 31.59 6.42 -24.55
CA LYS C 74 32.04 6.79 -25.88
C LYS C 74 32.12 8.30 -26.00
N LYS C 75 32.97 8.76 -26.91
CA LYS C 75 33.04 10.15 -27.30
C LYS C 75 32.33 10.32 -28.65
N ASP C 76 31.34 11.20 -28.69
CA ASP C 76 30.50 11.39 -29.87
C ASP C 76 30.52 12.85 -30.27
N PRO C 77 31.33 13.23 -31.26
CA PRO C 77 31.40 14.65 -31.66
C PRO C 77 30.10 15.17 -32.27
N ALA C 78 29.14 14.32 -32.59
CA ALA C 78 27.87 14.80 -33.13
C ALA C 78 27.15 15.68 -32.11
N LEU C 79 27.18 15.29 -30.84
CA LEU C 79 26.53 16.07 -29.78
C LEU C 79 27.15 17.44 -29.57
N ALA C 80 28.27 17.75 -30.25
CA ALA C 80 28.96 19.01 -29.99
C ALA C 80 28.09 20.22 -30.30
N ALA C 81 27.21 20.11 -31.29
CA ALA C 81 26.33 21.23 -31.61
C ALA C 81 25.44 21.63 -30.45
N ARG C 82 25.22 20.74 -29.48
CA ARG C 82 24.38 21.02 -28.33
C ARG C 82 25.17 21.47 -27.11
N GLY C 83 26.48 21.67 -27.24
CA GLY C 83 27.29 22.22 -26.17
C GLY C 83 28.03 21.15 -25.37
N GLU C 84 28.86 21.64 -24.45
CA GLU C 84 29.76 20.76 -23.70
C GLU C 84 29.05 19.95 -22.64
N GLU C 85 27.84 20.33 -22.25
CA GLU C 85 27.10 19.62 -21.22
C GLU C 85 26.16 18.58 -21.79
N ALA C 86 26.14 18.39 -23.10
CA ALA C 86 25.21 17.46 -23.74
C ALA C 86 25.72 16.03 -23.63
N TYR C 87 24.78 15.08 -23.68
CA TYR C 87 25.10 13.66 -23.55
C TYR C 87 23.92 12.86 -24.10
N SER C 88 24.17 11.57 -24.32
CA SER C 88 23.11 10.64 -24.68
C SER C 88 23.28 9.34 -23.91
N ILE C 89 22.17 8.65 -23.68
CA ILE C 89 22.14 7.36 -22.99
C ILE C 89 21.33 6.39 -23.82
N GLN C 90 21.94 5.26 -24.18
CA GLN C 90 21.25 4.14 -24.82
C GLN C 90 21.29 2.96 -23.86
N SER C 91 20.13 2.50 -23.41
CA SER C 91 20.04 1.49 -22.37
C SER C 91 19.16 0.34 -22.82
N SER C 92 19.67 -0.88 -22.63
CA SER C 92 18.91 -2.09 -22.88
C SER C 92 19.61 -3.22 -22.12
N PRO C 93 18.96 -4.38 -21.99
CA PRO C 93 19.59 -5.48 -21.22
C PRO C 93 20.96 -5.86 -21.73
N SER C 94 21.34 -5.46 -22.93
CA SER C 94 22.63 -5.80 -23.51
C SER C 94 23.71 -4.74 -23.27
N GLY C 95 23.37 -3.62 -22.65
CA GLY C 95 24.38 -2.62 -22.37
C GLY C 95 23.79 -1.24 -22.16
N ILE C 96 24.61 -0.38 -21.55
CA ILE C 96 24.25 0.99 -21.20
C ILE C 96 25.36 1.87 -21.77
N ILE C 97 25.07 2.57 -22.87
CA ILE C 97 26.08 3.37 -23.57
C ILE C 97 25.91 4.83 -23.17
N LEU C 98 26.94 5.39 -22.55
CA LEU C 98 26.99 6.81 -22.20
C LEU C 98 27.89 7.53 -23.19
N SER C 99 27.34 8.53 -23.87
CA SER C 99 28.04 9.23 -24.93
C SER C 99 28.00 10.73 -24.68
N ALA C 100 29.08 11.41 -25.04
CA ALA C 100 29.15 12.86 -24.91
C ALA C 100 30.27 13.38 -25.80
N ALA C 101 30.11 14.62 -26.25
CA ALA C 101 31.17 15.28 -27.00
C ALA C 101 32.29 15.77 -26.10
N ASP C 102 31.95 16.19 -24.88
CA ASP C 102 32.91 16.69 -23.91
C ASP C 102 32.73 15.93 -22.61
N ALA C 103 33.83 15.81 -21.86
CA ALA C 103 33.82 14.97 -20.66
C ALA C 103 32.80 15.44 -19.63
N ARG C 104 32.45 16.73 -19.63
CA ARG C 104 31.42 17.21 -18.71
C ARG C 104 30.09 16.53 -18.95
N GLY C 105 29.79 16.18 -20.20
CA GLY C 105 28.55 15.48 -20.48
C GLY C 105 28.47 14.12 -19.82
N ILE C 106 29.61 13.44 -19.70
CA ILE C 106 29.62 12.13 -19.06
C ILE C 106 29.20 12.24 -17.60
N PHE C 107 29.62 13.32 -16.93
CA PHE C 107 29.21 13.49 -15.53
C PHE C 107 27.70 13.64 -15.42
N TYR C 108 27.09 14.42 -16.32
CA TYR C 108 25.65 14.59 -16.25
C TYR C 108 24.92 13.32 -16.70
N ALA C 109 25.52 12.54 -17.60
CA ALA C 109 24.97 11.23 -17.90
C ALA C 109 24.93 10.37 -16.65
N GLY C 110 25.97 10.46 -15.81
CA GLY C 110 25.99 9.69 -14.57
C GLY C 110 24.93 10.15 -13.58
N GLN C 111 24.70 11.46 -13.48
CA GLN C 111 23.67 11.95 -12.58
C GLN C 111 22.29 11.46 -13.01
N SER C 112 22.06 11.34 -14.32
CA SER C 112 20.77 10.82 -14.80
C SER C 112 20.64 9.32 -14.51
N LEU C 113 21.73 8.56 -14.67
CA LEU C 113 21.69 7.15 -14.30
C LEU C 113 21.30 6.98 -12.84
N VAL C 114 21.86 7.80 -11.96
CA VAL C 114 21.56 7.69 -10.53
C VAL C 114 20.07 7.88 -10.30
N GLN C 115 19.45 8.86 -10.96
CA GLN C 115 18.03 9.12 -10.74
C GLN C 115 17.12 8.08 -11.37
N MET C 116 17.66 7.21 -12.23
CA MET C 116 16.88 6.11 -12.81
C MET C 116 17.10 4.79 -12.07
N MET C 117 17.78 4.81 -10.94
CA MET C 117 18.04 3.63 -10.12
C MET C 117 17.41 3.79 -8.75
N PRO C 118 17.22 2.69 -8.01
CA PRO C 118 16.62 2.78 -6.68
C PRO C 118 17.30 3.83 -5.81
N SER C 119 16.49 4.53 -5.01
CA SER C 119 16.98 5.64 -4.21
C SER C 119 17.85 5.20 -3.03
N VAL C 120 17.87 3.90 -2.72
CA VAL C 120 18.77 3.34 -1.70
C VAL C 120 20.21 3.70 -2.02
N PHE C 121 20.45 4.07 -3.28
CA PHE C 121 21.77 4.52 -3.72
C PHE C 121 22.38 5.53 -2.76
N HIS C 122 21.56 6.41 -2.18
CA HIS C 122 22.04 7.50 -1.37
C HIS C 122 22.14 7.16 0.12
N ASP C 123 21.76 5.95 0.52
CA ASP C 123 21.81 5.54 1.91
C ASP C 123 23.15 4.85 2.16
N ARG C 124 24.04 5.52 2.91
CA ARG C 124 25.38 4.99 3.12
C ARG C 124 25.36 3.66 3.88
N THR C 125 24.31 3.39 4.65
CA THR C 125 24.20 2.17 5.43
C THR C 125 23.11 1.22 4.91
N GLY C 126 22.42 1.58 3.83
CA GLY C 126 21.31 0.78 3.37
C GLY C 126 21.73 -0.59 2.88
N ASP C 127 20.74 -1.48 2.76
CA ASP C 127 20.97 -2.85 2.31
C ASP C 127 21.01 -2.84 0.79
N LYS C 128 22.21 -2.59 0.25
CA LYS C 128 22.35 -2.42 -1.19
C LYS C 128 22.32 -3.74 -1.96
N SER C 129 22.65 -4.85 -1.32
CA SER C 129 22.62 -6.14 -2.00
C SER C 129 21.21 -6.70 -2.14
N ALA C 130 20.24 -6.15 -1.43
CA ALA C 130 18.84 -6.53 -1.59
C ALA C 130 18.20 -5.92 -2.82
N VAL C 131 18.90 -5.01 -3.49
CA VAL C 131 18.31 -4.11 -4.49
C VAL C 131 18.60 -4.64 -5.88
N ARG C 132 17.60 -4.56 -6.76
CA ARG C 132 17.77 -4.84 -8.18
C ARG C 132 18.13 -3.53 -8.87
N TRP C 133 19.35 -3.43 -9.38
CA TRP C 133 19.87 -2.15 -9.88
C TRP C 133 19.47 -1.97 -11.35
N ASN C 134 18.17 -1.81 -11.55
CA ASN C 134 17.61 -1.56 -12.87
C ASN C 134 17.76 -0.10 -13.25
N ILE C 135 18.07 0.14 -14.53
CA ILE C 135 18.09 1.49 -15.08
C ILE C 135 16.70 1.76 -15.64
N SER C 136 15.87 2.44 -14.84
CA SER C 136 14.48 2.68 -15.22
C SER C 136 13.74 1.35 -15.37
N GLU C 137 12.66 1.32 -16.15
CA GLU C 137 11.83 0.14 -16.26
C GLU C 137 11.74 -0.42 -17.68
N THR C 138 12.34 0.24 -18.67
CA THR C 138 12.33 -0.27 -20.04
C THR C 138 13.65 0.06 -20.71
N PRO C 139 13.93 -0.50 -21.89
CA PRO C 139 14.98 0.07 -22.73
C PRO C 139 14.58 1.46 -23.18
N PHE C 140 15.57 2.32 -23.36
CA PHE C 140 15.27 3.70 -23.72
C PHE C 140 16.46 4.33 -24.41
N ARG C 141 16.19 5.45 -25.07
CA ARG C 141 17.21 6.27 -25.70
C ARG C 141 16.99 7.71 -25.23
N ILE C 142 18.04 8.32 -24.68
CA ILE C 142 18.00 9.70 -24.24
C ILE C 142 19.06 10.49 -24.99
N THR C 143 18.67 11.65 -25.50
CA THR C 143 19.60 12.69 -25.93
C THR C 143 19.25 13.95 -25.15
N ASP C 144 20.22 14.49 -24.43
CA ASP C 144 19.93 15.52 -23.44
C ASP C 144 20.95 16.63 -23.56
N TYR C 145 20.53 17.84 -23.19
CA TYR C 145 21.35 19.05 -23.25
C TYR C 145 20.59 20.17 -22.55
N PRO C 146 21.28 21.16 -22.00
CA PRO C 146 20.58 22.24 -21.29
C PRO C 146 20.00 23.29 -22.23
N ARG C 147 18.84 23.82 -21.86
CA ARG C 147 18.31 24.97 -22.57
C ARG C 147 19.17 26.21 -22.32
N PHE C 148 19.51 26.46 -21.06
CA PHE C 148 20.33 27.60 -20.67
C PHE C 148 21.68 27.14 -20.16
N SER C 149 22.72 27.91 -20.47
CA SER C 149 24.08 27.59 -20.06
C SER C 149 24.40 28.06 -18.65
N TRP C 150 23.59 28.97 -18.09
CA TRP C 150 23.84 29.57 -16.80
C TRP C 150 22.67 29.20 -15.89
N ARG C 151 22.87 28.23 -15.00
CA ARG C 151 21.82 27.70 -14.12
C ARG C 151 22.35 27.83 -12.69
N ALA C 152 22.04 28.96 -12.06
CA ALA C 152 22.75 29.40 -10.86
C ALA C 152 21.86 29.33 -9.62
N LEU C 153 22.47 28.95 -8.50
CA LEU C 153 21.90 29.05 -7.17
C LEU C 153 22.85 29.92 -6.33
N MET C 154 22.31 30.93 -5.66
CA MET C 154 23.12 31.81 -4.84
C MET C 154 22.86 31.52 -3.37
N ILE C 155 23.95 31.39 -2.60
CA ILE C 155 23.88 31.19 -1.16
C ILE C 155 24.51 32.40 -0.47
N ASP C 156 23.74 33.05 0.39
CA ASP C 156 24.19 34.19 1.18
C ASP C 156 24.76 33.68 2.51
N GLU C 157 26.08 33.72 2.64
CA GLU C 157 26.75 33.39 3.90
C GLU C 157 27.27 34.62 4.62
N ALA C 158 26.98 35.81 4.10
CA ALA C 158 27.34 37.05 4.79
C ALA C 158 26.36 37.33 5.93
N ARG C 159 25.06 37.21 5.66
CA ARG C 159 24.06 37.48 6.69
C ARG C 159 24.14 36.43 7.80
N HIS C 160 24.25 35.16 7.44
CA HIS C 160 24.53 34.09 8.39
C HIS C 160 25.52 33.13 7.76
N PHE C 161 26.57 32.81 8.51
CA PHE C 161 27.60 31.88 8.07
C PHE C 161 27.19 30.45 8.41
N PHE C 162 27.31 29.56 7.43
CA PHE C 162 26.97 28.15 7.60
C PHE C 162 28.20 27.24 7.58
N GLY C 163 29.10 27.43 6.63
CA GLY C 163 30.36 26.74 6.65
C GLY C 163 30.46 25.62 5.63
N GLU C 164 31.62 24.95 5.68
CA GLU C 164 32.03 24.07 4.60
C GLU C 164 31.11 22.86 4.46
N LYS C 165 30.75 22.24 5.59
CA LYS C 165 29.89 21.06 5.53
C LYS C 165 28.55 21.39 4.87
N THR C 166 27.98 22.56 5.20
CA THR C 166 26.67 22.91 4.66
C THR C 166 26.76 23.29 3.18
N ILE C 167 27.80 24.01 2.78
CA ILE C 167 27.89 24.42 1.38
C ILE C 167 28.18 23.21 0.48
N LYS C 168 28.93 22.23 1.00
CA LYS C 168 29.19 21.03 0.21
C LYS C 168 27.93 20.21 0.00
N GLN C 169 27.06 20.14 1.01
CA GLN C 169 25.82 19.41 0.82
C GLN C 169 24.85 20.18 -0.06
N ILE C 170 24.94 21.51 -0.08
CA ILE C 170 24.23 22.28 -1.10
C ILE C 170 24.77 21.96 -2.49
N ILE C 171 26.09 21.87 -2.62
CA ILE C 171 26.70 21.56 -3.91
C ILE C 171 26.28 20.18 -4.39
N ASP C 172 26.11 19.23 -3.46
CA ASP C 172 25.65 17.90 -3.84
C ASP C 172 24.27 17.96 -4.49
N GLN C 173 23.36 18.75 -3.93
CA GLN C 173 22.04 18.90 -4.55
C GLN C 173 22.14 19.53 -5.93
N MET C 174 22.86 20.66 -6.03
CA MET C 174 23.03 21.31 -7.32
C MET C 174 23.52 20.32 -8.38
N ALA C 175 24.49 19.48 -8.02
CA ALA C 175 25.07 18.56 -9.00
C ALA C 175 24.06 17.50 -9.42
N LEU C 176 23.29 16.97 -8.48
CA LEU C 176 22.28 15.97 -8.83
C LEU C 176 21.19 16.58 -9.70
N LEU C 177 20.97 17.90 -9.58
CA LEU C 177 19.98 18.62 -10.38
C LEU C 177 20.60 19.30 -11.61
N LYS C 178 21.88 19.09 -11.86
CA LYS C 178 22.59 19.61 -13.02
C LYS C 178 22.67 21.14 -13.04
N MET C 179 22.59 21.79 -11.87
CA MET C 179 22.88 23.22 -11.78
C MET C 179 24.39 23.41 -11.73
N ASN C 180 24.89 24.41 -12.47
CA ASN C 180 26.31 24.51 -12.74
C ASN C 180 26.98 25.79 -12.25
N ILE C 181 26.27 26.68 -11.56
CA ILE C 181 26.87 27.91 -11.04
C ILE C 181 26.46 28.05 -9.58
N LEU C 182 27.46 28.12 -8.69
CA LEU C 182 27.25 28.55 -7.31
C LEU C 182 27.67 30.01 -7.21
N HIS C 183 26.69 30.89 -7.03
CA HIS C 183 26.92 32.31 -6.79
C HIS C 183 27.05 32.50 -5.28
N TRP C 184 28.25 32.84 -4.83
CA TRP C 184 28.62 32.78 -3.41
C TRP C 184 28.67 34.20 -2.87
N HIS C 185 27.64 34.61 -2.13
CA HIS C 185 27.52 35.96 -1.61
C HIS C 185 28.22 35.99 -0.25
N LEU C 186 29.50 36.40 -0.24
CA LEU C 186 30.37 36.23 0.91
C LEU C 186 30.67 37.51 1.68
N THR C 187 30.25 38.68 1.20
CA THR C 187 30.47 39.91 1.95
C THR C 187 29.19 40.73 1.91
N ASP C 188 28.94 41.45 2.99
CA ASP C 188 27.77 42.31 3.14
C ASP C 188 27.98 43.16 4.39
N ASP C 189 26.94 43.88 4.80
CA ASP C 189 27.06 44.75 5.96
C ASP C 189 27.32 43.96 7.23
N THR C 190 26.72 42.78 7.35
CA THR C 190 26.72 42.03 8.61
C THR C 190 27.79 40.94 8.64
N GLY C 191 28.62 40.82 7.61
CA GLY C 191 29.73 39.89 7.67
C GLY C 191 30.64 39.88 6.46
N TRP C 192 31.93 39.59 6.70
CA TRP C 192 32.92 39.36 5.66
C TRP C 192 33.51 37.96 5.89
N ARG C 193 33.38 37.08 4.89
CA ARG C 193 33.64 35.66 5.07
C ARG C 193 34.85 35.15 4.30
N ILE C 194 35.63 36.01 3.63
CA ILE C 194 36.81 35.58 2.87
C ILE C 194 38.06 36.09 3.57
N GLU C 195 38.94 35.17 3.95
CA GLU C 195 40.25 35.55 4.45
C GLU C 195 41.05 36.28 3.37
N ILE C 196 41.51 37.49 3.68
CA ILE C 196 42.40 38.26 2.82
C ILE C 196 43.68 38.50 3.61
N LYS C 197 44.79 37.95 3.11
CA LYS C 197 46.02 37.96 3.90
C LYS C 197 46.58 39.36 4.07
N LYS C 198 46.42 40.24 3.07
CA LYS C 198 46.98 41.58 3.19
C LYS C 198 46.18 42.44 4.16
N TYR C 199 44.91 42.13 4.37
CA TYR C 199 44.03 42.93 5.23
C TYR C 199 43.38 41.98 6.23
N PRO C 200 44.13 41.55 7.25
CA PRO C 200 43.59 40.52 8.15
C PRO C 200 42.42 40.98 8.99
N ARG C 201 42.19 42.29 9.11
CA ARG C 201 41.05 42.76 9.91
C ARG C 201 39.71 42.51 9.22
N LEU C 202 39.70 42.30 7.90
CA LEU C 202 38.44 42.02 7.21
C LEU C 202 37.73 40.83 7.84
N THR C 203 38.49 39.81 8.28
CA THR C 203 37.91 38.67 8.97
C THR C 203 38.06 38.76 10.49
N SER C 204 39.19 39.26 10.99
CA SER C 204 39.36 39.32 12.44
C SER C 204 38.39 40.31 13.08
N ILE C 205 37.99 41.34 12.33
CA ILE C 205 36.93 42.25 12.74
C ILE C 205 35.63 41.95 12.03
N GLY C 206 35.68 41.82 10.70
CA GLY C 206 34.47 41.81 9.89
C GLY C 206 33.68 40.53 9.97
N SER C 207 34.28 39.44 10.43
CA SER C 207 33.58 38.16 10.50
C SER C 207 32.87 37.94 11.83
N LYS C 208 32.87 38.94 12.72
CA LYS C 208 32.29 38.80 14.05
C LYS C 208 31.27 39.91 14.30
N ARG C 209 30.16 39.55 14.94
CA ARG C 209 29.18 40.54 15.38
C ARG C 209 28.55 40.07 16.69
N ARG C 210 28.07 41.04 17.47
CA ARG C 210 27.62 40.76 18.84
C ARG C 210 26.32 39.97 18.89
N GLU C 211 25.40 40.23 17.96
CA GLU C 211 24.10 39.57 17.98
C GLU C 211 23.46 39.77 16.63
N SER C 212 22.23 39.27 16.49
CA SER C 212 21.51 39.30 15.23
C SER C 212 20.06 39.69 15.46
N GLU C 213 19.58 40.64 14.65
CA GLU C 213 18.17 40.94 14.58
C GLU C 213 17.39 39.70 14.16
N ILE C 214 16.20 39.52 14.74
CA ILE C 214 15.33 38.41 14.39
C ILE C 214 13.95 38.94 14.05
N GLY C 215 13.14 38.07 13.44
CA GLY C 215 11.76 38.39 13.12
C GLY C 215 11.63 39.06 11.77
N THR C 216 11.95 40.34 11.71
CA THR C 216 11.89 41.11 10.46
C THR C 216 12.71 42.37 10.62
N TRP C 217 12.85 43.10 9.51
CA TRP C 217 13.56 44.36 9.53
C TRP C 217 12.91 45.32 10.53
N ASN C 218 13.75 45.93 11.37
CA ASN C 218 13.30 46.92 12.37
C ASN C 218 12.25 46.33 13.31
N SER C 219 12.45 45.07 13.71
CA SER C 219 11.56 44.44 14.67
C SER C 219 11.82 44.88 16.10
N GLY C 220 12.99 45.45 16.39
CA GLY C 220 13.40 45.68 17.75
C GLY C 220 13.75 44.43 18.53
N LYS C 221 13.68 43.25 17.91
CA LYS C 221 13.99 41.99 18.56
C LYS C 221 15.33 41.46 18.07
N SER C 222 16.07 40.81 18.97
CA SER C 222 17.34 40.20 18.62
C SER C 222 17.57 38.99 19.51
N ASP C 223 18.59 38.20 19.18
CA ASP C 223 18.85 36.93 19.83
C ASP C 223 19.95 36.99 20.89
N GLY C 224 20.57 38.14 21.09
CA GLY C 224 21.62 38.28 22.08
C GLY C 224 22.76 37.30 21.94
N THR C 225 22.94 36.73 20.74
CA THR C 225 23.89 35.66 20.51
C THR C 225 24.98 36.11 19.55
N PRO C 226 26.25 36.17 19.96
CA PRO C 226 27.33 36.43 19.00
C PRO C 226 27.28 35.46 17.83
N HIS C 227 27.72 35.94 16.67
CA HIS C 227 27.74 35.14 15.46
C HIS C 227 29.02 35.47 14.70
N GLU C 228 29.72 34.43 14.23
CA GLU C 228 30.99 34.64 13.57
C GLU C 228 31.32 33.44 12.70
N GLY C 229 32.29 33.64 11.82
CA GLY C 229 32.79 32.60 10.95
C GLY C 229 33.29 33.19 9.64
N PHE C 230 34.27 32.50 9.05
CA PHE C 230 34.79 32.86 7.74
C PHE C 230 35.49 31.64 7.17
N TYR C 231 35.80 31.70 5.87
CA TYR C 231 36.56 30.67 5.20
C TYR C 231 38.02 31.09 5.06
N THR C 232 38.93 30.19 5.38
CA THR C 232 40.33 30.40 5.03
C THR C 232 40.52 30.22 3.54
N GLN C 233 41.65 30.72 3.03
CA GLN C 233 41.95 30.53 1.61
C GLN C 233 42.09 29.05 1.28
N GLU C 234 42.62 28.25 2.20
CA GLU C 234 42.68 26.82 1.97
C GLU C 234 41.28 26.21 1.87
N GLN C 235 40.37 26.63 2.75
CA GLN C 235 39.00 26.14 2.66
C GLN C 235 38.36 26.54 1.33
N ILE C 236 38.57 27.77 0.88
CA ILE C 236 38.01 28.21 -0.40
C ILE C 236 38.48 27.29 -1.52
N ARG C 237 39.79 27.06 -1.61
CA ARG C 237 40.32 26.23 -2.69
C ARG C 237 39.76 24.83 -2.63
N ASP C 238 39.55 24.29 -1.42
CA ASP C 238 38.97 22.96 -1.28
C ASP C 238 37.53 22.93 -1.79
N ILE C 239 36.74 23.96 -1.47
CA ILE C 239 35.36 23.98 -1.93
C ILE C 239 35.29 24.25 -3.42
N VAL C 240 36.21 25.06 -3.95
CA VAL C 240 36.25 25.30 -5.38
C VAL C 240 36.48 23.99 -6.14
N GLN C 241 37.45 23.18 -5.69
CA GLN C 241 37.68 21.92 -6.39
C GLN C 241 36.58 20.91 -6.12
N TYR C 242 35.95 20.95 -4.94
CA TYR C 242 34.78 20.10 -4.70
C TYR C 242 33.67 20.42 -5.70
N ALA C 243 33.44 21.71 -5.96
CA ALA C 243 32.43 22.09 -6.95
C ALA C 243 32.87 21.70 -8.36
N ALA C 244 34.15 21.86 -8.69
CA ALA C 244 34.62 21.60 -10.05
C ALA C 244 34.50 20.13 -10.41
N ARG C 245 34.74 19.24 -9.45
CA ARG C 245 34.58 17.81 -9.70
C ARG C 245 33.14 17.47 -10.05
N ARG C 246 32.19 18.34 -9.70
CA ARG C 246 30.76 18.11 -9.91
C ARG C 246 30.16 19.09 -10.91
N ASN C 247 30.98 19.58 -11.84
CA ASN C 247 30.53 20.39 -12.98
C ASN C 247 30.04 21.77 -12.58
N ILE C 248 30.49 22.31 -11.44
CA ILE C 248 30.00 23.58 -10.93
C ILE C 248 31.15 24.58 -10.88
N THR C 249 30.92 25.77 -11.44
CA THR C 249 31.83 26.89 -11.33
C THR C 249 31.31 27.84 -10.27
N ILE C 250 32.19 28.28 -9.37
CA ILE C 250 31.83 29.20 -8.31
C ILE C 250 32.05 30.62 -8.80
N VAL C 251 31.02 31.46 -8.67
CA VAL C 251 31.11 32.90 -8.92
C VAL C 251 31.11 33.60 -7.58
N PRO C 252 32.25 34.09 -7.11
CA PRO C 252 32.27 34.80 -5.82
C PRO C 252 31.73 36.21 -5.97
N GLU C 253 31.19 36.74 -4.87
CA GLU C 253 30.66 38.10 -4.87
C GLU C 253 31.26 38.90 -3.73
N ILE C 254 31.94 39.98 -4.09
CA ILE C 254 32.40 41.00 -3.14
C ILE C 254 31.50 42.21 -3.36
N GLU C 255 30.63 42.49 -2.39
CA GLU C 255 29.63 43.53 -2.58
C GLU C 255 30.27 44.91 -2.54
N MET C 256 29.90 45.76 -3.50
CA MET C 256 30.39 47.13 -3.61
C MET C 256 29.50 47.85 -4.64
N PRO C 257 29.32 49.18 -4.53
CA PRO C 257 29.87 50.06 -3.49
C PRO C 257 29.08 50.05 -2.19
N GLY C 258 27.89 49.44 -2.22
CA GLY C 258 27.09 49.30 -1.02
C GLY C 258 27.42 48.02 -0.26
N HIS C 259 26.66 47.79 0.81
CA HIS C 259 26.78 46.57 1.62
C HIS C 259 28.21 46.39 2.11
N ALA C 260 28.77 47.46 2.67
CA ALA C 260 30.19 47.53 2.98
C ALA C 260 30.50 47.67 4.47
N SER C 261 29.50 47.57 5.35
CA SER C 261 29.72 47.89 6.76
C SER C 261 30.85 47.07 7.35
N ALA C 262 30.86 45.76 7.11
CA ALA C 262 31.87 44.90 7.73
C ALA C 262 33.27 45.31 7.30
N ALA C 263 33.48 45.48 5.99
CA ALA C 263 34.77 45.96 5.51
C ALA C 263 35.14 47.29 6.14
N ALA C 264 34.19 48.23 6.22
CA ALA C 264 34.51 49.57 6.70
C ALA C 264 34.85 49.57 8.17
N VAL C 265 34.14 48.78 8.99
CA VAL C 265 34.46 48.75 10.42
C VAL C 265 35.88 48.24 10.62
N ALA C 266 36.33 47.30 9.78
CA ALA C 266 37.71 46.85 9.86
C ALA C 266 38.68 47.95 9.44
N TYR C 267 38.37 48.67 8.36
CA TYR C 267 39.24 49.72 7.81
C TYR C 267 38.38 50.97 7.60
N PRO C 268 38.25 51.81 8.62
CA PRO C 268 37.26 52.89 8.58
C PRO C 268 37.43 53.91 7.46
N PHE C 269 38.62 54.02 6.85
CA PHE C 269 38.77 54.96 5.74
C PHE C 269 38.01 54.54 4.50
N LEU C 270 37.47 53.31 4.47
CA LEU C 270 36.81 52.80 3.28
C LEU C 270 35.43 53.40 3.06
N SER C 271 34.83 53.98 4.09
CA SER C 271 33.51 54.59 4.00
C SER C 271 33.53 55.98 4.60
N LEU C 272 32.67 56.84 4.06
CA LEU C 272 32.46 58.16 4.64
C LEU C 272 31.59 58.12 5.89
N LYS C 273 30.85 57.03 6.12
CA LYS C 273 29.96 56.88 7.27
C LYS C 273 30.14 55.50 7.89
N THR C 274 31.36 55.23 8.34
CA THR C 274 31.68 53.93 8.93
C THR C 274 30.95 53.77 10.26
N PRO C 275 30.20 52.68 10.47
CA PRO C 275 29.56 52.47 11.77
C PRO C 275 30.58 52.12 12.84
N GLY C 276 30.14 52.26 14.10
CA GLY C 276 31.03 52.05 15.23
C GLY C 276 31.35 50.59 15.52
N GLU C 277 30.51 49.67 15.04
CA GLU C 277 30.73 48.24 15.20
C GLU C 277 30.04 47.54 14.05
N VAL C 278 30.40 46.27 13.83
CA VAL C 278 29.71 45.54 12.77
C VAL C 278 28.22 45.54 13.05
N PRO C 279 27.37 45.97 12.12
CA PRO C 279 25.93 46.10 12.44
C PRO C 279 25.34 44.79 12.94
N THR C 280 24.38 44.94 13.85
CA THR C 280 23.63 43.82 14.40
C THR C 280 22.18 43.83 13.92
N THR C 281 21.82 44.77 13.05
CA THR C 281 20.53 44.80 12.37
C THR C 281 20.79 44.73 10.87
N PHE C 282 19.74 44.39 10.12
CA PHE C 282 19.89 44.11 8.70
C PHE C 282 19.40 45.26 7.82
N ILE C 283 19.02 46.40 8.40
CA ILE C 283 18.63 47.55 7.60
C ILE C 283 19.82 48.47 7.31
N VAL C 284 20.90 48.37 8.07
CA VAL C 284 22.06 49.22 7.87
C VAL C 284 22.80 48.82 6.60
N ASN C 285 23.05 49.78 5.72
CA ASN C 285 23.70 49.54 4.44
C ASN C 285 24.71 50.66 4.21
N THR C 286 25.99 50.36 4.49
CA THR C 286 27.06 51.34 4.39
C THR C 286 27.69 51.31 3.00
N ALA C 287 28.07 52.49 2.50
CA ALA C 287 28.65 52.62 1.18
C ALA C 287 30.15 52.85 1.26
N PHE C 288 30.90 52.19 0.39
CA PHE C 288 32.29 52.56 0.17
C PHE C 288 32.37 54.01 -0.29
N ASP C 289 33.53 54.63 -0.04
CA ASP C 289 33.81 56.00 -0.45
C ASP C 289 34.27 56.00 -1.90
N PRO C 290 33.45 56.47 -2.85
CA PRO C 290 33.85 56.43 -4.26
C PRO C 290 34.72 57.59 -4.71
N THR C 291 34.99 58.55 -3.83
CA THR C 291 35.73 59.75 -4.19
C THR C 291 37.20 59.67 -3.80
N SER C 292 37.65 58.51 -3.32
CA SER C 292 38.97 58.37 -2.72
C SER C 292 39.72 57.25 -3.43
N GLU C 293 40.94 57.56 -3.87
CA GLU C 293 41.75 56.57 -4.58
C GLU C 293 42.08 55.38 -3.70
N LYS C 294 42.14 55.58 -2.37
CA LYS C 294 42.43 54.47 -1.46
C LYS C 294 41.42 53.36 -1.61
N THR C 295 40.13 53.70 -1.78
CA THR C 295 39.09 52.68 -1.91
C THR C 295 39.38 51.76 -3.08
N TYR C 296 39.69 52.33 -4.24
CA TYR C 296 39.92 51.50 -5.42
C TYR C 296 41.20 50.68 -5.27
N ALA C 297 42.23 51.27 -4.67
CA ALA C 297 43.46 50.52 -4.42
C ALA C 297 43.20 49.37 -3.45
N PHE C 298 42.43 49.63 -2.38
CA PHE C 298 42.13 48.58 -1.42
C PHE C 298 41.31 47.46 -2.06
N LEU C 299 40.31 47.82 -2.87
CA LEU C 299 39.45 46.80 -3.47
C LEU C 299 40.17 46.04 -4.57
N SER C 300 41.10 46.70 -5.28
CA SER C 300 41.90 45.98 -6.27
C SER C 300 42.82 44.97 -5.60
N ASP C 301 43.37 45.31 -4.43
CA ASP C 301 44.16 44.36 -3.67
C ASP C 301 43.30 43.16 -3.23
N VAL C 302 42.11 43.44 -2.70
CA VAL C 302 41.20 42.35 -2.33
C VAL C 302 40.95 41.45 -3.54
N LEU C 303 40.61 42.05 -4.67
CA LEU C 303 40.29 41.27 -5.86
C LEU C 303 41.50 40.49 -6.36
N ASP C 304 42.72 41.01 -6.15
CA ASP C 304 43.91 40.22 -6.49
C ASP C 304 43.88 38.88 -5.77
N GLU C 305 43.63 38.91 -4.46
CA GLU C 305 43.59 37.67 -3.69
C GLU C 305 42.38 36.82 -4.06
N VAL C 306 41.25 37.46 -4.40
CA VAL C 306 40.09 36.70 -4.87
C VAL C 306 40.45 35.90 -6.13
N THR C 307 41.14 36.54 -7.09
CA THR C 307 41.47 35.86 -8.33
C THR C 307 42.44 34.71 -8.11
N ALA C 308 43.21 34.72 -7.01
CA ALA C 308 44.18 33.67 -6.77
C ALA C 308 43.53 32.42 -6.17
N ILE C 309 42.43 32.57 -5.44
CA ILE C 309 41.75 31.43 -4.84
C ILE C 309 40.46 31.08 -5.55
N PHE C 310 39.86 31.99 -6.29
CA PHE C 310 38.70 31.71 -7.13
C PHE C 310 39.14 31.74 -8.59
N PRO C 311 39.26 30.60 -9.27
CA PRO C 311 39.84 30.59 -10.62
C PRO C 311 38.86 30.95 -11.73
N GLY C 312 37.55 30.98 -11.46
CA GLY C 312 36.59 31.22 -12.54
C GLY C 312 36.74 32.60 -13.13
N ARG C 313 36.30 32.73 -14.39
CA ARG C 313 36.47 33.99 -15.11
C ARG C 313 35.64 35.13 -14.52
N ILE C 314 34.47 34.83 -13.97
CA ILE C 314 33.50 35.86 -13.62
C ILE C 314 33.55 36.14 -12.12
N ILE C 315 33.69 37.42 -11.77
CA ILE C 315 33.64 37.89 -10.39
C ILE C 315 32.43 38.82 -10.28
N HIS C 316 31.63 38.61 -9.23
CA HIS C 316 30.41 39.36 -8.99
C HIS C 316 30.70 40.46 -7.97
N ILE C 317 30.21 41.67 -8.23
CA ILE C 317 30.39 42.79 -7.30
C ILE C 317 29.09 43.24 -6.66
N GLY C 318 27.98 42.58 -6.95
CA GLY C 318 26.69 43.07 -6.54
C GLY C 318 26.30 44.30 -7.33
N GLY C 319 26.78 45.46 -6.89
CA GLY C 319 26.54 46.69 -7.62
C GLY C 319 25.13 47.22 -7.54
N ASP C 320 24.31 46.70 -6.65
CA ASP C 320 22.96 47.25 -6.46
C ASP C 320 23.05 48.65 -5.85
N ALA C 321 21.94 49.38 -5.91
CA ALA C 321 21.93 50.80 -5.59
C ALA C 321 22.35 51.04 -4.14
N VAL C 322 23.24 52.01 -3.94
CA VAL C 322 23.54 52.52 -2.61
C VAL C 322 22.34 53.29 -2.07
N ARG C 323 22.19 53.31 -0.75
CA ARG C 323 21.18 54.14 -0.09
C ARG C 323 21.67 55.59 -0.13
N TYR C 324 21.43 56.24 -1.27
CA TYR C 324 22.07 57.53 -1.56
C TYR C 324 21.75 58.56 -0.48
N ASP C 325 20.47 58.69 -0.10
CA ASP C 325 20.10 59.73 0.84
C ASP C 325 20.73 59.50 2.21
N LYS C 326 20.89 58.23 2.62
CA LYS C 326 21.45 57.96 3.93
C LYS C 326 22.98 58.00 3.93
N GLN C 327 23.61 57.69 2.81
CA GLN C 327 25.05 57.47 2.77
C GLN C 327 25.85 58.58 2.11
N TRP C 328 25.35 59.17 1.03
CA TRP C 328 26.15 60.07 0.21
C TRP C 328 25.60 61.49 0.12
N LYS C 329 24.28 61.66 0.16
CA LYS C 329 23.68 62.98 0.05
C LYS C 329 24.11 63.88 1.20
N GLY C 330 24.52 65.10 0.87
CA GLY C 330 24.94 66.04 1.89
C GLY C 330 26.29 65.75 2.53
N VAL C 331 27.06 64.81 1.97
CA VAL C 331 28.42 64.55 2.44
C VAL C 331 29.35 65.45 1.65
N PRO C 332 30.21 66.25 2.28
CA PRO C 332 31.03 67.19 1.51
C PRO C 332 31.85 66.55 0.40
N GLU C 333 32.47 65.40 0.65
CA GLU C 333 33.32 64.78 -0.35
C GLU C 333 32.53 64.31 -1.57
N ILE C 334 31.27 63.91 -1.37
CA ILE C 334 30.45 63.46 -2.50
C ILE C 334 29.99 64.65 -3.33
N GLU C 335 29.47 65.68 -2.67
CA GLU C 335 28.97 66.85 -3.42
C GLU C 335 30.10 67.55 -4.16
N GLU C 336 31.29 67.63 -3.55
CA GLU C 336 32.41 68.23 -4.27
C GLU C 336 32.85 67.35 -5.43
N PHE C 337 32.87 66.04 -5.22
CA PHE C 337 33.22 65.12 -6.30
C PHE C 337 32.25 65.25 -7.47
N MET C 338 30.96 65.43 -7.17
CA MET C 338 29.98 65.59 -8.25
C MET C 338 30.21 66.91 -8.99
N LYS C 339 30.54 67.98 -8.27
CA LYS C 339 30.87 69.24 -8.92
C LYS C 339 32.10 69.09 -9.81
N LYS C 340 33.16 68.48 -9.27
CA LYS C 340 34.42 68.37 -10.02
C LYS C 340 34.21 67.60 -11.32
N ASN C 341 33.37 66.58 -11.31
CA ASN C 341 33.20 65.68 -12.44
C ASN C 341 31.95 65.98 -13.27
N GLY C 342 31.17 66.98 -12.89
CA GLY C 342 29.99 67.34 -13.66
C GLY C 342 28.83 66.39 -13.51
N MET C 343 28.78 65.61 -12.43
CA MET C 343 27.71 64.67 -12.21
C MET C 343 26.52 65.37 -11.56
N LYS C 344 25.31 64.97 -11.97
CA LYS C 344 24.09 65.60 -11.50
C LYS C 344 23.32 64.76 -10.50
N SER C 345 23.56 63.44 -10.45
CA SER C 345 22.82 62.56 -9.57
C SER C 345 23.80 61.66 -8.80
N TYR C 346 23.33 61.16 -7.66
CA TYR C 346 24.14 60.23 -6.89
C TYR C 346 24.30 58.90 -7.62
N ALA C 347 23.34 58.53 -8.47
CA ALA C 347 23.49 57.32 -9.26
C ALA C 347 24.63 57.45 -10.26
N ASP C 348 24.90 58.65 -10.76
CA ASP C 348 26.07 58.84 -11.63
C ASP C 348 27.36 58.50 -10.89
N VAL C 349 27.44 58.85 -9.61
CA VAL C 349 28.63 58.55 -8.82
C VAL C 349 28.81 57.03 -8.71
N GLN C 350 27.73 56.32 -8.37
CA GLN C 350 27.81 54.87 -8.30
C GLN C 350 28.19 54.26 -9.63
N MET C 351 27.60 54.77 -10.72
CA MET C 351 27.90 54.23 -12.05
C MET C 351 29.38 54.44 -12.40
N HIS C 352 29.93 55.62 -12.07
CA HIS C 352 31.36 55.82 -12.26
C HIS C 352 32.15 54.78 -11.46
N PHE C 353 31.71 54.48 -10.25
CA PHE C 353 32.40 53.49 -9.42
C PHE C 353 32.38 52.12 -10.06
N THR C 354 31.18 51.63 -10.42
CA THR C 354 31.07 50.29 -10.97
C THR C 354 31.71 50.20 -12.35
N ASN C 355 31.58 51.23 -13.17
CA ASN C 355 32.29 51.27 -14.45
C ASN C 355 33.78 51.07 -14.23
N ARG C 356 34.34 51.81 -13.27
CA ARG C 356 35.77 51.73 -13.01
C ARG C 356 36.17 50.35 -12.47
N MET C 357 35.37 49.79 -11.55
CA MET C 357 35.65 48.45 -11.06
C MET C 357 35.64 47.43 -12.19
N SER C 358 34.76 47.62 -13.18
CA SER C 358 34.71 46.66 -14.28
C SER C 358 36.00 46.68 -15.09
N GLY C 359 36.66 47.83 -15.18
CA GLY C 359 37.94 47.92 -15.87
C GLY C 359 39.05 47.33 -15.03
N ILE C 360 39.01 47.60 -13.72
CA ILE C 360 39.97 47.00 -12.80
C ILE C 360 39.88 45.48 -12.85
N ILE C 361 38.66 44.94 -12.90
CA ILE C 361 38.48 43.50 -12.95
C ILE C 361 38.89 42.95 -14.31
N ALA C 362 38.68 43.71 -15.39
CA ALA C 362 39.10 43.27 -16.71
C ALA C 362 40.61 43.17 -16.81
N GLN C 363 41.33 44.08 -16.17
CA GLN C 363 42.79 44.08 -16.23
C GLN C 363 43.40 42.91 -15.47
N LYS C 364 42.63 42.23 -14.63
CA LYS C 364 43.09 41.04 -13.93
C LYS C 364 42.74 39.75 -14.68
N GLY C 365 42.28 39.86 -15.93
CA GLY C 365 41.92 38.69 -16.70
C GLY C 365 40.54 38.13 -16.38
N ARG C 366 39.63 38.95 -15.89
CA ARG C 366 38.33 38.49 -15.38
C ARG C 366 37.20 39.31 -15.99
N ARG C 367 35.98 38.83 -15.78
CA ARG C 367 34.76 39.50 -16.23
C ARG C 367 33.93 39.91 -15.02
N MET C 368 33.55 41.18 -14.97
CA MET C 368 32.70 41.65 -13.89
C MET C 368 31.26 41.25 -14.13
N MET C 369 30.54 40.97 -13.05
CA MET C 369 29.12 40.69 -13.06
C MET C 369 28.46 41.53 -11.97
N GLY C 370 27.24 41.97 -12.23
CA GLY C 370 26.53 42.77 -11.26
C GLY C 370 25.05 42.86 -11.57
N TRP C 371 24.29 43.33 -10.59
CA TRP C 371 22.87 43.56 -10.75
C TRP C 371 22.63 44.68 -11.76
N ASN C 372 21.36 44.84 -12.17
CA ASN C 372 21.06 45.68 -13.33
C ASN C 372 21.45 47.14 -13.14
N GLU C 373 21.71 47.59 -11.90
CA GLU C 373 22.15 48.96 -11.71
C GLU C 373 23.52 49.23 -12.35
N ILE C 374 24.33 48.20 -12.62
CA ILE C 374 25.64 48.46 -13.21
C ILE C 374 25.53 48.85 -14.67
N TYR C 375 24.40 48.55 -15.32
CA TYR C 375 24.18 48.96 -16.70
C TYR C 375 23.25 50.17 -16.81
N GLY C 376 22.23 50.24 -15.96
CA GLY C 376 21.40 51.42 -15.85
C GLY C 376 20.52 51.39 -14.62
N ALA C 389 35.47 54.65 -16.40
CA ALA C 389 34.68 55.66 -17.09
C ALA C 389 33.54 55.02 -17.88
N LYS C 390 33.83 53.91 -18.56
CA LYS C 390 32.84 53.18 -19.33
C LYS C 390 32.74 51.74 -18.84
N LEU C 391 31.54 51.17 -18.94
CA LEU C 391 31.33 49.79 -18.50
C LEU C 391 31.95 48.83 -19.50
N ASP C 392 32.82 47.95 -19.00
CA ASP C 392 33.42 46.92 -19.84
C ASP C 392 32.36 46.19 -20.63
N THR C 393 32.55 46.11 -21.95
CA THR C 393 31.57 45.49 -22.83
C THR C 393 31.34 44.03 -22.49
N ASN C 394 32.27 43.38 -21.81
CA ASN C 394 32.14 41.97 -21.48
C ASN C 394 31.49 41.73 -20.12
N ALA C 395 31.06 42.78 -19.43
CA ALA C 395 30.38 42.62 -18.15
C ALA C 395 29.08 41.84 -18.34
N VAL C 396 28.76 41.02 -17.34
CA VAL C 396 27.52 40.25 -17.32
C VAL C 396 26.52 40.98 -16.43
N ILE C 397 25.28 41.10 -16.90
CA ILE C 397 24.23 41.85 -16.21
C ILE C 397 23.20 40.87 -15.68
N GLN C 398 22.96 40.90 -14.37
CA GLN C 398 21.94 40.07 -13.72
C GLN C 398 20.77 40.94 -13.30
N PHE C 399 19.56 40.56 -13.72
CA PHE C 399 18.37 41.38 -13.53
C PHE C 399 17.54 40.83 -12.37
N TRP C 400 17.45 41.61 -11.29
CA TRP C 400 16.40 41.42 -10.30
C TRP C 400 15.14 42.18 -10.66
N LYS C 401 15.24 43.15 -11.57
CA LYS C 401 14.14 44.00 -11.99
C LYS C 401 13.54 43.47 -13.28
N GLY C 402 12.21 43.43 -13.34
CA GLY C 402 11.53 43.01 -14.55
C GLY C 402 11.40 44.15 -15.54
N ASN C 403 12.50 44.50 -16.22
CA ASN C 403 12.55 45.62 -17.15
C ASN C 403 13.12 45.10 -18.47
N THR C 404 12.22 44.75 -19.39
CA THR C 404 12.63 44.12 -20.65
C THR C 404 13.40 45.08 -21.54
N SER C 405 12.95 46.34 -21.65
CA SER C 405 13.63 47.29 -22.50
C SER C 405 15.07 47.51 -22.07
N LEU C 406 15.33 47.45 -20.76
CA LEU C 406 16.70 47.58 -20.28
C LEU C 406 17.54 46.36 -20.65
N ALA C 407 16.96 45.16 -20.50
CA ALA C 407 17.67 43.95 -20.90
C ALA C 407 17.95 43.95 -22.39
N LYS C 408 16.97 44.35 -23.20
CA LYS C 408 17.20 44.43 -24.65
C LYS C 408 18.36 45.37 -24.97
N ASN C 409 18.41 46.53 -24.31
CA ASN C 409 19.49 47.48 -24.55
C ASN C 409 20.82 46.91 -24.07
N ALA C 410 20.82 46.22 -22.92
CA ALA C 410 22.03 45.55 -22.48
C ALA C 410 22.51 44.54 -23.52
N ILE C 411 21.58 43.77 -24.09
CA ILE C 411 21.95 42.80 -25.11
C ILE C 411 22.45 43.49 -26.36
N ARG C 412 21.78 44.58 -26.78
CA ARG C 412 22.21 45.31 -27.97
C ARG C 412 23.58 45.95 -27.76
N ASP C 413 23.89 46.37 -26.53
CA ASP C 413 25.21 46.88 -26.23
C ASP C 413 26.25 45.78 -26.04
N GLY C 414 25.87 44.51 -26.25
CA GLY C 414 26.81 43.42 -26.28
C GLY C 414 26.99 42.64 -25.00
N HIS C 415 26.04 42.70 -24.07
CA HIS C 415 26.16 42.03 -22.78
C HIS C 415 25.33 40.76 -22.74
N ASP C 416 25.91 39.70 -22.19
CA ASP C 416 25.11 38.58 -21.72
C ASP C 416 24.32 39.01 -20.49
N VAL C 417 23.12 38.47 -20.34
CA VAL C 417 22.23 38.84 -19.25
C VAL C 417 21.65 37.60 -18.61
N ILE C 418 21.49 37.66 -17.28
CA ILE C 418 20.90 36.61 -16.48
C ILE C 418 19.63 37.16 -15.85
N ASN C 419 18.55 36.37 -15.86
CA ASN C 419 17.27 36.81 -15.34
C ASN C 419 17.05 36.24 -13.95
N SER C 420 16.90 37.12 -12.97
CA SER C 420 16.62 36.75 -11.59
C SER C 420 15.52 37.61 -11.01
N LEU C 421 14.46 37.83 -11.80
CA LEU C 421 13.30 38.58 -11.34
C LEU C 421 12.98 38.26 -9.88
N HIS C 422 13.07 39.28 -9.02
CA HIS C 422 13.08 39.00 -7.59
C HIS C 422 11.74 38.46 -7.10
N THR C 423 10.63 38.86 -7.73
CA THR C 423 9.33 38.35 -7.33
C THR C 423 9.11 36.90 -7.72
N SER C 424 10.03 36.30 -8.48
CA SER C 424 9.94 34.89 -8.82
C SER C 424 11.10 34.04 -8.30
N THR C 425 12.25 34.64 -7.96
CA THR C 425 13.45 33.87 -7.69
C THR C 425 14.07 34.12 -6.31
N TYR C 426 13.52 35.01 -5.50
CA TYR C 426 14.08 35.27 -4.17
C TYR C 426 13.51 34.24 -3.19
N LEU C 427 14.32 33.23 -2.88
CA LEU C 427 13.87 32.10 -2.09
C LEU C 427 13.88 32.36 -0.58
N ASP C 428 14.29 33.56 -0.14
CA ASP C 428 14.02 33.94 1.23
C ASP C 428 12.55 34.28 1.46
N TYR C 429 11.77 34.46 0.40
CA TYR C 429 10.35 34.76 0.52
C TYR C 429 9.58 33.50 0.91
N SER C 430 8.42 33.72 1.53
CA SER C 430 7.57 32.61 1.93
C SER C 430 7.03 31.88 0.71
N TYR C 431 6.44 30.71 0.94
CA TYR C 431 5.77 29.97 -0.12
C TYR C 431 4.45 30.62 -0.51
N GLY C 432 3.94 31.54 0.31
CA GLY C 432 2.80 32.34 -0.13
C GLY C 432 3.18 33.35 -1.18
N SER C 433 4.33 34.02 -1.01
CA SER C 433 4.77 35.00 -1.98
C SER C 433 5.28 34.34 -3.26
N ILE C 434 5.99 33.22 -3.12
CA ILE C 434 6.50 32.49 -4.27
C ILE C 434 6.19 31.01 -4.09
N PRO C 435 5.00 30.54 -4.47
CA PRO C 435 4.73 29.10 -4.39
C PRO C 435 5.59 28.32 -5.39
N LEU C 436 5.61 27.01 -5.18
CA LEU C 436 6.37 26.12 -6.06
C LEU C 436 6.01 26.33 -7.52
N GLN C 437 4.71 26.46 -7.81
CA GLN C 437 4.27 26.64 -9.19
C GLN C 437 4.79 27.92 -9.81
N LYS C 438 4.95 28.98 -9.00
CA LYS C 438 5.48 30.22 -9.54
C LYS C 438 6.95 30.07 -9.91
N ALA C 439 7.73 29.43 -9.05
CA ALA C 439 9.12 29.12 -9.39
C ALA C 439 9.18 28.30 -10.68
N TYR C 440 8.37 27.25 -10.79
CA TYR C 440 8.44 26.39 -11.96
C TYR C 440 8.01 27.12 -13.22
N GLY C 441 7.04 28.02 -13.11
CA GLY C 441 6.53 28.75 -14.25
C GLY C 441 7.38 29.92 -14.70
N PHE C 442 8.48 30.18 -14.00
CA PHE C 442 9.35 31.30 -14.34
C PHE C 442 9.95 31.11 -15.73
N GLU C 443 9.97 32.18 -16.51
CA GLU C 443 10.52 32.16 -17.86
C GLU C 443 11.67 33.14 -17.96
N PRO C 444 12.92 32.67 -18.07
CA PRO C 444 14.05 33.62 -18.06
C PRO C 444 14.09 34.55 -19.27
N VAL C 445 13.55 34.15 -20.41
CA VAL C 445 13.54 35.05 -21.56
C VAL C 445 12.53 36.16 -21.26
N PHE C 446 13.05 37.38 -21.12
CA PHE C 446 12.25 38.52 -20.69
C PHE C 446 10.98 38.63 -21.51
N PRO C 447 9.81 38.80 -20.88
CA PRO C 447 8.56 38.91 -21.65
C PRO C 447 8.62 40.08 -22.61
N GLY C 448 8.31 39.79 -23.88
CA GLY C 448 8.31 40.80 -24.91
C GLY C 448 9.60 40.92 -25.68
N LEU C 449 10.68 40.30 -25.22
CA LEU C 449 11.95 40.36 -25.93
C LEU C 449 11.81 39.67 -27.29
N GLU C 450 12.34 40.32 -28.33
CA GLU C 450 12.26 39.77 -29.67
C GLU C 450 13.24 38.61 -29.83
N LYS C 451 12.93 37.71 -30.77
CA LYS C 451 13.69 36.47 -30.90
C LYS C 451 15.18 36.73 -31.08
N GLN C 452 15.53 37.72 -31.91
CA GLN C 452 16.93 37.95 -32.26
C GLN C 452 17.82 38.16 -31.04
N TYR C 453 17.24 38.50 -29.89
CA TYR C 453 18.00 38.77 -28.69
C TYR C 453 18.02 37.60 -27.70
N HIS C 454 17.25 36.54 -27.96
CA HIS C 454 17.10 35.49 -26.96
C HIS C 454 18.42 34.80 -26.66
N SER C 455 19.28 34.62 -27.68
CA SER C 455 20.51 33.88 -27.48
C SER C 455 21.42 34.50 -26.43
N ARG C 456 21.27 35.80 -26.15
CA ARG C 456 22.09 36.46 -25.14
C ARG C 456 21.50 36.36 -23.75
N VAL C 457 20.29 35.80 -23.58
CA VAL C 457 19.78 35.47 -22.25
C VAL C 457 20.36 34.11 -21.91
N LYS C 458 21.40 34.10 -21.08
CA LYS C 458 22.17 32.89 -20.85
C LYS C 458 21.61 32.04 -19.73
N GLY C 459 20.65 32.55 -18.96
CA GLY C 459 20.00 31.72 -17.98
C GLY C 459 19.41 32.50 -16.82
N LEU C 460 19.47 31.90 -15.63
CA LEU C 460 18.74 32.42 -14.48
C LEU C 460 19.55 32.17 -13.22
N GLY C 461 19.18 32.89 -12.16
CA GLY C 461 19.73 32.62 -10.85
C GLY C 461 18.67 32.74 -9.77
N ALA C 462 18.64 31.79 -8.85
CA ALA C 462 17.77 31.80 -7.70
C ALA C 462 18.58 32.13 -6.45
N GLN C 463 18.04 33.01 -5.61
CA GLN C 463 18.80 33.63 -4.53
C GLN C 463 18.26 33.18 -3.17
N VAL C 464 19.15 32.68 -2.32
CA VAL C 464 18.81 32.40 -0.93
C VAL C 464 19.46 33.45 -0.04
N TRP C 465 18.77 34.56 0.17
CA TRP C 465 19.20 35.55 1.15
C TRP C 465 18.89 35.04 2.56
N THR C 466 19.77 35.32 3.51
CA THR C 466 19.74 34.65 4.80
C THR C 466 19.62 35.60 5.99
N GLU C 467 18.98 36.77 5.79
CA GLU C 467 18.66 37.60 6.95
C GLU C 467 17.94 36.81 8.02
N TRP C 468 16.98 35.97 7.62
CA TRP C 468 16.10 35.27 8.54
C TRP C 468 16.33 33.75 8.51
N ILE C 469 17.55 33.35 8.19
CA ILE C 469 17.93 31.94 8.07
C ILE C 469 19.22 31.77 8.87
N SER C 470 19.11 31.13 10.04
CA SER C 470 20.23 31.00 10.95
C SER C 470 20.71 29.57 11.14
N THR C 471 20.14 28.60 10.43
CA THR C 471 20.58 27.22 10.56
C THR C 471 20.60 26.57 9.19
N PRO C 472 21.42 25.53 9.00
CA PRO C 472 21.38 24.78 7.73
C PRO C 472 20.00 24.23 7.43
N GLU C 473 19.28 23.75 8.45
CA GLU C 473 17.97 23.16 8.23
C GLU C 473 16.97 24.20 7.73
N ARG C 474 17.06 25.44 8.25
CA ARG C 474 16.21 26.50 7.71
C ARG C 474 16.63 26.89 6.30
N LEU C 475 17.93 26.82 6.00
CA LEU C 475 18.38 27.04 4.63
C LEU C 475 17.73 26.03 3.68
N HIS C 476 17.74 24.75 4.08
CA HIS C 476 17.07 23.74 3.28
C HIS C 476 15.59 24.08 3.09
N TYR C 477 14.92 24.47 4.18
CA TYR C 477 13.48 24.72 4.11
C TYR C 477 13.15 25.81 3.10
N GLN C 478 13.98 26.86 3.05
CA GLN C 478 13.72 27.96 2.12
C GLN C 478 14.19 27.64 0.71
N ALA C 479 15.30 26.89 0.59
CA ALA C 479 15.92 26.68 -0.72
C ALA C 479 15.26 25.55 -1.50
N PHE C 480 14.75 24.53 -0.82
CA PHE C 480 14.18 23.36 -1.49
C PHE C 480 12.73 23.16 -1.05
N PRO C 481 11.84 22.71 -1.95
CA PRO C 481 12.13 22.21 -3.31
C PRO C 481 12.08 23.21 -4.46
N ARG C 482 11.95 24.51 -4.19
CA ARG C 482 11.86 25.47 -5.29
C ARG C 482 13.13 25.49 -6.14
N ALA C 483 14.29 25.23 -5.52
CA ALA C 483 15.52 25.09 -6.31
C ALA C 483 15.38 23.97 -7.33
N CYS C 484 14.66 22.90 -7.00
CA CYS C 484 14.44 21.82 -7.95
C CYS C 484 13.69 22.32 -9.19
N ALA C 485 12.72 23.22 -8.99
CA ALA C 485 11.98 23.76 -10.12
C ALA C 485 12.87 24.64 -10.97
N PHE C 486 13.74 25.45 -10.34
CA PHE C 486 14.64 26.31 -11.10
C PHE C 486 15.67 25.49 -11.86
N ALA C 487 16.06 24.34 -11.32
CA ALA C 487 16.93 23.44 -12.06
C ALA C 487 16.27 23.00 -13.36
N GLU C 488 14.96 22.72 -13.31
CA GLU C 488 14.24 22.29 -14.50
C GLU C 488 14.01 23.46 -15.45
N VAL C 489 13.73 24.65 -14.91
CA VAL C 489 13.59 25.82 -15.77
C VAL C 489 14.89 26.07 -16.53
N GLY C 490 16.03 25.90 -15.87
CA GLY C 490 17.30 26.16 -16.52
C GLY C 490 17.67 25.14 -17.58
N TRP C 491 17.26 23.88 -17.40
CA TRP C 491 17.71 22.80 -18.26
C TRP C 491 16.68 22.38 -19.31
N THR C 492 15.43 22.18 -18.90
CA THR C 492 14.43 21.51 -19.75
C THR C 492 13.95 22.44 -20.86
N PRO C 493 13.75 21.91 -22.08
CA PRO C 493 13.19 22.75 -23.14
C PRO C 493 11.86 23.35 -22.74
N ALA C 494 11.59 24.55 -23.26
CA ALA C 494 10.40 25.29 -22.83
C ALA C 494 9.13 24.52 -23.14
N GLY C 495 9.08 23.85 -24.30
CA GLY C 495 7.88 23.14 -24.70
C GLY C 495 7.64 21.83 -24.01
N LYS C 496 8.64 21.28 -23.33
CA LYS C 496 8.50 20.03 -22.59
C LYS C 496 8.25 20.23 -21.11
N LYS C 497 8.07 21.48 -20.67
CA LYS C 497 7.75 21.73 -19.27
C LYS C 497 6.29 21.35 -19.00
N ASP C 498 6.03 20.95 -17.76
CA ASP C 498 4.75 20.37 -17.39
C ASP C 498 4.67 20.23 -15.87
N PHE C 499 4.00 21.17 -15.22
CA PHE C 499 4.08 21.24 -13.77
C PHE C 499 3.48 20.03 -13.08
N PRO C 500 2.30 19.51 -13.48
CA PRO C 500 1.81 18.28 -12.85
C PRO C 500 2.82 17.13 -12.89
N ASP C 501 3.41 16.87 -14.06
CA ASP C 501 4.40 15.80 -14.17
C ASP C 501 5.63 16.10 -13.31
N PHE C 502 5.93 17.38 -13.09
CA PHE C 502 7.07 17.73 -12.26
C PHE C 502 6.80 17.44 -10.79
N LYS C 503 5.57 17.70 -10.33
CA LYS C 503 5.22 17.34 -8.96
C LYS C 503 5.28 15.83 -8.76
N LYS C 504 4.86 15.07 -9.78
CA LYS C 504 4.99 13.61 -9.71
C LYS C 504 6.44 13.20 -9.51
N ARG C 505 7.34 13.75 -10.34
CA ARG C 505 8.76 13.40 -10.22
C ARG C 505 9.37 13.96 -8.95
N LEU C 506 8.91 15.13 -8.50
CA LEU C 506 9.44 15.72 -7.28
C LEU C 506 9.13 14.85 -6.07
N LYS C 507 7.98 14.15 -6.08
CA LYS C 507 7.72 13.18 -5.03
C LYS C 507 8.87 12.19 -4.91
N ALA C 508 9.28 11.62 -6.04
CA ALA C 508 10.36 10.64 -6.03
C ALA C 508 11.69 11.30 -5.68
N TYR C 509 11.99 12.45 -6.29
CA TYR C 509 13.24 13.13 -5.97
C TYR C 509 13.34 13.42 -4.48
N SER C 510 12.19 13.55 -3.80
CA SER C 510 12.21 13.91 -2.37
C SER C 510 12.77 12.78 -1.51
N GLU C 511 12.60 11.52 -1.92
CA GLU C 511 13.24 10.43 -1.19
C GLU C 511 14.75 10.62 -1.17
N ARG C 512 15.33 11.06 -2.29
CA ARG C 512 16.76 11.30 -2.34
C ARG C 512 17.15 12.45 -1.41
N MET C 513 16.38 13.52 -1.41
CA MET C 513 16.66 14.63 -0.50
C MET C 513 16.58 14.17 0.96
N ASP C 514 15.59 13.34 1.29
CA ASP C 514 15.49 12.81 2.64
C ASP C 514 16.78 12.07 3.03
N LEU C 515 17.20 11.11 2.20
CA LEU C 515 18.37 10.31 2.53
C LEU C 515 19.64 11.14 2.59
N MET C 516 19.68 12.26 1.88
CA MET C 516 20.86 13.12 1.84
C MET C 516 20.81 14.24 2.88
N GLY C 517 19.81 14.24 3.75
CA GLY C 517 19.78 15.16 4.88
C GLY C 517 19.22 16.54 4.60
N ILE C 518 18.54 16.74 3.48
CA ILE C 518 18.00 18.04 3.12
C ILE C 518 16.62 18.19 3.77
N LYS C 519 16.48 19.14 4.69
CA LYS C 519 15.21 19.40 5.38
C LYS C 519 14.35 20.35 4.55
N PHE C 520 13.88 19.82 3.42
CA PHE C 520 13.07 20.61 2.52
C PHE C 520 11.68 20.84 3.09
N ALA C 521 11.01 21.87 2.59
CA ALA C 521 9.63 22.16 2.97
C ALA C 521 8.72 21.05 2.46
N ARG C 522 8.08 20.34 3.40
CA ARG C 522 7.36 19.12 3.03
C ARG C 522 5.95 19.41 2.52
N ASN C 523 5.33 20.50 2.95
CA ASN C 523 3.91 20.71 2.69
C ASN C 523 3.61 21.34 1.33
N VAL C 524 4.61 21.88 0.64
CA VAL C 524 4.33 22.85 -0.42
C VAL C 524 3.98 22.21 -1.75
N ILE C 525 4.31 20.93 -1.97
CA ILE C 525 3.99 20.31 -3.24
C ILE C 525 2.48 20.18 -3.43
N SER C 526 1.71 20.18 -2.35
CA SER C 526 0.26 20.04 -2.41
C SER C 526 -0.47 21.36 -2.21
N GLN C 527 0.24 22.49 -2.26
CA GLN C 527 -0.43 23.79 -2.18
C GLN C 527 -1.23 24.04 -3.45
N ILE C 528 -2.28 24.85 -3.31
CA ILE C 528 -3.10 25.25 -4.44
C ILE C 528 -3.38 26.74 -4.33
N ASP C 529 -3.14 27.47 -5.41
CA ASP C 529 -3.36 28.90 -5.50
C ASP C 529 -4.20 29.16 -6.74
N LYS C 530 -4.87 30.31 -6.77
CA LYS C 530 -5.61 30.65 -8.00
C LYS C 530 -4.66 30.77 -9.18
N SER C 531 -3.41 31.18 -8.93
CA SER C 531 -2.44 31.27 -10.02
C SER C 531 -2.16 29.91 -10.64
N ASP C 532 -2.36 28.82 -9.88
CA ASP C 532 -2.22 27.49 -10.46
C ASP C 532 -3.16 27.26 -11.64
N PHE C 533 -4.20 28.09 -11.79
CA PHE C 533 -5.31 27.80 -12.69
C PHE C 533 -5.56 28.88 -13.73
N PHE C 534 -4.59 29.78 -13.97
CA PHE C 534 -4.75 30.76 -15.02
C PHE C 534 -4.91 30.12 -16.39
N ASN C 535 -4.46 28.87 -16.55
CA ASN C 535 -4.52 28.15 -17.81
C ASN C 535 -5.34 26.86 -17.69
N THR C 536 -6.40 26.89 -16.89
CA THR C 536 -7.24 25.73 -16.67
C THR C 536 -8.70 26.13 -16.89
N PRO C 537 -9.49 25.34 -17.62
CA PRO C 537 -10.89 25.71 -17.87
C PRO C 537 -11.68 25.91 -16.58
N ARG C 538 -12.63 26.85 -16.64
CA ARG C 538 -13.55 27.13 -15.56
C ARG C 538 -14.93 26.66 -15.98
N ILE C 539 -15.49 25.68 -15.25
CA ILE C 539 -16.79 25.11 -15.60
C ILE C 539 -17.93 25.70 -14.79
N GLY C 540 -17.66 26.65 -13.91
CA GLY C 540 -18.72 27.27 -13.15
C GLY C 540 -18.17 28.00 -11.94
N THR C 541 -19.10 28.64 -11.22
CA THR C 541 -18.79 29.37 -10.00
C THR C 541 -19.86 29.07 -8.97
N TRP C 542 -19.60 29.46 -7.73
CA TRP C 542 -20.64 29.53 -6.71
C TRP C 542 -20.69 30.92 -6.10
N THR C 543 -21.86 31.26 -5.58
CA THR C 543 -22.16 32.59 -5.09
C THR C 543 -23.18 32.45 -3.97
N PRO C 544 -23.40 33.50 -3.19
CA PRO C 544 -24.49 33.45 -2.20
C PRO C 544 -25.80 32.97 -2.81
N ALA C 545 -26.09 33.39 -4.03
CA ALA C 545 -27.27 32.90 -4.75
C ALA C 545 -27.25 31.38 -4.85
N THR C 546 -26.18 30.80 -5.40
CA THR C 546 -26.16 29.37 -5.66
C THR C 546 -26.17 28.53 -4.39
N LEU C 547 -25.76 29.10 -3.25
CA LEU C 547 -25.63 28.36 -2.00
C LEU C 547 -26.97 28.11 -1.30
N THR C 548 -28.09 28.47 -1.92
CA THR C 548 -29.39 28.17 -1.34
C THR C 548 -29.79 26.72 -1.51
N ARG C 549 -29.07 25.96 -2.34
CA ARG C 549 -29.33 24.55 -2.57
C ARG C 549 -28.02 23.77 -2.39
N GLU C 550 -28.15 22.48 -2.15
CA GLU C 550 -26.99 21.62 -1.90
C GLU C 550 -26.39 21.09 -3.19
N GLU C 551 -27.22 20.70 -4.15
CA GLU C 551 -26.75 20.17 -5.42
C GLU C 551 -26.45 21.29 -6.40
N HIS C 552 -25.34 21.16 -7.11
CA HIS C 552 -24.97 22.09 -8.17
C HIS C 552 -24.50 21.29 -9.39
N SER C 553 -24.71 21.85 -10.57
CA SER C 553 -24.45 21.16 -11.83
C SER C 553 -23.63 22.05 -12.74
N PHE C 554 -22.59 21.48 -13.34
CA PHE C 554 -21.69 22.20 -14.23
C PHE C 554 -21.50 21.36 -15.49
N ASP C 555 -21.80 21.94 -16.65
CA ASP C 555 -21.67 21.20 -17.90
C ASP C 555 -20.21 21.09 -18.30
N VAL C 556 -19.82 19.90 -18.74
CA VAL C 556 -18.46 19.67 -19.22
C VAL C 556 -18.49 18.86 -20.52
N THR C 557 -19.61 18.92 -21.23
CA THR C 557 -19.74 18.15 -22.47
C THR C 557 -18.58 18.43 -23.42
N LYS C 558 -18.22 19.70 -23.57
CA LYS C 558 -17.19 20.09 -24.53
C LYS C 558 -15.79 19.79 -24.03
N LEU C 559 -15.63 19.37 -22.77
CA LEU C 559 -14.32 19.17 -22.18
C LEU C 559 -13.98 17.70 -21.96
N VAL C 560 -14.94 16.79 -22.07
CA VAL C 560 -14.68 15.36 -21.92
C VAL C 560 -14.34 14.82 -23.32
N LYS C 561 -13.05 14.59 -23.56
CA LYS C 561 -12.59 14.10 -24.84
C LYS C 561 -11.89 12.75 -24.77
N ALA C 562 -11.58 12.25 -23.58
CA ALA C 562 -10.87 10.98 -23.49
C ALA C 562 -11.17 10.28 -22.17
N SER C 563 -10.97 8.97 -22.18
CA SER C 563 -10.97 8.13 -20.99
C SER C 563 -10.07 8.72 -19.92
N GLY C 564 -10.29 8.35 -18.65
CA GLY C 564 -9.32 8.58 -17.61
C GLY C 564 -9.77 9.56 -16.56
N LYS C 565 -8.79 9.97 -15.75
CA LYS C 565 -9.06 10.74 -14.53
C LYS C 565 -9.07 12.24 -14.83
N HIS C 566 -10.22 12.87 -14.61
CA HIS C 566 -10.34 14.32 -14.63
C HIS C 566 -10.43 14.80 -13.19
N THR C 567 -10.01 16.05 -12.97
CA THR C 567 -9.93 16.63 -11.63
C THR C 567 -10.79 17.89 -11.55
N VAL C 568 -11.68 17.92 -10.56
CA VAL C 568 -12.52 19.08 -10.27
C VAL C 568 -11.95 19.76 -9.04
N THR C 569 -11.70 21.07 -9.15
CA THR C 569 -11.18 21.87 -8.04
C THR C 569 -12.16 22.98 -7.73
N LEU C 570 -12.63 23.02 -6.50
CA LEU C 570 -13.51 24.09 -6.01
C LEU C 570 -12.66 25.05 -5.19
N LEU C 571 -12.40 26.23 -5.75
CA LEU C 571 -11.41 27.16 -5.20
C LEU C 571 -12.10 28.44 -4.75
N TYR C 572 -12.07 28.69 -3.45
CA TYR C 572 -12.64 29.90 -2.87
C TYR C 572 -11.89 31.13 -3.37
N ASP C 573 -12.64 32.20 -3.67
CA ASP C 573 -12.08 33.46 -4.14
C ASP C 573 -12.22 34.56 -3.10
N LYS C 574 -13.44 34.83 -2.64
CA LYS C 574 -13.71 35.90 -1.70
C LYS C 574 -15.00 35.58 -0.95
N GLY C 575 -15.36 36.47 -0.03
CA GLY C 575 -16.51 36.27 0.81
C GLY C 575 -16.12 35.92 2.23
N ALA C 576 -17.05 36.13 3.16
CA ALA C 576 -16.80 35.90 4.57
C ALA C 576 -16.95 34.43 4.97
N HIS C 577 -17.34 33.55 4.05
CA HIS C 577 -17.66 32.18 4.41
C HIS C 577 -17.02 31.18 3.45
N ALA C 578 -16.59 30.06 4.01
CA ALA C 578 -16.13 28.92 3.24
C ALA C 578 -17.32 28.09 2.78
N ILE C 579 -17.04 27.04 1.99
CA ILE C 579 -18.03 26.04 1.64
C ILE C 579 -17.52 24.69 2.14
N GLU C 580 -18.45 23.85 2.58
CA GLU C 580 -18.15 22.47 2.94
C GLU C 580 -18.64 21.56 1.82
N ILE C 581 -17.75 20.67 1.37
CA ILE C 581 -17.99 19.84 0.20
C ILE C 581 -18.11 18.40 0.65
N GLU C 582 -19.14 17.71 0.16
CA GLU C 582 -19.41 16.32 0.52
C GLU C 582 -19.09 15.34 -0.59
N SER C 583 -19.38 15.68 -1.83
CA SER C 583 -19.18 14.74 -2.93
C SER C 583 -19.20 15.50 -4.25
N VAL C 584 -18.55 14.89 -5.24
CA VAL C 584 -18.51 15.39 -6.61
C VAL C 584 -18.64 14.18 -7.51
N ALA C 585 -19.52 14.26 -8.51
CA ALA C 585 -19.79 13.11 -9.36
C ALA C 585 -19.84 13.55 -10.82
N LEU C 586 -19.57 12.58 -11.69
CA LEU C 586 -19.63 12.76 -13.13
C LEU C 586 -20.84 12.00 -13.66
N TYR C 587 -21.61 12.64 -14.53
CA TYR C 587 -22.82 12.05 -15.10
C TYR C 587 -22.70 12.01 -16.61
N GLU C 588 -23.04 10.87 -17.19
CA GLU C 588 -23.16 10.69 -18.63
C GLU C 588 -24.64 10.61 -18.92
N ASN C 589 -25.19 11.67 -19.52
CA ASN C 589 -26.64 11.86 -19.54
C ASN C 589 -27.14 11.79 -18.10
N SER C 590 -28.00 10.82 -17.76
CA SER C 590 -28.45 10.65 -16.38
C SER C 590 -27.65 9.59 -15.62
N ARG C 591 -26.81 8.83 -16.30
CA ARG C 591 -26.04 7.76 -15.67
C ARG C 591 -24.88 8.35 -14.90
N GLU C 592 -24.94 8.26 -13.57
CA GLU C 592 -23.75 8.51 -12.76
C GLU C 592 -22.71 7.44 -13.10
N VAL C 593 -21.52 7.88 -13.50
CA VAL C 593 -20.45 6.98 -13.91
C VAL C 593 -19.20 7.13 -13.07
N SER C 594 -19.18 8.07 -12.12
CA SER C 594 -18.02 8.23 -11.25
C SER C 594 -18.40 9.17 -10.13
N ARG C 595 -17.91 8.89 -8.92
CA ARG C 595 -18.27 9.64 -7.74
C ARG C 595 -17.10 9.64 -6.78
N ASP C 596 -16.61 10.83 -6.44
CA ASP C 596 -15.58 11.00 -5.42
C ASP C 596 -16.28 11.61 -4.20
N ALA C 597 -16.51 10.79 -3.18
CA ALA C 597 -17.19 11.19 -1.97
C ALA C 597 -16.16 11.30 -0.84
N HIS C 598 -15.86 12.52 -0.44
CA HIS C 598 -14.95 12.77 0.66
C HIS C 598 -15.18 14.21 1.13
N ALA C 599 -14.88 14.45 2.40
CA ALA C 599 -15.11 15.76 2.99
C ALA C 599 -14.03 16.75 2.56
N GLY C 600 -14.46 17.95 2.15
CA GLY C 600 -13.54 19.00 1.79
C GLY C 600 -14.06 20.34 2.25
N ARG C 601 -13.20 21.34 2.17
CA ARG C 601 -13.50 22.66 2.69
C ARG C 601 -12.66 23.68 1.93
N SER C 602 -13.30 24.76 1.48
CA SER C 602 -12.66 25.73 0.59
C SER C 602 -12.97 27.13 1.09
N GLY C 603 -12.01 27.74 1.78
CA GLY C 603 -12.16 29.09 2.29
C GLY C 603 -10.82 29.76 2.49
N ALA C 604 -10.70 30.56 3.55
CA ALA C 604 -9.41 31.17 3.86
C ALA C 604 -8.30 30.12 3.88
N HIS C 605 -8.59 28.94 4.44
CA HIS C 605 -7.74 27.78 4.25
C HIS C 605 -8.55 26.72 3.51
N LYS C 606 -7.83 25.85 2.78
CA LYS C 606 -8.42 24.93 1.83
C LYS C 606 -7.94 23.51 2.10
N GLU C 607 -8.88 22.55 2.11
CA GLU C 607 -8.59 21.15 2.35
C GLU C 607 -9.33 20.28 1.35
N ASN C 608 -8.62 19.33 0.74
CA ASN C 608 -9.23 18.28 -0.07
C ASN C 608 -10.25 18.85 -1.05
N ILE C 609 -9.93 20.00 -1.65
CA ILE C 609 -10.86 20.66 -2.57
C ILE C 609 -10.78 20.11 -3.98
N GLN C 610 -9.91 19.15 -4.24
CA GLN C 610 -9.81 18.52 -5.54
C GLN C 610 -10.52 17.17 -5.51
N TYR C 611 -11.35 16.93 -6.52
CA TYR C 611 -12.13 15.70 -6.62
C TYR C 611 -11.81 15.03 -7.94
N ILE C 612 -11.54 13.72 -7.88
CA ILE C 612 -11.04 12.95 -9.01
C ILE C 612 -12.18 12.12 -9.58
N LEU C 613 -12.39 12.23 -10.89
CA LEU C 613 -13.48 11.56 -11.58
C LEU C 613 -12.94 10.71 -12.72
N ASN C 614 -13.49 9.50 -12.87
CA ASN C 614 -13.09 8.57 -13.92
C ASN C 614 -14.02 8.76 -15.11
N ALA C 615 -13.53 9.41 -16.14
CA ALA C 615 -14.36 9.49 -17.34
C ALA C 615 -14.21 8.21 -18.16
N PRO C 616 -15.30 7.66 -18.68
CA PRO C 616 -15.17 6.64 -19.71
C PRO C 616 -14.74 7.27 -21.02
N ALA C 617 -14.36 6.41 -21.96
CA ALA C 617 -14.24 6.86 -23.34
C ALA C 617 -15.55 7.59 -23.69
N PRO C 618 -15.50 8.86 -24.06
CA PRO C 618 -16.75 9.61 -24.21
C PRO C 618 -17.66 9.03 -25.27
N ARG C 619 -18.96 9.06 -24.99
CA ARG C 619 -19.96 8.72 -25.98
C ARG C 619 -20.26 9.97 -26.81
N GLN C 620 -20.02 9.90 -28.12
CA GLN C 620 -20.29 11.03 -28.99
C GLN C 620 -21.73 11.49 -28.81
N GLY C 621 -21.90 12.81 -28.65
CA GLY C 621 -23.22 13.41 -28.61
C GLY C 621 -23.93 13.34 -27.28
N ALA C 622 -23.37 12.65 -26.29
CA ALA C 622 -23.96 12.66 -24.96
C ALA C 622 -23.56 13.94 -24.24
N THR C 623 -24.29 14.24 -23.17
CA THR C 623 -23.95 15.36 -22.32
C THR C 623 -23.26 14.83 -21.06
N TYR C 624 -22.20 15.50 -20.66
CA TYR C 624 -21.48 15.17 -19.43
C TYR C 624 -21.65 16.30 -18.43
N THR C 625 -21.99 15.93 -17.21
CA THR C 625 -22.36 16.89 -16.17
C THR C 625 -21.59 16.56 -14.90
N VAL C 626 -20.94 17.57 -14.34
CA VAL C 626 -20.31 17.45 -13.03
C VAL C 626 -21.32 17.92 -11.98
N LYS C 627 -21.67 17.03 -11.04
CA LYS C 627 -22.59 17.34 -9.97
C LYS C 627 -21.83 17.36 -8.65
N ALA C 628 -21.96 18.46 -7.91
CA ALA C 628 -21.19 18.68 -6.70
C ALA C 628 -22.11 19.01 -5.54
N ASN C 629 -21.95 18.30 -4.43
CA ASN C 629 -22.68 18.57 -3.20
C ASN C 629 -21.83 19.48 -2.32
N PHE C 630 -22.30 20.70 -2.09
CA PHE C 630 -21.65 21.56 -1.11
C PHE C 630 -22.61 22.64 -0.65
N LYS C 631 -22.33 23.15 0.54
CA LYS C 631 -23.15 24.17 1.18
C LYS C 631 -22.24 25.17 1.86
N GLY C 632 -22.82 26.22 2.42
CA GLY C 632 -22.03 27.24 3.09
C GLY C 632 -21.64 26.83 4.49
N ALA C 633 -20.48 27.33 4.92
CA ALA C 633 -19.94 27.05 6.25
C ALA C 633 -20.15 28.27 7.13
N GLY C 634 -21.12 28.18 8.04
CA GLY C 634 -21.43 29.30 8.90
C GLY C 634 -22.15 30.45 8.23
N GLY C 635 -22.51 30.31 6.96
CA GLY C 635 -23.16 31.38 6.25
C GLY C 635 -23.09 31.11 4.75
N ARG C 636 -23.41 32.15 3.98
CA ARG C 636 -23.49 32.00 2.53
C ARG C 636 -22.83 33.14 1.77
N ASP C 637 -22.08 34.02 2.44
CA ASP C 637 -21.25 35.02 1.77
C ASP C 637 -19.98 34.34 1.26
N SER C 638 -20.13 33.58 0.18
CA SER C 638 -19.03 32.81 -0.39
C SER C 638 -19.07 32.92 -1.91
N HIS C 639 -17.90 33.14 -2.51
CA HIS C 639 -17.72 33.16 -3.95
C HIS C 639 -16.57 32.25 -4.32
N GLY C 640 -16.74 31.48 -5.40
CA GLY C 640 -15.68 30.57 -5.82
C GLY C 640 -15.76 30.22 -7.29
N THR C 641 -14.68 29.58 -7.76
CA THR C 641 -14.54 29.16 -9.14
C THR C 641 -14.29 27.65 -9.18
N VAL C 642 -14.98 26.97 -10.08
CA VAL C 642 -14.88 25.52 -10.22
C VAL C 642 -14.07 25.22 -11.48
N TYR C 643 -12.94 24.54 -11.31
CA TYR C 643 -12.00 24.25 -12.37
C TYR C 643 -12.07 22.77 -12.76
N PHE C 644 -11.68 22.48 -14.00
CA PHE C 644 -11.79 21.14 -14.57
C PHE C 644 -10.52 20.83 -15.35
N GLU C 645 -9.79 19.80 -14.91
CA GLU C 645 -8.53 19.39 -15.51
C GLU C 645 -8.68 18.00 -16.14
N THR C 646 -8.11 17.83 -17.33
CA THR C 646 -8.14 16.55 -18.04
C THR C 646 -6.93 15.73 -17.68
N PRO C 647 -6.87 14.45 -18.13
CA PRO C 647 -5.77 13.60 -17.68
C PRO C 647 -4.41 14.03 -18.23
#